data_2A3J
#
_entry.id   2A3J
#
_entity_poly.entity_id   1
_entity_poly.type   'polypeptide(L)'
_entity_poly.pdbx_seq_one_letter_code
;MKETAAAKFERQHMDSPDLGSTPPHTEPSQVVLITNINPEVPKEKLQALLYALASSQGDILDIVVDLSDDNSGKAYIVFA
TQESAQAFVEAFQGYPFQGNPLVITFSETPQSQVAEDGSLEHHHHHH
;
_entity_poly.pdbx_strand_id   A
#
# COMPACT_ATOMS: atom_id res chain seq x y z
N THR A 22 5.40 1.48 22.13
CA THR A 22 6.84 1.39 21.95
C THR A 22 7.22 1.50 20.48
N PRO A 23 7.12 2.72 19.93
CA PRO A 23 7.46 2.99 18.53
C PRO A 23 8.95 2.87 18.25
N PRO A 24 9.32 1.84 17.47
CA PRO A 24 10.73 1.60 17.11
C PRO A 24 11.27 2.65 16.16
N HIS A 25 10.43 3.12 15.25
CA HIS A 25 10.83 4.13 14.28
C HIS A 25 11.97 3.62 13.40
N THR A 26 11.63 3.07 12.25
CA THR A 26 12.61 2.55 11.32
C THR A 26 12.60 3.31 10.00
N GLU A 27 13.14 4.53 10.02
CA GLU A 27 13.19 5.37 8.83
C GLU A 27 11.78 5.71 8.35
N PRO A 28 11.65 6.84 7.65
CA PRO A 28 10.36 7.32 7.13
C PRO A 28 9.86 6.44 5.98
N SER A 29 8.54 6.46 5.77
CA SER A 29 7.94 5.67 4.71
C SER A 29 6.54 6.20 4.37
N GLN A 30 6.46 6.96 3.29
CA GLN A 30 5.19 7.53 2.85
C GLN A 30 4.49 6.62 1.85
N VAL A 31 4.95 5.37 1.77
CA VAL A 31 4.38 4.40 0.85
C VAL A 31 4.23 3.03 1.52
N VAL A 32 3.22 2.28 1.09
CA VAL A 32 2.98 0.95 1.65
C VAL A 32 2.89 -0.09 0.55
N LEU A 33 3.45 -1.28 0.80
CA LEU A 33 3.43 -2.36 -0.16
C LEU A 33 2.46 -3.46 0.26
N ILE A 34 1.47 -3.73 -0.57
CA ILE A 34 0.48 -4.76 -0.27
C ILE A 34 0.68 -5.97 -1.18
N THR A 35 0.36 -7.16 -0.65
CA THR A 35 0.48 -8.39 -1.41
C THR A 35 -0.66 -9.35 -1.10
N ASN A 36 -0.58 -10.55 -1.67
CA ASN A 36 -1.61 -11.57 -1.44
C ASN A 36 -2.98 -11.06 -1.91
N ILE A 37 -2.98 -10.37 -3.05
CA ILE A 37 -4.22 -9.84 -3.61
C ILE A 37 -4.64 -10.61 -4.84
N ASN A 38 -5.93 -10.93 -4.93
CA ASN A 38 -6.46 -11.68 -6.06
C ASN A 38 -6.40 -10.85 -7.34
N PRO A 39 -5.56 -11.29 -8.30
CA PRO A 39 -5.40 -10.60 -9.58
C PRO A 39 -6.63 -10.71 -10.46
N GLU A 40 -7.59 -11.53 -10.04
CA GLU A 40 -8.82 -11.72 -10.79
C GLU A 40 -9.47 -10.38 -11.13
N VAL A 41 -9.24 -9.39 -10.29
CA VAL A 41 -9.79 -8.06 -10.50
C VAL A 41 -8.78 -7.14 -11.18
N PRO A 42 -9.23 -6.40 -12.20
CA PRO A 42 -8.38 -5.47 -12.94
C PRO A 42 -8.00 -4.25 -12.11
N LYS A 43 -6.79 -3.73 -12.36
CA LYS A 43 -6.30 -2.57 -11.63
C LYS A 43 -7.35 -1.45 -11.60
N GLU A 44 -8.10 -1.34 -12.70
CA GLU A 44 -9.14 -0.31 -12.80
C GLU A 44 -10.09 -0.39 -11.60
N LYS A 45 -10.60 -1.58 -11.34
CA LYS A 45 -11.53 -1.78 -10.23
C LYS A 45 -10.76 -1.94 -8.91
N LEU A 46 -9.73 -2.78 -8.92
CA LEU A 46 -8.92 -3.01 -7.73
C LEU A 46 -8.44 -1.69 -7.14
N GLN A 47 -7.71 -0.92 -7.93
CA GLN A 47 -7.19 0.37 -7.47
C GLN A 47 -8.30 1.21 -6.85
N ALA A 48 -9.44 1.28 -7.54
CA ALA A 48 -10.57 2.06 -7.06
C ALA A 48 -10.91 1.70 -5.62
N LEU A 49 -10.82 0.41 -5.30
CA LEU A 49 -11.11 -0.06 -3.95
C LEU A 49 -10.01 0.33 -2.97
N LEU A 50 -8.77 0.10 -3.38
CA LEU A 50 -7.61 0.44 -2.54
C LEU A 50 -7.66 1.91 -2.12
N TYR A 51 -8.18 2.76 -3.00
CA TYR A 51 -8.28 4.18 -2.72
C TYR A 51 -9.37 4.47 -1.71
N ALA A 52 -10.55 3.88 -1.93
CA ALA A 52 -11.69 4.07 -1.04
C ALA A 52 -11.30 3.78 0.41
N LEU A 53 -10.68 2.62 0.63
CA LEU A 53 -10.26 2.23 1.97
C LEU A 53 -9.15 3.14 2.47
N ALA A 54 -8.19 3.44 1.60
CA ALA A 54 -7.06 4.30 1.96
C ALA A 54 -7.56 5.65 2.47
N SER A 55 -8.40 6.31 1.68
CA SER A 55 -8.93 7.62 2.06
C SER A 55 -9.64 7.54 3.41
N SER A 56 -10.24 6.39 3.70
CA SER A 56 -10.94 6.20 4.95
C SER A 56 -10.02 6.43 6.15
N GLN A 57 -8.72 6.27 5.92
CA GLN A 57 -7.73 6.47 6.97
C GLN A 57 -6.90 7.72 6.71
N GLY A 58 -5.98 7.62 5.76
CA GLY A 58 -5.13 8.75 5.42
C GLY A 58 -5.27 9.17 3.98
N ASP A 59 -4.71 10.33 3.65
CA ASP A 59 -4.78 10.85 2.28
C ASP A 59 -3.84 10.08 1.36
N ILE A 60 -4.26 9.90 0.11
CA ILE A 60 -3.45 9.18 -0.87
C ILE A 60 -2.85 10.13 -1.89
N LEU A 61 -1.56 9.97 -2.16
CA LEU A 61 -0.86 10.80 -3.12
C LEU A 61 -0.75 10.11 -4.48
N ASP A 62 -0.78 8.78 -4.46
CA ASP A 62 -0.69 8.00 -5.68
C ASP A 62 -0.76 6.50 -5.38
N ILE A 63 -1.70 5.81 -6.02
CA ILE A 63 -1.86 4.38 -5.81
C ILE A 63 -1.31 3.60 -6.99
N VAL A 64 -0.22 2.87 -6.75
CA VAL A 64 0.40 2.06 -7.79
C VAL A 64 -0.03 0.60 -7.70
N VAL A 65 -0.13 -0.05 -8.86
CA VAL A 65 -0.53 -1.46 -8.90
C VAL A 65 0.26 -2.21 -9.95
N ASP A 66 0.70 -3.43 -9.61
CA ASP A 66 1.47 -4.25 -10.52
C ASP A 66 0.64 -4.60 -11.76
N LEU A 67 1.11 -5.60 -12.51
CA LEU A 67 0.42 -6.02 -13.72
C LEU A 67 -0.58 -7.14 -13.43
N SER A 68 -0.96 -7.26 -12.16
CA SER A 68 -1.90 -8.29 -11.74
C SER A 68 -1.48 -9.65 -12.28
N ASP A 69 -0.28 -10.09 -11.93
CA ASP A 69 0.23 -11.38 -12.38
C ASP A 69 -0.67 -12.52 -11.90
N ASP A 70 -0.20 -13.74 -12.07
CA ASP A 70 -0.95 -14.93 -11.66
C ASP A 70 -0.35 -15.56 -10.42
N ASN A 71 0.92 -15.24 -10.15
CA ASN A 71 1.61 -15.77 -8.99
C ASN A 71 2.12 -14.65 -8.09
N SER A 72 2.01 -13.41 -8.57
CA SER A 72 2.46 -12.26 -7.81
C SER A 72 1.28 -11.55 -7.16
N GLY A 73 0.50 -10.85 -7.97
CA GLY A 73 -0.65 -10.13 -7.46
C GLY A 73 -0.31 -9.26 -6.26
N LYS A 74 0.09 -8.02 -6.53
CA LYS A 74 0.45 -7.09 -5.47
C LYS A 74 0.26 -5.65 -5.92
N ALA A 75 0.56 -4.70 -5.04
CA ALA A 75 0.42 -3.28 -5.36
C ALA A 75 1.07 -2.42 -4.28
N TYR A 76 1.00 -1.11 -4.46
CA TYR A 76 1.57 -0.18 -3.50
C TYR A 76 0.71 1.08 -3.37
N ILE A 77 0.36 1.42 -2.15
CA ILE A 77 -0.47 2.60 -1.88
C ILE A 77 0.35 3.70 -1.22
N VAL A 78 0.55 4.80 -1.95
CA VAL A 78 1.32 5.93 -1.42
C VAL A 78 0.42 6.87 -0.64
N PHE A 79 0.81 7.15 0.61
CA PHE A 79 0.04 8.04 1.47
C PHE A 79 0.77 9.36 1.67
N ALA A 80 0.15 10.26 2.42
CA ALA A 80 0.74 11.58 2.69
C ALA A 80 2.03 11.44 3.48
N THR A 81 2.05 10.52 4.45
CA THR A 81 3.23 10.29 5.27
C THR A 81 3.09 9.01 6.08
N GLN A 82 4.20 8.59 6.70
CA GLN A 82 4.20 7.38 7.50
C GLN A 82 3.08 7.40 8.53
N GLU A 83 2.70 8.60 8.97
CA GLU A 83 1.63 8.75 9.95
C GLU A 83 0.32 8.15 9.44
N SER A 84 -0.05 8.53 8.23
CA SER A 84 -1.28 8.03 7.62
C SER A 84 -1.12 6.57 7.20
N ALA A 85 -0.01 6.26 6.55
CA ALA A 85 0.26 4.90 6.10
C ALA A 85 0.12 3.90 7.24
N GLN A 86 0.87 4.13 8.31
CA GLN A 86 0.83 3.25 9.47
C GLN A 86 -0.58 3.14 10.03
N ALA A 87 -1.34 4.23 9.93
CA ALA A 87 -2.71 4.25 10.42
C ALA A 87 -3.59 3.29 9.63
N PHE A 88 -3.46 3.32 8.31
CA PHE A 88 -4.25 2.45 7.45
C PHE A 88 -3.73 1.02 7.50
N VAL A 89 -2.41 0.88 7.60
CA VAL A 89 -1.80 -0.44 7.66
C VAL A 89 -2.23 -1.20 8.91
N GLU A 90 -2.28 -0.48 10.04
CA GLU A 90 -2.68 -1.08 11.31
C GLU A 90 -4.20 -1.16 11.42
N ALA A 91 -4.89 -0.29 10.69
CA ALA A 91 -6.34 -0.26 10.70
C ALA A 91 -6.93 -1.41 9.88
N PHE A 92 -6.13 -1.92 8.95
CA PHE A 92 -6.56 -3.03 8.10
C PHE A 92 -5.58 -4.20 8.20
N GLN A 93 -4.63 -4.10 9.11
CA GLN A 93 -3.64 -5.15 9.29
C GLN A 93 -4.31 -6.52 9.38
N GLY A 94 -5.50 -6.56 9.95
CA GLY A 94 -6.22 -7.81 10.09
C GLY A 94 -7.69 -7.68 9.69
N TYR A 95 -7.93 -7.41 8.42
CA TYR A 95 -9.28 -7.27 7.91
C TYR A 95 -9.46 -7.98 6.58
N PRO A 96 -10.58 -8.71 6.44
CA PRO A 96 -10.89 -9.47 5.23
C PRO A 96 -11.22 -8.57 4.06
N PHE A 97 -10.29 -8.46 3.11
CA PHE A 97 -10.49 -7.62 1.93
C PHE A 97 -10.31 -8.43 0.65
N GLN A 98 -11.27 -8.31 -0.26
CA GLN A 98 -11.21 -9.03 -1.52
C GLN A 98 -11.10 -10.54 -1.29
N GLY A 99 -11.55 -10.99 -0.12
CA GLY A 99 -11.48 -12.40 0.21
C GLY A 99 -11.36 -12.65 1.70
N ASN A 100 -10.17 -12.39 2.23
CA ASN A 100 -9.91 -12.58 3.65
C ASN A 100 -8.46 -12.26 4.00
N PRO A 101 -7.53 -12.98 3.36
CA PRO A 101 -6.09 -12.79 3.58
C PRO A 101 -5.59 -11.47 3.01
N LEU A 102 -5.57 -10.44 3.86
CA LEU A 102 -5.12 -9.11 3.45
C LEU A 102 -3.88 -8.70 4.23
N VAL A 103 -2.79 -8.45 3.51
CA VAL A 103 -1.54 -8.04 4.14
C VAL A 103 -1.19 -6.60 3.79
N ILE A 104 -0.77 -5.84 4.79
CA ILE A 104 -0.41 -4.44 4.58
C ILE A 104 0.85 -4.08 5.37
N THR A 105 1.86 -3.58 4.66
CA THR A 105 3.12 -3.19 5.28
C THR A 105 3.71 -1.96 4.60
N PHE A 106 4.73 -1.38 5.24
CA PHE A 106 5.38 -0.19 4.70
C PHE A 106 6.37 -0.58 3.59
N SER A 107 7.18 0.38 3.16
CA SER A 107 8.17 0.15 2.12
C SER A 107 9.35 1.10 2.26
N GLU A 108 10.23 1.08 1.27
CA GLU A 108 11.41 1.94 1.29
C GLU A 108 11.27 3.08 0.28
N THR A 109 11.81 4.24 0.63
CA THR A 109 11.74 5.41 -0.24
C THR A 109 13.09 6.13 -0.31
N PRO A 110 14.05 5.50 -1.00
CA PRO A 110 15.39 6.06 -1.16
C PRO A 110 15.41 7.29 -2.07
N GLN A 111 16.58 7.91 -2.20
CA GLN A 111 16.73 9.10 -3.03
C GLN A 111 18.16 9.24 -3.52
N SER A 112 18.77 8.12 -3.91
CA SER A 112 20.14 8.12 -4.39
C SER A 112 20.18 8.33 -5.91
N GLN A 113 19.10 7.93 -6.58
CA GLN A 113 19.02 8.07 -8.03
C GLN A 113 19.27 9.52 -8.45
N VAL A 114 18.93 10.45 -7.57
CA VAL A 114 19.13 11.86 -7.86
C VAL A 114 20.43 12.38 -7.25
N ALA A 115 20.82 11.79 -6.13
CA ALA A 115 22.05 12.19 -5.45
C ALA A 115 23.25 12.06 -6.37
N GLU A 116 23.35 10.93 -7.06
CA GLU A 116 24.45 10.68 -7.98
C GLU A 116 24.44 11.69 -9.12
N ASP A 117 23.25 12.09 -9.54
CA ASP A 117 23.11 13.06 -10.63
C ASP A 117 21.69 13.62 -10.66
N THR A 22 12.08 -6.09 17.09
CA THR A 22 12.27 -4.68 17.41
C THR A 22 12.94 -3.94 16.26
N PRO A 23 12.21 -3.79 15.14
CA PRO A 23 12.70 -3.09 13.96
C PRO A 23 12.86 -1.59 14.18
N PRO A 24 14.11 -1.13 14.19
CA PRO A 24 14.43 0.30 14.39
C PRO A 24 14.01 1.15 13.21
N HIS A 25 13.51 2.35 13.49
CA HIS A 25 13.07 3.27 12.44
C HIS A 25 14.05 4.43 12.30
N THR A 26 14.29 4.85 11.06
CA THR A 26 15.20 5.96 10.79
C THR A 26 14.52 7.05 9.97
N GLU A 27 14.01 6.67 8.80
CA GLU A 27 13.34 7.62 7.92
C GLU A 27 11.85 7.30 7.81
N PRO A 28 11.04 8.33 7.53
CA PRO A 28 9.59 8.17 7.39
C PRO A 28 9.21 7.40 6.14
N SER A 29 7.90 7.27 5.90
CA SER A 29 7.40 6.55 4.73
C SER A 29 5.96 6.95 4.43
N GLN A 30 5.78 7.68 3.33
CA GLN A 30 4.46 8.13 2.92
C GLN A 30 3.85 7.15 1.92
N VAL A 31 4.35 5.93 1.90
CA VAL A 31 3.86 4.91 0.97
C VAL A 31 3.74 3.55 1.67
N VAL A 32 2.76 2.76 1.23
CA VAL A 32 2.54 1.44 1.82
C VAL A 32 2.54 0.36 0.74
N LEU A 33 3.11 -0.79 1.07
CA LEU A 33 3.17 -1.91 0.13
C LEU A 33 2.23 -3.03 0.56
N ILE A 34 1.27 -3.35 -0.30
CA ILE A 34 0.31 -4.41 -0.02
C ILE A 34 0.59 -5.64 -0.86
N THR A 35 0.28 -6.81 -0.31
CA THR A 35 0.50 -8.07 -1.01
C THR A 35 -0.60 -9.07 -0.69
N ASN A 36 -0.46 -10.30 -1.20
CA ASN A 36 -1.44 -11.35 -0.96
C ASN A 36 -2.80 -10.95 -1.52
N ILE A 37 -2.79 -10.31 -2.68
CA ILE A 37 -4.03 -9.87 -3.32
C ILE A 37 -4.34 -10.72 -4.54
N ASN A 38 -5.63 -10.96 -4.78
CA ASN A 38 -6.06 -11.76 -5.93
C ASN A 38 -5.99 -10.95 -7.22
N PRO A 39 -5.10 -11.35 -8.12
CA PRO A 39 -4.91 -10.69 -9.41
C PRO A 39 -6.09 -10.88 -10.35
N GLU A 40 -7.03 -11.74 -9.94
CA GLU A 40 -8.21 -12.02 -10.75
C GLU A 40 -8.91 -10.72 -11.15
N VAL A 41 -8.77 -9.69 -10.31
CA VAL A 41 -9.39 -8.40 -10.58
C VAL A 41 -8.40 -7.45 -11.25
N PRO A 42 -8.86 -6.76 -12.30
CA PRO A 42 -8.03 -5.81 -13.04
C PRO A 42 -7.72 -4.55 -12.24
N LYS A 43 -6.54 -3.99 -12.45
CA LYS A 43 -6.12 -2.79 -11.75
C LYS A 43 -7.21 -1.72 -11.80
N GLU A 44 -7.92 -1.66 -12.91
CA GLU A 44 -9.00 -0.69 -13.08
C GLU A 44 -9.99 -0.76 -11.92
N LYS A 45 -10.47 -1.97 -11.64
CA LYS A 45 -11.42 -2.18 -10.56
C LYS A 45 -10.71 -2.26 -9.21
N LEU A 46 -9.64 -3.05 -9.16
CA LEU A 46 -8.87 -3.22 -7.93
C LEU A 46 -8.47 -1.87 -7.35
N GLN A 47 -7.73 -1.08 -8.15
CA GLN A 47 -7.30 0.23 -7.71
C GLN A 47 -8.45 1.04 -7.15
N ALA A 48 -9.57 1.05 -7.87
CA ALA A 48 -10.75 1.78 -7.45
C ALA A 48 -11.12 1.45 -6.01
N LEU A 49 -10.99 0.18 -5.64
CA LEU A 49 -11.30 -0.28 -4.29
C LEU A 49 -10.25 0.19 -3.30
N LEU A 50 -8.98 0.00 -3.66
CA LEU A 50 -7.87 0.40 -2.80
C LEU A 50 -7.97 1.88 -2.43
N TYR A 51 -8.51 2.68 -3.36
CA TYR A 51 -8.66 4.11 -3.13
C TYR A 51 -9.79 4.38 -2.14
N ALA A 52 -10.93 3.73 -2.35
CA ALA A 52 -12.08 3.90 -1.48
C ALA A 52 -11.71 3.68 -0.02
N LEU A 53 -11.09 2.53 0.26
CA LEU A 53 -10.68 2.20 1.61
C LEU A 53 -9.61 3.17 2.12
N ALA A 54 -8.65 3.47 1.25
CA ALA A 54 -7.56 4.38 1.60
C ALA A 54 -8.12 5.73 2.05
N SER A 55 -8.97 6.32 1.23
CA SER A 55 -9.56 7.62 1.54
C SER A 55 -10.33 7.56 2.87
N SER A 56 -10.92 6.41 3.15
CA SER A 56 -11.69 6.22 4.38
C SER A 56 -10.83 6.52 5.59
N GLN A 57 -9.51 6.39 5.44
CA GLN A 57 -8.58 6.65 6.53
C GLN A 57 -7.79 7.92 6.29
N GLY A 58 -6.87 7.88 5.34
CA GLY A 58 -6.06 9.05 5.03
C GLY A 58 -6.16 9.44 3.57
N ASP A 59 -5.55 10.57 3.22
CA ASP A 59 -5.57 11.07 1.85
C ASP A 59 -4.58 10.29 0.99
N ILE A 60 -4.93 10.09 -0.27
CA ILE A 60 -4.07 9.37 -1.20
C ILE A 60 -3.46 10.31 -2.23
N LEU A 61 -2.16 10.18 -2.46
CA LEU A 61 -1.46 11.01 -3.42
C LEU A 61 -1.27 10.29 -4.74
N ASP A 62 -1.25 8.96 -4.69
CA ASP A 62 -1.08 8.14 -5.88
C ASP A 62 -1.10 6.65 -5.53
N ILE A 63 -1.99 5.91 -6.17
CA ILE A 63 -2.11 4.48 -5.92
C ILE A 63 -1.48 3.68 -7.05
N VAL A 64 -0.37 3.01 -6.75
CA VAL A 64 0.32 2.20 -7.74
C VAL A 64 -0.07 0.72 -7.63
N VAL A 65 -0.10 0.04 -8.76
CA VAL A 65 -0.46 -1.38 -8.78
C VAL A 65 0.41 -2.15 -9.77
N ASP A 66 0.88 -3.32 -9.35
CA ASP A 66 1.72 -4.15 -10.19
C ASP A 66 0.98 -4.58 -11.46
N LEU A 67 1.51 -5.60 -12.13
CA LEU A 67 0.90 -6.10 -13.35
C LEU A 67 -0.07 -7.23 -13.05
N SER A 68 -0.44 -7.36 -11.78
CA SER A 68 -1.36 -8.40 -11.35
C SER A 68 -0.92 -9.77 -11.87
N ASP A 69 0.30 -10.16 -11.50
CA ASP A 69 0.85 -11.45 -11.92
C ASP A 69 -0.02 -12.59 -11.40
N ASP A 70 0.50 -13.82 -11.53
CA ASP A 70 -0.23 -15.00 -11.08
C ASP A 70 0.38 -15.54 -9.79
N ASN A 71 1.62 -15.15 -9.51
CA ASN A 71 2.31 -15.60 -8.31
C ASN A 71 2.72 -14.41 -7.44
N SER A 72 2.58 -13.21 -7.99
CA SER A 72 2.94 -11.99 -7.27
C SER A 72 1.70 -11.33 -6.66
N GLY A 73 0.89 -10.72 -7.52
CA GLY A 73 -0.32 -10.06 -7.04
C GLY A 73 -0.05 -9.15 -5.86
N LYS A 74 0.31 -7.90 -6.16
CA LYS A 74 0.60 -6.92 -5.11
C LYS A 74 0.38 -5.50 -5.63
N ALA A 75 0.61 -4.52 -4.76
CA ALA A 75 0.44 -3.12 -5.14
C ALA A 75 1.00 -2.19 -4.07
N TYR A 76 0.90 -0.89 -4.31
CA TYR A 76 1.41 0.10 -3.35
C TYR A 76 0.50 1.33 -3.31
N ILE A 77 0.08 1.69 -2.11
CA ILE A 77 -0.79 2.85 -1.92
C ILE A 77 -0.04 4.01 -1.26
N VAL A 78 0.16 5.08 -2.02
CA VAL A 78 0.86 6.25 -1.50
C VAL A 78 -0.10 7.20 -0.80
N PHE A 79 0.22 7.54 0.45
CA PHE A 79 -0.62 8.43 1.23
C PHE A 79 0.06 9.79 1.43
N ALA A 80 -0.64 10.70 2.08
CA ALA A 80 -0.09 12.04 2.33
C ALA A 80 1.18 11.96 3.18
N THR A 81 1.15 11.11 4.20
CA THR A 81 2.30 10.95 5.08
C THR A 81 2.18 9.67 5.91
N GLN A 82 3.27 9.30 6.58
CA GLN A 82 3.28 8.09 7.40
C GLN A 82 2.14 8.11 8.41
N GLU A 83 1.72 9.31 8.79
CA GLU A 83 0.63 9.47 9.75
C GLU A 83 -0.65 8.79 9.25
N SER A 84 -1.05 9.14 8.03
CA SER A 84 -2.26 8.57 7.44
C SER A 84 -2.02 7.12 7.02
N ALA A 85 -0.89 6.88 6.35
CA ALA A 85 -0.55 5.54 5.89
C ALA A 85 -0.60 4.54 7.04
N GLN A 86 0.15 4.82 8.09
CA GLN A 86 0.18 3.94 9.26
C GLN A 86 -1.22 3.69 9.79
N ALA A 87 -2.05 4.73 9.78
CA ALA A 87 -3.43 4.62 10.26
C ALA A 87 -4.21 3.58 9.46
N PHE A 88 -4.15 3.71 8.14
CA PHE A 88 -4.86 2.78 7.25
C PHE A 88 -4.27 1.37 7.35
N VAL A 89 -2.98 1.30 7.62
CA VAL A 89 -2.29 0.02 7.74
C VAL A 89 -2.78 -0.74 8.98
N GLU A 90 -2.87 -0.04 10.09
CA GLU A 90 -3.32 -0.65 11.35
C GLU A 90 -4.85 -0.75 11.38
N ALA A 91 -5.50 0.10 10.59
CA ALA A 91 -6.97 0.12 10.54
C ALA A 91 -7.49 -1.07 9.74
N PHE A 92 -6.65 -1.61 8.87
CA PHE A 92 -7.04 -2.75 8.04
C PHE A 92 -6.06 -3.90 8.20
N GLN A 93 -5.12 -3.74 9.12
CA GLN A 93 -4.11 -4.77 9.37
C GLN A 93 -4.76 -6.14 9.52
N GLY A 94 -5.96 -6.17 10.09
CA GLY A 94 -6.66 -7.42 10.28
C GLY A 94 -8.11 -7.34 9.84
N TYR A 95 -8.32 -7.10 8.55
CA TYR A 95 -9.67 -7.00 8.01
C TYR A 95 -9.80 -7.81 6.72
N PRO A 96 -10.91 -8.55 6.59
CA PRO A 96 -11.18 -9.37 5.41
C PRO A 96 -11.47 -8.54 4.17
N PHE A 97 -10.49 -8.46 3.28
CA PHE A 97 -10.64 -7.70 2.04
C PHE A 97 -10.21 -8.53 0.84
N GLN A 98 -10.88 -8.30 -0.30
CA GLN A 98 -10.57 -9.03 -1.52
C GLN A 98 -10.67 -10.53 -1.30
N GLY A 99 -11.47 -10.94 -0.31
CA GLY A 99 -11.63 -12.35 -0.01
C GLY A 99 -11.53 -12.64 1.47
N ASN A 100 -10.37 -12.36 2.04
CA ASN A 100 -10.14 -12.60 3.46
C ASN A 100 -8.73 -12.20 3.87
N PRO A 101 -7.73 -12.85 3.25
CA PRO A 101 -6.31 -12.58 3.53
C PRO A 101 -5.88 -11.21 3.01
N LEU A 102 -5.73 -10.26 3.92
CA LEU A 102 -5.32 -8.90 3.56
C LEU A 102 -4.11 -8.46 4.40
N VAL A 103 -3.04 -8.06 3.72
CA VAL A 103 -1.83 -7.60 4.40
C VAL A 103 -1.50 -6.16 4.01
N ILE A 104 -1.14 -5.36 5.01
CA ILE A 104 -0.80 -3.96 4.77
C ILE A 104 0.43 -3.56 5.58
N THR A 105 1.46 -3.06 4.89
CA THR A 105 2.69 -2.63 5.55
C THR A 105 3.29 -1.41 4.85
N PHE A 106 4.32 -0.85 5.46
CA PHE A 106 4.99 0.33 4.90
C PHE A 106 6.03 -0.09 3.86
N SER A 107 6.82 0.88 3.41
CA SER A 107 7.84 0.63 2.40
C SER A 107 8.98 1.63 2.53
N GLU A 108 9.91 1.59 1.57
CA GLU A 108 11.05 2.50 1.57
C GLU A 108 10.84 3.64 0.58
N THR A 109 11.33 4.82 0.93
CA THR A 109 11.20 5.99 0.08
C THR A 109 12.54 6.70 -0.10
N PRO A 110 13.45 6.08 -0.86
CA PRO A 110 14.78 6.64 -1.12
C PRO A 110 14.73 7.87 -2.02
N GLN A 111 15.89 8.45 -2.27
CA GLN A 111 15.97 9.65 -3.11
C GLN A 111 17.43 10.05 -3.34
N SER A 112 18.13 10.38 -2.25
CA SER A 112 19.52 10.78 -2.34
C SER A 112 20.45 9.59 -2.16
N GLN A 113 20.03 8.64 -1.33
CA GLN A 113 20.82 7.44 -1.08
C GLN A 113 21.12 6.69 -2.38
N VAL A 114 20.25 6.87 -3.37
CA VAL A 114 20.42 6.22 -4.66
C VAL A 114 21.81 6.49 -5.23
N ALA A 115 22.37 5.50 -5.91
CA ALA A 115 23.69 5.63 -6.51
C ALA A 115 23.77 6.85 -7.42
N GLU A 116 22.62 7.21 -8.02
CA GLU A 116 22.56 8.36 -8.91
C GLU A 116 23.14 9.60 -8.25
N ASP A 117 22.99 9.69 -6.93
CA ASP A 117 23.49 10.83 -6.18
C ASP A 117 23.90 10.41 -4.77
N THR A 22 8.44 -3.57 17.77
CA THR A 22 8.90 -2.19 17.66
C THR A 22 10.08 -2.09 16.69
N PRO A 23 9.80 -2.25 15.39
CA PRO A 23 10.83 -2.18 14.35
C PRO A 23 11.36 -0.76 14.16
N PRO A 24 12.63 -0.56 14.52
CA PRO A 24 13.29 0.74 14.40
C PRO A 24 13.54 1.14 12.95
N HIS A 25 12.93 2.24 12.53
CA HIS A 25 13.09 2.73 11.16
C HIS A 25 14.00 3.95 11.11
N THR A 26 15.03 3.88 10.28
CA THR A 26 15.98 4.98 10.14
C THR A 26 15.40 6.10 9.30
N GLU A 27 14.54 5.75 8.35
CA GLU A 27 13.92 6.73 7.47
C GLU A 27 12.41 6.54 7.42
N PRO A 28 11.68 7.60 7.07
CA PRO A 28 10.21 7.57 6.96
C PRO A 28 9.72 6.72 5.80
N SER A 29 8.41 6.60 5.67
CA SER A 29 7.81 5.81 4.60
C SER A 29 6.40 6.28 4.30
N GLN A 30 6.24 7.01 3.21
CA GLN A 30 4.94 7.53 2.81
C GLN A 30 4.26 6.60 1.81
N VAL A 31 4.72 5.34 1.79
CA VAL A 31 4.16 4.35 0.88
C VAL A 31 3.99 3.00 1.58
N VAL A 32 2.94 2.27 1.20
CA VAL A 32 2.67 0.97 1.79
C VAL A 32 2.60 -0.12 0.72
N LEU A 33 3.14 -1.29 1.03
CA LEU A 33 3.14 -2.41 0.09
C LEU A 33 2.16 -3.49 0.54
N ILE A 34 1.17 -3.77 -0.31
CA ILE A 34 0.17 -4.78 0.00
C ILE A 34 0.37 -6.03 -0.85
N THR A 35 0.03 -7.18 -0.28
CA THR A 35 0.17 -8.45 -0.99
C THR A 35 -0.97 -9.40 -0.64
N ASN A 36 -0.87 -10.63 -1.13
CA ASN A 36 -1.90 -11.65 -0.88
C ASN A 36 -3.22 -11.26 -1.53
N ILE A 37 -3.13 -10.46 -2.59
CA ILE A 37 -4.33 -10.02 -3.30
C ILE A 37 -4.60 -10.90 -4.52
N ASN A 38 -5.88 -11.20 -4.75
CA ASN A 38 -6.27 -12.03 -5.88
C ASN A 38 -6.35 -11.20 -7.16
N PRO A 39 -5.60 -11.64 -8.19
CA PRO A 39 -5.56 -10.95 -9.48
C PRO A 39 -6.87 -11.10 -10.26
N GLU A 40 -7.77 -11.92 -9.72
CA GLU A 40 -9.06 -12.15 -10.36
C GLU A 40 -9.75 -10.83 -10.69
N VAL A 41 -9.46 -9.81 -9.89
CA VAL A 41 -10.06 -8.49 -10.09
C VAL A 41 -9.14 -7.60 -10.93
N PRO A 42 -9.74 -6.92 -11.93
CA PRO A 42 -8.99 -6.02 -12.82
C PRO A 42 -8.52 -4.76 -12.11
N LYS A 43 -7.31 -4.32 -12.44
CA LYS A 43 -6.74 -3.12 -11.84
C LYS A 43 -7.75 -1.97 -11.85
N GLU A 44 -8.57 -1.93 -12.89
CA GLU A 44 -9.58 -0.88 -13.02
C GLU A 44 -10.40 -0.75 -11.74
N LYS A 45 -11.00 -1.86 -11.30
CA LYS A 45 -11.81 -1.87 -10.10
C LYS A 45 -10.93 -2.05 -8.86
N LEU A 46 -9.96 -2.96 -8.95
CA LEU A 46 -9.06 -3.23 -7.84
C LEU A 46 -8.42 -1.95 -7.34
N GLN A 47 -7.88 -1.16 -8.25
CA GLN A 47 -7.25 0.10 -7.89
C GLN A 47 -8.26 1.07 -7.27
N ALA A 48 -9.40 1.23 -7.94
CA ALA A 48 -10.45 2.12 -7.46
C ALA A 48 -10.88 1.75 -6.04
N LEU A 49 -10.84 0.46 -5.74
CA LEU A 49 -11.22 -0.04 -4.42
C LEU A 49 -10.18 0.34 -3.38
N LEU A 50 -8.91 0.04 -3.67
CA LEU A 50 -7.82 0.35 -2.76
C LEU A 50 -7.82 1.83 -2.38
N TYR A 51 -8.32 2.66 -3.28
CA TYR A 51 -8.38 4.10 -3.05
C TYR A 51 -9.47 4.44 -2.04
N ALA A 52 -10.66 3.88 -2.25
CA ALA A 52 -11.79 4.13 -1.36
C ALA A 52 -11.41 3.88 0.09
N LEU A 53 -10.87 2.69 0.36
CA LEU A 53 -10.46 2.33 1.71
C LEU A 53 -9.34 3.24 2.20
N ALA A 54 -8.42 3.57 1.31
CA ALA A 54 -7.30 4.44 1.66
C ALA A 54 -7.79 5.81 2.13
N SER A 55 -8.61 6.45 1.29
CA SER A 55 -9.14 7.76 1.62
C SER A 55 -9.90 7.73 2.95
N SER A 56 -10.48 6.58 3.27
CA SER A 56 -11.23 6.41 4.50
C SER A 56 -10.35 6.70 5.72
N GLN A 57 -9.03 6.59 5.53
CA GLN A 57 -8.09 6.85 6.60
C GLN A 57 -7.25 8.09 6.32
N GLY A 58 -6.31 7.96 5.40
CA GLY A 58 -5.46 9.08 5.05
C GLY A 58 -5.55 9.45 3.58
N ASP A 59 -4.89 10.54 3.20
CA ASP A 59 -4.92 11.00 1.81
C ASP A 59 -3.98 10.16 0.95
N ILE A 60 -4.36 9.97 -0.31
CA ILE A 60 -3.56 9.19 -1.24
C ILE A 60 -2.90 10.09 -2.29
N LEU A 61 -1.61 9.87 -2.51
CA LEU A 61 -0.86 10.66 -3.49
C LEU A 61 -0.74 9.90 -4.81
N ASP A 62 -0.79 8.58 -4.74
CA ASP A 62 -0.69 7.74 -5.93
C ASP A 62 -0.79 6.26 -5.56
N ILE A 63 -1.73 5.55 -6.20
CA ILE A 63 -1.92 4.14 -5.93
C ILE A 63 -1.37 3.29 -7.07
N VAL A 64 -0.31 2.55 -6.78
CA VAL A 64 0.32 1.69 -7.78
C VAL A 64 -0.15 0.25 -7.64
N VAL A 65 -0.25 -0.45 -8.77
CA VAL A 65 -0.69 -1.84 -8.77
C VAL A 65 0.06 -2.66 -9.81
N ASP A 66 0.53 -3.83 -9.42
CA ASP A 66 1.27 -4.71 -10.32
C ASP A 66 0.40 -5.14 -11.49
N LEU A 67 0.83 -6.19 -12.18
CA LEU A 67 0.08 -6.70 -13.33
C LEU A 67 -0.87 -7.82 -12.91
N SER A 68 -1.17 -7.88 -11.61
CA SER A 68 -2.06 -8.90 -11.08
C SER A 68 -1.62 -10.29 -11.52
N ASP A 69 -0.42 -10.68 -11.12
CA ASP A 69 0.12 -11.99 -11.47
C ASP A 69 -0.52 -13.08 -10.63
N ASP A 70 -0.75 -14.24 -11.25
CA ASP A 70 -1.36 -15.37 -10.56
C ASP A 70 -0.40 -15.98 -9.55
N ASN A 71 0.86 -15.54 -9.61
CA ASN A 71 1.88 -16.04 -8.69
C ASN A 71 2.40 -14.93 -7.80
N SER A 72 2.02 -13.70 -8.10
CA SER A 72 2.45 -12.54 -7.32
C SER A 72 1.24 -11.82 -6.71
N GLY A 73 0.49 -11.13 -7.55
CA GLY A 73 -0.68 -10.40 -7.08
C GLY A 73 -0.37 -9.50 -5.90
N LYS A 74 0.04 -8.27 -6.20
CA LYS A 74 0.37 -7.30 -5.15
C LYS A 74 0.19 -5.87 -5.66
N ALA A 75 0.39 -4.91 -4.77
CA ALA A 75 0.25 -3.50 -5.13
C ALA A 75 0.88 -2.60 -4.07
N TYR A 76 0.81 -1.29 -4.29
CA TYR A 76 1.37 -0.32 -3.36
C TYR A 76 0.53 0.93 -3.29
N ILE A 77 0.14 1.33 -2.09
CA ILE A 77 -0.67 2.52 -1.90
C ILE A 77 0.14 3.64 -1.25
N VAL A 78 0.39 4.69 -2.02
CA VAL A 78 1.16 5.83 -1.53
C VAL A 78 0.25 6.83 -0.81
N PHE A 79 0.60 7.17 0.42
CA PHE A 79 -0.18 8.10 1.22
C PHE A 79 0.56 9.42 1.39
N ALA A 80 -0.07 10.37 2.07
CA ALA A 80 0.54 11.68 2.31
C ALA A 80 1.82 11.56 3.12
N THR A 81 1.79 10.70 4.14
CA THR A 81 2.94 10.49 5.01
C THR A 81 2.77 9.23 5.85
N GLN A 82 3.86 8.80 6.48
CA GLN A 82 3.83 7.61 7.32
C GLN A 82 2.70 7.68 8.34
N GLU A 83 2.34 8.90 8.74
CA GLU A 83 1.27 9.10 9.71
C GLU A 83 -0.04 8.50 9.20
N SER A 84 -0.41 8.85 7.98
CA SER A 84 -1.63 8.35 7.37
C SER A 84 -1.49 6.88 6.99
N ALA A 85 -0.38 6.54 6.37
CA ALA A 85 -0.11 5.17 5.94
C ALA A 85 -0.27 4.20 7.12
N GLN A 86 0.46 4.45 8.20
CA GLN A 86 0.41 3.60 9.38
C GLN A 86 -1.02 3.51 9.91
N ALA A 87 -1.77 4.60 9.77
CA ALA A 87 -3.14 4.64 10.24
C ALA A 87 -4.02 3.67 9.45
N PHE A 88 -3.86 3.68 8.13
CA PHE A 88 -4.64 2.79 7.27
C PHE A 88 -4.14 1.36 7.37
N VAL A 89 -2.84 1.19 7.56
CA VAL A 89 -2.25 -0.13 7.67
C VAL A 89 -2.71 -0.84 8.95
N GLU A 90 -2.77 -0.09 10.04
CA GLU A 90 -3.20 -0.63 11.32
C GLU A 90 -4.72 -0.70 11.41
N ALA A 91 -5.39 0.16 10.64
CA ALA A 91 -6.85 0.20 10.63
C ALA A 91 -7.42 -0.97 9.82
N PHE A 92 -6.61 -1.50 8.90
CA PHE A 92 -7.04 -2.61 8.06
C PHE A 92 -6.10 -3.80 8.23
N GLN A 93 -5.17 -3.69 9.17
CA GLN A 93 -4.22 -4.75 9.43
C GLN A 93 -4.92 -6.11 9.56
N GLY A 94 -6.14 -6.07 10.10
CA GLY A 94 -6.90 -7.30 10.27
C GLY A 94 -8.34 -7.16 9.82
N TYR A 95 -8.54 -6.87 8.54
CA TYR A 95 -9.88 -6.70 7.99
C TYR A 95 -10.06 -7.51 6.71
N PRO A 96 -11.21 -8.18 6.59
CA PRO A 96 -11.53 -9.01 5.42
C PRO A 96 -11.77 -8.17 4.17
N PHE A 97 -10.79 -8.15 3.27
CA PHE A 97 -10.90 -7.39 2.03
C PHE A 97 -10.47 -8.24 0.84
N GLN A 98 -11.08 -7.97 -0.32
CA GLN A 98 -10.76 -8.70 -1.54
C GLN A 98 -10.96 -10.20 -1.33
N GLY A 99 -11.84 -10.55 -0.40
CA GLY A 99 -12.11 -11.95 -0.12
C GLY A 99 -12.04 -12.28 1.35
N ASN A 100 -10.87 -12.05 1.95
CA ASN A 100 -10.67 -12.33 3.36
C ASN A 100 -9.23 -11.99 3.80
N PRO A 101 -8.26 -12.68 3.18
CA PRO A 101 -6.85 -12.47 3.47
C PRO A 101 -6.34 -11.12 2.97
N LEU A 102 -6.13 -10.19 3.90
CA LEU A 102 -5.65 -8.85 3.56
C LEU A 102 -4.45 -8.48 4.41
N VAL A 103 -3.34 -8.16 3.75
CA VAL A 103 -2.11 -7.77 4.44
C VAL A 103 -1.68 -6.37 4.05
N ILE A 104 -1.28 -5.58 5.04
CA ILE A 104 -0.84 -4.20 4.80
C ILE A 104 0.42 -3.89 5.59
N THR A 105 1.45 -3.41 4.89
CA THR A 105 2.71 -3.07 5.53
C THR A 105 3.37 -1.87 4.84
N PHE A 106 4.41 -1.35 5.47
CA PHE A 106 5.12 -0.19 4.93
C PHE A 106 6.17 -0.62 3.91
N SER A 107 6.98 0.33 3.45
CA SER A 107 8.02 0.05 2.47
C SER A 107 9.21 0.98 2.67
N GLU A 108 10.14 0.93 1.72
CA GLU A 108 11.34 1.77 1.79
C GLU A 108 11.24 2.92 0.80
N THR A 109 11.75 4.08 1.19
CA THR A 109 11.73 5.27 0.34
C THR A 109 13.01 6.08 0.48
N PRO A 110 14.12 5.53 -0.02
CA PRO A 110 15.43 6.18 0.05
C PRO A 110 15.52 7.40 -0.87
N GLN A 111 16.68 8.03 -0.90
CA GLN A 111 16.89 9.21 -1.73
C GLN A 111 18.35 9.66 -1.69
N SER A 112 19.26 8.70 -1.60
CA SER A 112 20.68 9.00 -1.54
C SER A 112 21.30 9.00 -2.94
N GLN A 113 20.68 8.26 -3.85
CA GLN A 113 21.17 8.17 -5.22
C GLN A 113 21.27 9.55 -5.85
N VAL A 114 20.46 10.49 -5.35
CA VAL A 114 20.46 11.85 -5.86
C VAL A 114 21.12 12.81 -4.87
N ALA A 115 22.00 12.28 -4.03
CA ALA A 115 22.69 13.08 -3.04
C ALA A 115 23.80 13.90 -3.68
N GLU A 116 24.44 13.33 -4.69
CA GLU A 116 25.52 14.02 -5.40
C GLU A 116 25.05 15.34 -5.99
N ASP A 117 23.79 15.37 -6.42
CA ASP A 117 23.20 16.57 -7.00
C ASP A 117 24.06 17.09 -8.16
N THR A 22 8.95 0.74 21.31
CA THR A 22 10.05 1.68 21.16
C THR A 22 10.51 1.75 19.71
N PRO A 23 9.67 2.35 18.85
CA PRO A 23 9.98 2.50 17.42
C PRO A 23 11.11 3.50 17.17
N PRO A 24 12.24 2.98 16.70
CA PRO A 24 13.42 3.81 16.41
C PRO A 24 13.20 4.71 15.19
N HIS A 25 12.24 4.35 14.36
CA HIS A 25 11.94 5.13 13.16
C HIS A 25 13.18 5.31 12.30
N THR A 26 13.51 4.28 11.53
CA THR A 26 14.67 4.32 10.65
C THR A 26 14.57 5.46 9.64
N GLU A 27 13.59 5.35 8.73
CA GLU A 27 13.39 6.37 7.72
C GLU A 27 11.90 6.54 7.41
N PRO A 28 11.54 7.72 6.88
CA PRO A 28 10.15 8.03 6.53
C PRO A 28 9.65 7.22 5.33
N SER A 29 8.35 6.94 5.33
CA SER A 29 7.76 6.16 4.25
C SER A 29 6.29 6.55 4.05
N GLN A 30 6.04 7.34 3.01
CA GLN A 30 4.68 7.79 2.71
C GLN A 30 4.02 6.87 1.69
N VAL A 31 4.54 5.66 1.57
CA VAL A 31 4.00 4.68 0.63
C VAL A 31 3.94 3.29 1.25
N VAL A 32 2.87 2.56 0.94
CA VAL A 32 2.70 1.21 1.47
C VAL A 32 2.62 0.18 0.35
N LEU A 33 3.24 -0.97 0.57
CA LEU A 33 3.25 -2.04 -0.42
C LEU A 33 2.34 -3.19 0.01
N ILE A 34 1.33 -3.48 -0.81
CA ILE A 34 0.40 -4.55 -0.52
C ILE A 34 0.63 -5.74 -1.45
N THR A 35 0.37 -6.94 -0.93
CA THR A 35 0.55 -8.16 -1.71
C THR A 35 -0.50 -9.21 -1.33
N ASN A 36 -0.37 -10.40 -1.90
CA ASN A 36 -1.29 -11.49 -1.62
C ASN A 36 -2.70 -11.15 -2.12
N ILE A 37 -2.77 -10.25 -3.09
CA ILE A 37 -4.05 -9.83 -3.65
C ILE A 37 -4.42 -10.69 -4.86
N ASN A 38 -5.69 -11.08 -4.93
CA ASN A 38 -6.17 -11.89 -6.04
C ASN A 38 -6.33 -11.06 -7.31
N PRO A 39 -5.62 -11.46 -8.37
CA PRO A 39 -5.66 -10.77 -9.66
C PRO A 39 -7.00 -10.94 -10.37
N GLU A 40 -7.86 -11.78 -9.81
CA GLU A 40 -9.18 -12.03 -10.39
C GLU A 40 -9.91 -10.72 -10.66
N VAL A 41 -9.60 -9.70 -9.87
CA VAL A 41 -10.23 -8.39 -10.02
C VAL A 41 -9.38 -7.47 -10.89
N PRO A 42 -10.04 -6.80 -11.84
CA PRO A 42 -9.35 -5.88 -12.77
C PRO A 42 -8.87 -4.62 -12.07
N LYS A 43 -7.68 -4.16 -12.44
CA LYS A 43 -7.10 -2.95 -11.85
C LYS A 43 -8.11 -1.83 -11.81
N GLU A 44 -8.99 -1.78 -12.81
CA GLU A 44 -10.01 -0.74 -12.88
C GLU A 44 -10.80 -0.66 -11.58
N LYS A 45 -11.36 -1.78 -11.15
CA LYS A 45 -12.12 -1.83 -9.91
C LYS A 45 -11.21 -2.01 -8.71
N LEU A 46 -10.23 -2.89 -8.85
CA LEU A 46 -9.27 -3.16 -7.77
C LEU A 46 -8.65 -1.87 -7.27
N GLN A 47 -8.18 -1.03 -8.19
CA GLN A 47 -7.56 0.23 -7.84
C GLN A 47 -8.56 1.15 -7.15
N ALA A 48 -9.73 1.31 -7.75
CA ALA A 48 -10.77 2.16 -7.20
C ALA A 48 -11.15 1.72 -5.80
N LEU A 49 -11.05 0.41 -5.54
CA LEU A 49 -11.38 -0.14 -4.22
C LEU A 49 -10.31 0.25 -3.20
N LEU A 50 -9.05 0.03 -3.55
CA LEU A 50 -7.95 0.35 -2.65
C LEU A 50 -8.01 1.81 -2.21
N TYR A 51 -8.60 2.65 -3.04
CA TYR A 51 -8.73 4.07 -2.72
C TYR A 51 -9.79 4.30 -1.64
N ALA A 52 -10.94 3.65 -1.80
CA ALA A 52 -12.02 3.78 -0.85
C ALA A 52 -11.54 3.52 0.57
N LEU A 53 -10.92 2.36 0.78
CA LEU A 53 -10.40 1.99 2.09
C LEU A 53 -9.31 2.96 2.55
N ALA A 54 -8.41 3.31 1.63
CA ALA A 54 -7.33 4.23 1.93
C ALA A 54 -7.87 5.55 2.47
N SER A 55 -8.77 6.17 1.72
CA SER A 55 -9.36 7.45 2.12
C SER A 55 -10.05 7.32 3.47
N SER A 56 -10.59 6.15 3.76
CA SER A 56 -11.27 5.89 5.01
C SER A 56 -10.34 6.16 6.20
N GLN A 57 -9.05 6.09 5.96
CA GLN A 57 -8.06 6.32 7.00
C GLN A 57 -7.29 7.62 6.75
N GLY A 58 -6.39 7.59 5.78
CA GLY A 58 -5.61 8.77 5.45
C GLY A 58 -5.77 9.19 4.01
N ASP A 59 -5.25 10.38 3.68
CA ASP A 59 -5.35 10.90 2.32
C ASP A 59 -4.41 10.14 1.38
N ILE A 60 -4.82 10.01 0.13
CA ILE A 60 -4.03 9.31 -0.87
C ILE A 60 -3.45 10.27 -1.89
N LEU A 61 -2.16 10.12 -2.19
CA LEU A 61 -1.49 10.99 -3.15
C LEU A 61 -1.39 10.30 -4.51
N ASP A 62 -1.40 8.98 -4.51
CA ASP A 62 -1.31 8.20 -5.74
C ASP A 62 -1.35 6.71 -5.44
N ILE A 63 -2.28 6.01 -6.08
CA ILE A 63 -2.42 4.57 -5.88
C ILE A 63 -1.88 3.79 -7.08
N VAL A 64 -0.79 3.07 -6.86
CA VAL A 64 -0.16 2.28 -7.92
C VAL A 64 -0.56 0.82 -7.82
N VAL A 65 -0.64 0.15 -8.96
CA VAL A 65 -1.01 -1.26 -9.00
C VAL A 65 -0.27 -1.99 -10.11
N ASP A 66 0.21 -3.19 -9.81
CA ASP A 66 0.94 -3.99 -10.79
C ASP A 66 0.04 -4.34 -11.98
N LEU A 67 0.46 -5.32 -12.77
CA LEU A 67 -0.29 -5.76 -13.93
C LEU A 67 -1.23 -6.92 -13.58
N SER A 68 -1.52 -7.06 -12.29
CA SER A 68 -2.39 -8.13 -11.82
C SER A 68 -1.95 -9.48 -12.37
N ASP A 69 -0.70 -9.85 -12.06
CA ASP A 69 -0.15 -11.12 -12.52
C ASP A 69 -0.71 -12.28 -11.70
N ASP A 70 -0.85 -13.44 -12.34
CA ASP A 70 -1.37 -14.63 -11.68
C ASP A 70 -0.32 -15.25 -10.76
N ASN A 71 0.89 -14.71 -10.81
CA ASN A 71 1.99 -15.20 -9.98
C ASN A 71 2.52 -14.11 -9.06
N SER A 72 2.07 -12.88 -9.28
CA SER A 72 2.50 -11.75 -8.48
C SER A 72 1.32 -11.15 -7.70
N GLY A 73 0.44 -10.46 -8.41
CA GLY A 73 -0.72 -9.85 -7.78
C GLY A 73 -0.34 -9.00 -6.59
N LYS A 74 -0.05 -7.73 -6.83
CA LYS A 74 0.33 -6.80 -5.78
C LYS A 74 0.06 -5.36 -6.19
N ALA A 75 0.34 -4.43 -5.29
CA ALA A 75 0.13 -3.01 -5.56
C ALA A 75 0.77 -2.14 -4.48
N TYR A 76 0.64 -0.83 -4.63
CA TYR A 76 1.21 0.11 -3.68
C TYR A 76 0.31 1.33 -3.50
N ILE A 77 -0.02 1.63 -2.26
CA ILE A 77 -0.89 2.78 -1.96
C ILE A 77 -0.08 3.91 -1.31
N VAL A 78 0.06 5.01 -2.03
CA VAL A 78 0.80 6.16 -1.52
C VAL A 78 -0.11 7.08 -0.71
N PHE A 79 0.29 7.37 0.52
CA PHE A 79 -0.48 8.24 1.39
C PHE A 79 0.21 9.58 1.59
N ALA A 80 -0.42 10.47 2.37
CA ALA A 80 0.14 11.78 2.63
C ALA A 80 1.47 11.67 3.39
N THR A 81 1.50 10.77 4.37
CA THR A 81 2.70 10.57 5.17
C THR A 81 2.62 9.27 5.96
N GLN A 82 3.75 8.86 6.52
CA GLN A 82 3.81 7.63 7.30
C GLN A 82 2.73 7.61 8.39
N GLU A 83 2.37 8.80 8.87
CA GLU A 83 1.35 8.93 9.90
C GLU A 83 0.04 8.28 9.46
N SER A 84 -0.44 8.67 8.28
CA SER A 84 -1.68 8.13 7.74
C SER A 84 -1.49 6.69 7.26
N ALA A 85 -0.39 6.46 6.55
CA ALA A 85 -0.09 5.13 6.04
C ALA A 85 -0.12 4.09 7.15
N GLN A 86 0.67 4.33 8.19
CA GLN A 86 0.74 3.40 9.32
C GLN A 86 -0.65 3.13 9.88
N ALA A 87 -1.47 4.17 9.97
CA ALA A 87 -2.83 4.03 10.49
C ALA A 87 -3.64 3.06 9.64
N PHE A 88 -3.60 3.26 8.32
CA PHE A 88 -4.34 2.39 7.40
C PHE A 88 -3.77 0.97 7.42
N VAL A 89 -2.46 0.87 7.58
CA VAL A 89 -1.79 -0.43 7.61
C VAL A 89 -2.26 -1.26 8.80
N GLU A 90 -2.33 -0.62 9.98
CA GLU A 90 -2.76 -1.30 11.18
C GLU A 90 -4.28 -1.37 11.26
N ALA A 91 -4.95 -0.49 10.53
CA ALA A 91 -6.40 -0.45 10.50
C ALA A 91 -6.96 -1.58 9.66
N PHE A 92 -6.16 -2.09 8.74
CA PHE A 92 -6.57 -3.19 7.86
C PHE A 92 -5.60 -4.35 7.95
N GLN A 93 -4.62 -4.24 8.85
CA GLN A 93 -3.63 -5.29 9.04
C GLN A 93 -4.29 -6.66 9.15
N GLY A 94 -5.49 -6.68 9.75
CA GLY A 94 -6.20 -7.93 9.93
C GLY A 94 -7.66 -7.81 9.53
N TYR A 95 -7.90 -7.52 8.25
CA TYR A 95 -9.27 -7.39 7.74
C TYR A 95 -9.44 -8.15 6.43
N PRO A 96 -10.57 -8.85 6.31
CA PRO A 96 -10.88 -9.64 5.11
C PRO A 96 -11.18 -8.76 3.91
N PHE A 97 -10.23 -8.67 2.99
CA PHE A 97 -10.39 -7.86 1.78
C PHE A 97 -10.00 -8.65 0.53
N GLN A 98 -10.68 -8.38 -0.57
CA GLN A 98 -10.40 -9.05 -1.83
C GLN A 98 -10.54 -10.57 -1.67
N GLY A 99 -11.33 -10.98 -0.69
CA GLY A 99 -11.55 -12.40 -0.45
C GLY A 99 -11.39 -12.77 1.00
N ASN A 100 -10.21 -12.50 1.56
CA ASN A 100 -9.93 -12.82 2.96
C ASN A 100 -8.51 -12.43 3.33
N PRO A 101 -7.52 -13.04 2.65
CA PRO A 101 -6.11 -12.76 2.89
C PRO A 101 -5.69 -11.37 2.43
N LEU A 102 -5.44 -10.48 3.38
CA LEU A 102 -5.04 -9.11 3.07
C LEU A 102 -3.82 -8.70 3.88
N VAL A 103 -2.76 -8.28 3.20
CA VAL A 103 -1.54 -7.86 3.87
C VAL A 103 -1.21 -6.41 3.53
N ILE A 104 -0.82 -5.64 4.55
CA ILE A 104 -0.47 -4.24 4.36
C ILE A 104 0.80 -3.88 5.14
N THR A 105 1.78 -3.35 4.43
CA THR A 105 3.04 -2.96 5.05
C THR A 105 3.62 -1.71 4.39
N PHE A 106 4.63 -1.13 5.03
CA PHE A 106 5.27 0.08 4.50
C PHE A 106 6.22 -0.27 3.35
N SER A 107 7.01 0.71 2.94
CA SER A 107 7.95 0.52 1.85
C SER A 107 9.16 1.44 2.00
N GLU A 108 10.06 1.41 1.02
CA GLU A 108 11.26 2.24 1.05
C GLU A 108 11.12 3.43 0.11
N THR A 109 11.43 4.61 0.60
CA THR A 109 11.34 5.82 -0.20
C THR A 109 12.62 6.65 -0.10
N PRO A 110 13.71 6.13 -0.71
CA PRO A 110 15.01 6.79 -0.70
C PRO A 110 15.02 8.06 -1.55
N GLN A 111 16.18 8.71 -1.62
CA GLN A 111 16.31 9.93 -2.41
C GLN A 111 17.76 10.40 -2.44
N SER A 112 18.45 10.24 -1.32
CA SER A 112 19.85 10.65 -1.21
C SER A 112 20.77 9.62 -1.85
N GLN A 113 20.31 8.37 -1.88
CA GLN A 113 21.09 7.28 -2.45
C GLN A 113 21.54 7.63 -3.87
N VAL A 114 20.74 8.44 -4.56
CA VAL A 114 21.05 8.85 -5.93
C VAL A 114 22.45 9.46 -6.01
N ALA A 115 22.88 10.09 -4.91
CA ALA A 115 24.19 10.71 -4.86
C ALA A 115 25.29 9.71 -5.22
N GLU A 116 25.06 8.45 -4.88
CA GLU A 116 26.04 7.40 -5.16
C GLU A 116 26.33 7.32 -6.66
N ASP A 117 25.33 7.64 -7.46
CA ASP A 117 25.47 7.62 -8.91
C ASP A 117 25.70 9.02 -9.47
N THR A 22 9.74 -7.50 14.46
CA THR A 22 10.20 -6.26 15.06
C THR A 22 10.79 -5.32 14.00
N PRO A 23 9.91 -4.72 13.19
CA PRO A 23 10.31 -3.80 12.13
C PRO A 23 10.85 -2.48 12.68
N PRO A 24 12.16 -2.25 12.50
CA PRO A 24 12.82 -1.03 12.97
C PRO A 24 12.39 0.20 12.18
N HIS A 25 12.07 1.27 12.89
CA HIS A 25 11.64 2.52 12.27
C HIS A 25 12.68 3.61 12.47
N THR A 26 13.62 3.72 11.54
CA THR A 26 14.67 4.73 11.62
C THR A 26 14.44 5.85 10.63
N GLU A 27 13.72 5.54 9.55
CA GLU A 27 13.43 6.52 8.52
C GLU A 27 11.93 6.57 8.21
N PRO A 28 11.46 7.69 7.66
CA PRO A 28 10.06 7.89 7.30
C PRO A 28 9.63 7.02 6.12
N SER A 29 8.32 6.93 5.91
CA SER A 29 7.78 6.13 4.81
C SER A 29 6.38 6.59 4.44
N GLN A 30 6.27 7.29 3.32
CA GLN A 30 4.99 7.79 2.85
C GLN A 30 4.34 6.82 1.87
N VAL A 31 4.80 5.57 1.89
CA VAL A 31 4.27 4.54 1.01
C VAL A 31 4.08 3.22 1.75
N VAL A 32 3.08 2.46 1.33
CA VAL A 32 2.79 1.16 1.95
C VAL A 32 2.73 0.05 0.90
N LEU A 33 3.29 -1.10 1.24
CA LEU A 33 3.29 -2.24 0.32
C LEU A 33 2.30 -3.30 0.78
N ILE A 34 1.36 -3.64 -0.09
CA ILE A 34 0.36 -4.64 0.23
C ILE A 34 0.56 -5.91 -0.60
N THR A 35 0.22 -7.06 -0.01
CA THR A 35 0.37 -8.34 -0.69
C THR A 35 -0.76 -9.29 -0.34
N ASN A 36 -0.67 -10.52 -0.81
CA ASN A 36 -1.69 -11.52 -0.55
C ASN A 36 -3.00 -11.15 -1.22
N ILE A 37 -2.91 -10.43 -2.33
CA ILE A 37 -4.09 -10.01 -3.08
C ILE A 37 -4.32 -10.89 -4.30
N ASN A 38 -5.59 -11.26 -4.52
CA ASN A 38 -5.94 -12.12 -5.65
C ASN A 38 -6.01 -11.30 -6.94
N PRO A 39 -5.25 -11.73 -7.94
CA PRO A 39 -5.21 -11.07 -9.25
C PRO A 39 -6.51 -11.23 -10.03
N GLU A 40 -7.41 -12.05 -9.50
CA GLU A 40 -8.69 -12.28 -10.15
C GLU A 40 -9.39 -10.96 -10.49
N VAL A 41 -9.10 -9.93 -9.71
CA VAL A 41 -9.70 -8.62 -9.93
C VAL A 41 -8.78 -7.75 -10.79
N PRO A 42 -9.37 -7.09 -11.80
CA PRO A 42 -8.63 -6.21 -12.71
C PRO A 42 -8.15 -4.93 -12.02
N LYS A 43 -6.93 -4.52 -12.33
CA LYS A 43 -6.36 -3.31 -11.75
C LYS A 43 -7.35 -2.15 -11.81
N GLU A 44 -8.15 -2.12 -12.86
CA GLU A 44 -9.14 -1.07 -13.04
C GLU A 44 -10.00 -0.90 -11.78
N LYS A 45 -10.61 -2.00 -11.35
CA LYS A 45 -11.45 -1.98 -10.16
C LYS A 45 -10.62 -2.15 -8.90
N LEU A 46 -9.66 -3.06 -8.95
CA LEU A 46 -8.78 -3.31 -7.80
C LEU A 46 -8.15 -2.02 -7.31
N GLN A 47 -7.60 -1.23 -8.23
CA GLN A 47 -6.97 0.03 -7.88
C GLN A 47 -8.00 1.01 -7.31
N ALA A 48 -9.12 1.16 -8.00
CA ALA A 48 -10.17 2.06 -7.56
C ALA A 48 -10.63 1.73 -6.15
N LEU A 49 -10.60 0.44 -5.81
CA LEU A 49 -11.01 -0.01 -4.49
C LEU A 49 -9.98 0.38 -3.43
N LEU A 50 -8.71 0.07 -3.71
CA LEU A 50 -7.63 0.39 -2.78
C LEU A 50 -7.63 1.88 -2.44
N TYR A 51 -8.08 2.69 -3.39
CA TYR A 51 -8.13 4.13 -3.19
C TYR A 51 -9.26 4.52 -2.22
N ALA A 52 -10.44 3.96 -2.46
CA ALA A 52 -11.59 4.24 -1.61
C ALA A 52 -11.26 4.04 -0.14
N LEU A 53 -10.74 2.86 0.19
CA LEU A 53 -10.37 2.54 1.56
C LEU A 53 -9.26 3.47 2.06
N ALA A 54 -8.31 3.76 1.17
CA ALA A 54 -7.19 4.63 1.51
C ALA A 54 -7.68 6.02 1.91
N SER A 55 -8.49 6.63 1.06
CA SER A 55 -9.02 7.96 1.32
C SER A 55 -9.80 7.99 2.63
N SER A 56 -10.42 6.86 2.96
CA SER A 56 -11.20 6.75 4.18
C SER A 56 -10.35 7.04 5.41
N GLN A 57 -9.04 6.88 5.26
CA GLN A 57 -8.10 7.13 6.34
C GLN A 57 -7.24 8.35 6.06
N GLY A 58 -6.27 8.19 5.16
CA GLY A 58 -5.39 9.29 4.81
C GLY A 58 -5.46 9.64 3.34
N ASP A 59 -4.75 10.71 2.96
CA ASP A 59 -4.74 11.16 1.57
C ASP A 59 -3.79 10.30 0.74
N ILE A 60 -4.18 10.03 -0.51
CA ILE A 60 -3.36 9.23 -1.40
C ILE A 60 -2.68 10.10 -2.46
N LEU A 61 -1.39 9.86 -2.67
CA LEU A 61 -0.62 10.62 -3.65
C LEU A 61 -0.47 9.84 -4.95
N ASP A 62 -0.52 8.52 -4.84
CA ASP A 62 -0.40 7.65 -6.01
C ASP A 62 -0.50 6.18 -5.62
N ILE A 63 -1.42 5.47 -6.25
CA ILE A 63 -1.62 4.05 -5.96
C ILE A 63 -1.05 3.17 -7.07
N VAL A 64 0.00 2.44 -6.76
CA VAL A 64 0.64 1.56 -7.74
C VAL A 64 0.16 0.12 -7.58
N VAL A 65 0.09 -0.60 -8.70
CA VAL A 65 -0.36 -1.99 -8.67
C VAL A 65 0.42 -2.82 -9.68
N ASP A 66 0.84 -4.01 -9.26
CA ASP A 66 1.60 -4.91 -10.12
C ASP A 66 0.76 -5.33 -11.33
N LEU A 67 1.20 -6.40 -11.99
CA LEU A 67 0.50 -6.91 -13.16
C LEU A 67 -0.47 -8.02 -12.77
N SER A 68 -0.90 -8.01 -11.52
CA SER A 68 -1.83 -9.03 -11.01
C SER A 68 -1.35 -10.42 -11.40
N ASP A 69 -0.15 -10.77 -10.96
CA ASP A 69 0.42 -12.08 -11.25
C ASP A 69 -0.23 -13.16 -10.38
N ASP A 70 -0.36 -14.37 -10.93
CA ASP A 70 -0.96 -15.48 -10.20
C ASP A 70 0.03 -16.04 -9.18
N ASN A 71 1.26 -15.54 -9.20
CA ASN A 71 2.29 -16.00 -8.28
C ASN A 71 2.79 -14.85 -7.41
N SER A 72 2.38 -13.63 -7.75
CA SER A 72 2.79 -12.46 -6.98
C SER A 72 1.57 -11.75 -6.38
N GLY A 73 0.80 -11.09 -7.24
CA GLY A 73 -0.38 -10.38 -6.78
C GLY A 73 -0.08 -9.45 -5.61
N LYS A 74 0.30 -8.22 -5.92
CA LYS A 74 0.62 -7.23 -4.89
C LYS A 74 0.38 -5.82 -5.40
N ALA A 75 0.63 -4.83 -4.54
CA ALA A 75 0.44 -3.44 -4.90
C ALA A 75 1.06 -2.51 -3.86
N TYR A 76 0.98 -1.21 -4.10
CA TYR A 76 1.52 -0.22 -3.18
C TYR A 76 0.66 1.04 -3.15
N ILE A 77 0.26 1.44 -1.95
CA ILE A 77 -0.56 2.64 -1.79
C ILE A 77 0.23 3.78 -1.16
N VAL A 78 0.58 4.76 -1.98
CA VAL A 78 1.34 5.92 -1.51
C VAL A 78 0.43 6.94 -0.83
N PHE A 79 0.76 7.29 0.40
CA PHE A 79 -0.02 8.26 1.17
C PHE A 79 0.73 9.58 1.31
N ALA A 80 0.08 10.55 1.96
CA ALA A 80 0.69 11.85 2.16
C ALA A 80 1.95 11.74 3.01
N THR A 81 1.87 10.95 4.08
CA THR A 81 3.00 10.76 4.98
C THR A 81 2.81 9.52 5.85
N GLN A 82 3.88 9.12 6.55
CA GLN A 82 3.83 7.96 7.41
C GLN A 82 2.66 8.06 8.39
N GLU A 83 2.29 9.28 8.74
CA GLU A 83 1.19 9.51 9.67
C GLU A 83 -0.11 8.89 9.13
N SER A 84 -0.44 9.21 7.89
CA SER A 84 -1.65 8.69 7.27
C SER A 84 -1.50 7.22 6.92
N ALA A 85 -0.37 6.86 6.33
CA ALA A 85 -0.08 5.49 5.95
C ALA A 85 -0.27 4.55 7.14
N GLN A 86 0.44 4.82 8.23
CA GLN A 86 0.36 4.00 9.43
C GLN A 86 -1.07 3.92 9.94
N ALA A 87 -1.83 4.99 9.75
CA ALA A 87 -3.22 5.05 10.18
C ALA A 87 -4.08 4.06 9.40
N PHE A 88 -3.88 4.03 8.09
CA PHE A 88 -4.63 3.13 7.23
C PHE A 88 -4.14 1.70 7.38
N VAL A 89 -2.85 1.54 7.60
CA VAL A 89 -2.24 0.22 7.76
C VAL A 89 -2.73 -0.45 9.03
N GLU A 90 -2.83 0.33 10.11
CA GLU A 90 -3.28 -0.20 11.39
C GLU A 90 -4.80 -0.26 11.44
N ALA A 91 -5.45 0.57 10.65
CA ALA A 91 -6.91 0.60 10.60
C ALA A 91 -7.46 -0.58 9.81
N PHE A 92 -6.63 -1.13 8.93
CA PHE A 92 -7.03 -2.28 8.11
C PHE A 92 -6.08 -3.46 8.33
N GLN A 93 -5.18 -3.31 9.28
CA GLN A 93 -4.22 -4.37 9.58
C GLN A 93 -4.91 -5.73 9.72
N GLY A 94 -6.13 -5.70 10.23
CA GLY A 94 -6.89 -6.93 10.40
C GLY A 94 -8.32 -6.81 9.93
N TYR A 95 -8.50 -6.54 8.65
CA TYR A 95 -9.84 -6.39 8.07
C TYR A 95 -9.99 -7.23 6.81
N PRO A 96 -11.13 -7.91 6.69
CA PRO A 96 -11.43 -8.76 5.53
C PRO A 96 -11.65 -7.96 4.26
N PHE A 97 -10.66 -7.96 3.38
CA PHE A 97 -10.75 -7.23 2.12
C PHE A 97 -10.29 -8.10 0.95
N GLN A 98 -10.89 -7.87 -0.22
CA GLN A 98 -10.54 -8.63 -1.42
C GLN A 98 -10.74 -10.12 -1.18
N GLY A 99 -11.62 -10.46 -0.24
CA GLY A 99 -11.89 -11.84 0.06
C GLY A 99 -11.83 -12.14 1.54
N ASN A 100 -10.68 -11.88 2.16
CA ASN A 100 -10.49 -12.12 3.58
C ASN A 100 -9.09 -11.75 4.02
N PRO A 101 -8.09 -12.44 3.44
CA PRO A 101 -6.67 -12.19 3.75
C PRO A 101 -6.18 -10.85 3.24
N LEU A 102 -5.97 -9.91 4.15
CA LEU A 102 -5.50 -8.58 3.79
C LEU A 102 -4.31 -8.16 4.66
N VAL A 103 -3.18 -7.91 4.01
CA VAL A 103 -1.98 -7.50 4.72
C VAL A 103 -1.54 -6.10 4.31
N ILE A 104 -1.17 -5.28 5.29
CA ILE A 104 -0.73 -3.92 5.02
C ILE A 104 0.51 -3.57 5.84
N THR A 105 1.55 -3.12 5.16
CA THR A 105 2.80 -2.75 5.81
C THR A 105 3.46 -1.56 5.12
N PHE A 106 4.50 -1.02 5.74
CA PHE A 106 5.21 0.12 5.19
C PHE A 106 6.30 -0.33 4.22
N SER A 107 7.02 0.62 3.65
CA SER A 107 8.08 0.32 2.70
C SER A 107 9.23 1.31 2.84
N GLU A 108 10.19 1.23 1.92
CA GLU A 108 11.34 2.12 1.93
C GLU A 108 11.20 3.21 0.87
N THR A 109 11.59 4.43 1.22
CA THR A 109 11.51 5.57 0.32
C THR A 109 12.85 6.28 0.18
N PRO A 110 13.81 5.62 -0.47
CA PRO A 110 15.16 6.16 -0.68
C PRO A 110 15.16 7.34 -1.65
N GLN A 111 16.35 7.85 -1.95
CA GLN A 111 16.49 8.98 -2.87
C GLN A 111 17.93 9.14 -3.31
N SER A 112 18.50 8.08 -3.89
CA SER A 112 19.88 8.10 -4.35
C SER A 112 19.95 8.54 -5.81
N GLN A 113 18.87 8.29 -6.55
CA GLN A 113 18.82 8.66 -7.96
C GLN A 113 19.19 10.12 -8.16
N VAL A 114 18.85 10.95 -7.17
CA VAL A 114 19.16 12.37 -7.23
C VAL A 114 20.66 12.63 -7.10
N ALA A 115 21.10 13.77 -7.63
CA ALA A 115 22.51 14.13 -7.56
C ALA A 115 22.94 14.44 -6.14
N GLU A 116 21.98 14.88 -5.32
CA GLU A 116 22.26 15.21 -3.93
C GLU A 116 22.98 14.06 -3.23
N ASP A 117 22.46 12.85 -3.41
CA ASP A 117 23.05 11.67 -2.79
C ASP A 117 23.20 11.85 -1.29
N THR A 22 13.16 2.21 22.81
CA THR A 22 13.79 3.29 22.06
C THR A 22 13.93 2.93 20.59
N PRO A 23 12.79 2.90 19.89
CA PRO A 23 12.75 2.58 18.45
C PRO A 23 13.35 3.68 17.60
N PRO A 24 14.50 3.39 16.97
CA PRO A 24 15.21 4.34 16.12
C PRO A 24 14.46 4.62 14.82
N HIS A 25 14.41 5.88 14.43
CA HIS A 25 13.73 6.27 13.20
C HIS A 25 14.73 6.54 12.08
N THR A 26 14.86 5.58 11.17
CA THR A 26 15.77 5.71 10.04
C THR A 26 15.12 6.42 8.87
N GLU A 27 13.96 5.94 8.45
CA GLU A 27 13.24 6.53 7.33
C GLU A 27 11.78 6.80 7.71
N PRO A 28 11.14 7.74 6.99
CA PRO A 28 9.75 8.10 7.24
C PRO A 28 8.78 6.99 6.83
N SER A 29 8.96 6.46 5.63
CA SER A 29 8.11 5.40 5.12
C SER A 29 6.66 5.89 4.97
N GLN A 30 6.43 6.72 3.96
CA GLN A 30 5.09 7.25 3.71
C GLN A 30 4.35 6.41 2.67
N VAL A 31 4.74 5.14 2.56
CA VAL A 31 4.11 4.24 1.61
C VAL A 31 3.89 2.86 2.22
N VAL A 32 2.92 2.13 1.69
CA VAL A 32 2.60 0.79 2.19
C VAL A 32 2.58 -0.21 1.04
N LEU A 33 3.09 -1.41 1.32
CA LEU A 33 3.13 -2.47 0.31
C LEU A 33 2.12 -3.57 0.65
N ILE A 34 1.19 -3.82 -0.27
CA ILE A 34 0.19 -4.85 -0.07
C ILE A 34 0.43 -6.06 -0.98
N THR A 35 0.06 -7.24 -0.51
CA THR A 35 0.24 -8.46 -1.28
C THR A 35 -0.88 -9.45 -1.00
N ASN A 36 -0.76 -10.65 -1.57
CA ASN A 36 -1.77 -11.69 -1.39
C ASN A 36 -3.10 -11.26 -1.99
N ILE A 37 -3.05 -10.34 -2.95
CA ILE A 37 -4.25 -9.85 -3.60
C ILE A 37 -4.58 -10.69 -4.83
N ASN A 38 -5.87 -11.00 -4.99
CA ASN A 38 -6.32 -11.80 -6.13
C ASN A 38 -6.30 -10.97 -7.42
N PRO A 39 -5.51 -11.44 -8.40
CA PRO A 39 -5.38 -10.77 -9.70
C PRO A 39 -6.66 -10.86 -10.53
N GLU A 40 -7.61 -11.64 -10.05
CA GLU A 40 -8.88 -11.82 -10.75
C GLU A 40 -9.50 -10.48 -11.10
N VAL A 41 -9.21 -9.47 -10.28
CA VAL A 41 -9.74 -8.12 -10.50
C VAL A 41 -8.75 -7.26 -11.27
N PRO A 42 -9.25 -6.55 -12.29
CA PRO A 42 -8.42 -5.68 -13.13
C PRO A 42 -7.95 -4.44 -12.37
N LYS A 43 -6.71 -4.03 -12.63
CA LYS A 43 -6.13 -2.86 -11.98
C LYS A 43 -7.09 -1.69 -12.03
N GLU A 44 -7.84 -1.59 -13.11
CA GLU A 44 -8.81 -0.51 -13.29
C GLU A 44 -9.70 -0.37 -12.05
N LYS A 45 -10.36 -1.46 -11.67
CA LYS A 45 -11.23 -1.45 -10.51
C LYS A 45 -10.44 -1.68 -9.23
N LEU A 46 -9.51 -2.62 -9.28
CA LEU A 46 -8.68 -2.95 -8.13
C LEU A 46 -8.02 -1.69 -7.56
N GLN A 47 -7.41 -0.91 -8.44
CA GLN A 47 -6.74 0.32 -8.02
C GLN A 47 -7.75 1.31 -7.43
N ALA A 48 -8.84 1.53 -8.15
CA ALA A 48 -9.89 2.45 -7.71
C ALA A 48 -10.42 2.04 -6.34
N LEU A 49 -10.43 0.74 -6.08
CA LEU A 49 -10.93 0.22 -4.80
C LEU A 49 -9.95 0.53 -3.67
N LEU A 50 -8.67 0.26 -3.90
CA LEU A 50 -7.64 0.50 -2.90
C LEU A 50 -7.67 1.96 -2.45
N TYR A 51 -8.14 2.84 -3.33
CA TYR A 51 -8.22 4.26 -3.03
C TYR A 51 -9.35 4.55 -2.04
N ALA A 52 -10.51 3.97 -2.30
CA ALA A 52 -11.67 4.15 -1.44
C ALA A 52 -11.32 3.87 0.02
N LEU A 53 -10.77 2.68 0.27
CA LEU A 53 -10.40 2.29 1.62
C LEU A 53 -9.31 3.21 2.18
N ALA A 54 -8.30 3.48 1.36
CA ALA A 54 -7.21 4.36 1.77
C ALA A 54 -7.73 5.70 2.25
N SER A 55 -8.53 6.35 1.41
CA SER A 55 -9.09 7.66 1.75
C SER A 55 -9.89 7.58 3.04
N SER A 56 -10.50 6.43 3.28
CA SER A 56 -11.31 6.23 4.48
C SER A 56 -10.48 6.46 5.75
N GLN A 57 -9.16 6.33 5.61
CA GLN A 57 -8.25 6.53 6.73
C GLN A 57 -7.39 7.77 6.54
N GLY A 58 -6.41 7.68 5.65
CA GLY A 58 -5.54 8.80 5.38
C GLY A 58 -5.56 9.22 3.93
N ASP A 59 -4.98 10.37 3.63
CA ASP A 59 -4.94 10.90 2.27
C ASP A 59 -3.96 10.09 1.41
N ILE A 60 -4.28 9.96 0.13
CA ILE A 60 -3.43 9.21 -0.79
C ILE A 60 -2.72 10.15 -1.77
N LEU A 61 -1.43 9.94 -1.94
CA LEU A 61 -0.64 10.77 -2.85
C LEU A 61 -0.44 10.07 -4.19
N ASP A 62 -0.53 8.74 -4.19
CA ASP A 62 -0.36 7.96 -5.40
C ASP A 62 -0.51 6.47 -5.11
N ILE A 63 -1.41 5.81 -5.84
CA ILE A 63 -1.65 4.39 -5.66
C ILE A 63 -1.04 3.58 -6.79
N VAL A 64 -0.01 2.80 -6.48
CA VAL A 64 0.65 1.97 -7.47
C VAL A 64 0.18 0.53 -7.39
N VAL A 65 0.18 -0.15 -8.54
CA VAL A 65 -0.25 -1.54 -8.61
C VAL A 65 0.51 -2.29 -9.69
N ASP A 66 0.92 -3.52 -9.38
CA ASP A 66 1.65 -4.35 -10.32
C ASP A 66 0.81 -4.65 -11.56
N LEU A 67 1.22 -5.64 -12.33
CA LEU A 67 0.51 -6.03 -13.53
C LEU A 67 -0.49 -7.15 -13.25
N SER A 68 -0.90 -7.26 -11.98
CA SER A 68 -1.85 -8.29 -11.58
C SER A 68 -1.42 -9.66 -12.08
N ASP A 69 -0.23 -10.09 -11.66
CA ASP A 69 0.30 -11.39 -12.07
C ASP A 69 -0.38 -12.52 -11.31
N ASP A 70 -0.54 -13.65 -11.98
CA ASP A 70 -1.18 -14.82 -11.37
C ASP A 70 -0.25 -15.49 -10.37
N ASN A 71 1.00 -15.03 -10.33
CA ASN A 71 2.00 -15.59 -9.43
C ASN A 71 2.51 -14.53 -8.45
N SER A 72 2.14 -13.28 -8.70
CA SER A 72 2.57 -12.18 -7.85
C SER A 72 1.37 -11.51 -7.18
N GLY A 73 0.59 -10.78 -7.96
CA GLY A 73 -0.58 -10.10 -7.41
C GLY A 73 -0.25 -9.27 -6.19
N LYS A 74 0.11 -8.01 -6.42
CA LYS A 74 0.46 -7.11 -5.32
C LYS A 74 0.30 -5.65 -5.76
N ALA A 75 0.55 -4.74 -4.83
CA ALA A 75 0.45 -3.31 -5.12
C ALA A 75 1.04 -2.47 -3.98
N TYR A 76 0.99 -1.15 -4.14
CA TYR A 76 1.53 -0.24 -3.13
C TYR A 76 0.68 1.02 -3.04
N ILE A 77 0.25 1.35 -1.82
CA ILE A 77 -0.57 2.53 -1.60
C ILE A 77 0.23 3.62 -0.87
N VAL A 78 0.50 4.71 -1.58
CA VAL A 78 1.25 5.81 -1.01
C VAL A 78 0.33 6.79 -0.28
N PHE A 79 0.63 7.06 0.99
CA PHE A 79 -0.17 7.98 1.80
C PHE A 79 0.56 9.29 2.02
N ALA A 80 -0.10 10.22 2.70
CA ALA A 80 0.49 11.52 2.99
C ALA A 80 1.72 11.38 3.88
N THR A 81 1.70 10.39 4.77
CA THR A 81 2.80 10.15 5.68
C THR A 81 2.60 8.86 6.47
N GLN A 82 3.68 8.38 7.08
CA GLN A 82 3.62 7.14 7.86
C GLN A 82 2.49 7.19 8.87
N GLU A 83 2.18 8.39 9.35
CA GLU A 83 1.12 8.58 10.33
C GLU A 83 -0.20 8.01 9.80
N SER A 84 -0.58 8.43 8.61
CA SER A 84 -1.83 7.97 7.99
C SER A 84 -1.70 6.52 7.54
N ALA A 85 -0.58 6.20 6.90
CA ALA A 85 -0.33 4.84 6.40
C ALA A 85 -0.50 3.82 7.52
N GLN A 86 0.22 4.01 8.61
CA GLN A 86 0.16 3.10 9.74
C GLN A 86 -1.29 2.90 10.19
N ALA A 87 -2.03 4.00 10.25
CA ALA A 87 -3.44 3.95 10.67
C ALA A 87 -4.24 3.03 9.76
N PHE A 88 -4.09 3.22 8.45
CA PHE A 88 -4.81 2.40 7.48
C PHE A 88 -4.34 0.95 7.53
N VAL A 89 -3.05 0.76 7.77
CA VAL A 89 -2.47 -0.58 7.84
C VAL A 89 -3.09 -1.37 8.99
N GLU A 90 -3.19 -0.73 10.15
CA GLU A 90 -3.76 -1.38 11.33
C GLU A 90 -5.29 -1.36 11.28
N ALA A 91 -5.83 -0.43 10.51
CA ALA A 91 -7.28 -0.30 10.38
C ALA A 91 -7.85 -1.39 9.48
N PHE A 92 -7.00 -1.94 8.62
CA PHE A 92 -7.43 -3.00 7.72
C PHE A 92 -6.53 -4.23 7.86
N GLN A 93 -5.63 -4.20 8.83
CA GLN A 93 -4.72 -5.30 9.07
C GLN A 93 -5.47 -6.63 9.11
N GLY A 94 -6.69 -6.60 9.62
CA GLY A 94 -7.50 -7.80 9.70
C GLY A 94 -8.90 -7.60 9.18
N TYR A 95 -9.01 -7.25 7.89
CA TYR A 95 -10.32 -7.02 7.27
C TYR A 95 -10.43 -7.78 5.96
N PRO A 96 -11.59 -8.41 5.74
CA PRO A 96 -11.85 -9.19 4.53
C PRO A 96 -11.99 -8.30 3.29
N PHE A 97 -10.96 -8.30 2.46
CA PHE A 97 -10.97 -7.49 1.24
C PHE A 97 -10.48 -8.31 0.04
N GLN A 98 -10.97 -7.98 -1.13
CA GLN A 98 -10.59 -8.67 -2.36
C GLN A 98 -10.85 -10.17 -2.22
N GLY A 99 -11.80 -10.54 -1.37
CA GLY A 99 -12.12 -11.94 -1.16
C GLY A 99 -12.14 -12.32 0.30
N ASN A 100 -11.01 -12.13 0.97
CA ASN A 100 -10.89 -12.46 2.38
C ASN A 100 -9.49 -12.17 2.90
N PRO A 101 -8.48 -12.83 2.32
CA PRO A 101 -7.08 -12.63 2.69
C PRO A 101 -6.55 -11.27 2.29
N LEU A 102 -6.38 -10.39 3.27
CA LEU A 102 -5.86 -9.04 3.02
C LEU A 102 -4.70 -8.72 3.94
N VAL A 103 -3.56 -8.36 3.34
CA VAL A 103 -2.36 -8.02 4.10
C VAL A 103 -1.91 -6.61 3.81
N ILE A 104 -1.57 -5.87 4.86
CA ILE A 104 -1.11 -4.50 4.71
C ILE A 104 0.10 -4.22 5.60
N THR A 105 1.18 -3.74 5.00
CA THR A 105 2.40 -3.43 5.72
C THR A 105 3.11 -2.22 5.14
N PHE A 106 4.14 -1.74 5.83
CA PHE A 106 4.90 -0.58 5.37
C PHE A 106 5.93 -0.98 4.33
N SER A 107 6.66 -0.01 3.80
CA SER A 107 7.68 -0.26 2.80
C SER A 107 8.92 0.59 3.05
N GLU A 108 9.85 0.56 2.10
CA GLU A 108 11.09 1.32 2.22
C GLU A 108 11.13 2.45 1.20
N THR A 109 11.59 3.63 1.62
CA THR A 109 11.67 4.78 0.74
C THR A 109 13.06 5.42 0.81
N PRO A 110 14.07 4.71 0.29
CA PRO A 110 15.46 5.19 0.29
C PRO A 110 15.66 6.37 -0.66
N GLN A 111 16.87 6.91 -0.68
CA GLN A 111 17.19 8.03 -1.55
C GLN A 111 18.35 7.69 -2.47
N SER A 112 18.33 6.48 -3.02
CA SER A 112 19.38 6.03 -3.91
C SER A 112 19.04 6.36 -5.37
N GLN A 113 17.75 6.46 -5.65
CA GLN A 113 17.29 6.76 -7.00
C GLN A 113 17.70 8.16 -7.41
N VAL A 114 17.90 9.03 -6.42
CA VAL A 114 18.30 10.41 -6.69
C VAL A 114 19.80 10.61 -6.41
N ALA A 115 20.56 9.51 -6.50
CA ALA A 115 21.99 9.57 -6.26
C ALA A 115 22.73 10.20 -7.45
N GLU A 116 22.31 9.82 -8.66
CA GLU A 116 22.93 10.34 -9.87
C GLU A 116 22.88 11.86 -9.90
N ASP A 117 21.80 12.43 -9.36
CA ASP A 117 21.63 13.86 -9.32
C ASP A 117 21.20 14.32 -7.92
N THR A 22 15.45 -1.59 19.92
CA THR A 22 14.11 -1.07 19.67
C THR A 22 14.16 0.30 19.01
N PRO A 23 14.60 0.32 17.74
CA PRO A 23 14.70 1.56 16.96
C PRO A 23 13.33 2.14 16.60
N PRO A 24 13.00 3.29 17.18
CA PRO A 24 11.73 3.97 16.93
C PRO A 24 11.64 4.54 15.52
N HIS A 25 11.23 3.71 14.57
CA HIS A 25 11.11 4.13 13.18
C HIS A 25 12.41 4.75 12.68
N THR A 26 13.29 3.91 12.15
CA THR A 26 14.57 4.38 11.62
C THR A 26 14.39 5.51 10.63
N GLU A 27 13.46 5.32 9.70
CA GLU A 27 13.19 6.33 8.68
C GLU A 27 11.69 6.39 8.36
N PRO A 28 11.25 7.54 7.82
CA PRO A 28 9.85 7.76 7.46
C PRO A 28 9.42 6.91 6.26
N SER A 29 8.12 6.76 6.08
CA SER A 29 7.58 5.98 4.98
C SER A 29 6.17 6.44 4.62
N GLN A 30 6.07 7.20 3.53
CA GLN A 30 4.78 7.71 3.09
C GLN A 30 4.15 6.78 2.04
N VAL A 31 4.64 5.54 2.00
CA VAL A 31 4.13 4.55 1.06
C VAL A 31 3.98 3.18 1.72
N VAL A 32 2.97 2.43 1.28
CA VAL A 32 2.71 1.12 1.83
C VAL A 32 2.61 0.07 0.73
N LEU A 33 3.21 -1.09 0.96
CA LEU A 33 3.19 -2.17 -0.03
C LEU A 33 2.22 -3.27 0.40
N ILE A 34 1.26 -3.58 -0.46
CA ILE A 34 0.28 -4.61 -0.18
C ILE A 34 0.46 -5.82 -1.10
N THR A 35 0.16 -7.00 -0.58
CA THR A 35 0.29 -8.23 -1.35
C THR A 35 -0.81 -9.23 -0.99
N ASN A 36 -0.72 -10.42 -1.56
CA ASN A 36 -1.71 -11.46 -1.30
C ASN A 36 -3.09 -11.05 -1.82
N ILE A 37 -3.10 -10.15 -2.79
CA ILE A 37 -4.35 -9.66 -3.38
C ILE A 37 -4.76 -10.51 -4.57
N ASN A 38 -6.07 -10.78 -4.69
CA ASN A 38 -6.60 -11.57 -5.79
C ASN A 38 -6.53 -10.79 -7.09
N PRO A 39 -5.71 -11.27 -8.04
CA PRO A 39 -5.55 -10.64 -9.35
C PRO A 39 -6.78 -10.79 -10.22
N GLU A 40 -7.74 -11.59 -9.76
CA GLU A 40 -8.97 -11.81 -10.51
C GLU A 40 -9.62 -10.49 -10.90
N VAL A 41 -9.39 -9.46 -10.09
CA VAL A 41 -9.95 -8.15 -10.34
C VAL A 41 -8.94 -7.24 -11.04
N PRO A 42 -9.40 -6.54 -12.09
CA PRO A 42 -8.55 -5.63 -12.87
C PRO A 42 -8.16 -4.39 -12.07
N LYS A 43 -6.97 -3.87 -12.33
CA LYS A 43 -6.48 -2.68 -11.65
C LYS A 43 -7.54 -1.57 -11.66
N GLU A 44 -8.29 -1.50 -12.75
CA GLU A 44 -9.34 -0.49 -12.89
C GLU A 44 -10.29 -0.52 -11.70
N LYS A 45 -10.80 -1.71 -11.39
CA LYS A 45 -11.72 -1.88 -10.28
C LYS A 45 -10.96 -1.99 -8.96
N LEU A 46 -9.93 -2.82 -8.94
CA LEU A 46 -9.12 -3.02 -7.74
C LEU A 46 -8.65 -1.68 -7.18
N GLN A 47 -7.92 -0.92 -8.00
CA GLN A 47 -7.41 0.38 -7.57
C GLN A 47 -8.53 1.24 -6.99
N ALA A 48 -9.66 1.28 -7.68
CA ALA A 48 -10.80 2.06 -7.23
C ALA A 48 -11.14 1.74 -5.78
N LEU A 49 -11.05 0.46 -5.42
CA LEU A 49 -11.35 0.02 -4.06
C LEU A 49 -10.26 0.45 -3.10
N LEU A 50 -9.00 0.20 -3.49
CA LEU A 50 -7.86 0.55 -2.65
C LEU A 50 -7.90 2.03 -2.28
N TYR A 51 -8.21 2.87 -3.27
CA TYR A 51 -8.27 4.31 -3.06
C TYR A 51 -9.51 4.69 -2.25
N ALA A 52 -10.60 3.95 -2.48
CA ALA A 52 -11.86 4.21 -1.79
C ALA A 52 -11.68 4.09 -0.29
N LEU A 53 -11.08 2.98 0.15
CA LEU A 53 -10.86 2.74 1.58
C LEU A 53 -9.85 3.74 2.14
N ALA A 54 -8.67 3.79 1.53
CA ALA A 54 -7.63 4.70 1.97
C ALA A 54 -8.15 6.13 2.06
N SER A 55 -8.92 6.53 1.07
CA SER A 55 -9.47 7.88 1.02
C SER A 55 -10.20 8.21 2.34
N SER A 56 -10.72 7.17 2.99
CA SER A 56 -11.43 7.34 4.25
C SER A 56 -10.46 7.42 5.42
N GLN A 57 -9.35 6.72 5.31
CA GLN A 57 -8.34 6.70 6.35
C GLN A 57 -7.40 7.90 6.23
N GLY A 58 -6.50 7.83 5.24
CA GLY A 58 -5.56 8.92 5.04
C GLY A 58 -5.55 9.40 3.60
N ASP A 59 -4.94 10.56 3.38
CA ASP A 59 -4.87 11.14 2.04
C ASP A 59 -3.93 10.33 1.14
N ILE A 60 -4.39 10.04 -0.07
CA ILE A 60 -3.59 9.27 -1.02
C ILE A 60 -2.93 10.18 -2.04
N LEU A 61 -1.65 9.94 -2.30
CA LEU A 61 -0.89 10.73 -3.26
C LEU A 61 -0.78 10.01 -4.59
N ASP A 62 -0.78 8.69 -4.54
CA ASP A 62 -0.68 7.87 -5.75
C ASP A 62 -0.68 6.39 -5.41
N ILE A 63 -1.60 5.65 -6.01
CA ILE A 63 -1.72 4.21 -5.77
C ILE A 63 -1.21 3.41 -6.96
N VAL A 64 -0.09 2.73 -6.79
CA VAL A 64 0.49 1.93 -7.85
C VAL A 64 -0.03 0.49 -7.80
N VAL A 65 -0.20 -0.11 -8.97
CA VAL A 65 -0.69 -1.48 -9.06
C VAL A 65 0.06 -2.26 -10.13
N ASP A 66 0.52 -3.46 -9.77
CA ASP A 66 1.25 -4.30 -10.71
C ASP A 66 0.37 -4.70 -11.88
N LEU A 67 0.78 -5.75 -12.59
CA LEU A 67 0.03 -6.23 -13.75
C LEU A 67 -0.97 -7.30 -13.34
N SER A 68 -1.29 -7.35 -12.05
CA SER A 68 -2.23 -8.33 -11.53
C SER A 68 -1.85 -9.74 -11.98
N ASP A 69 -0.65 -10.17 -11.64
CA ASP A 69 -0.17 -11.49 -12.01
C ASP A 69 -0.80 -12.57 -11.13
N ASP A 70 -1.00 -13.75 -11.69
CA ASP A 70 -1.59 -14.86 -10.96
C ASP A 70 -0.60 -15.46 -9.98
N ASN A 71 0.64 -14.98 -10.04
CA ASN A 71 1.69 -15.48 -9.16
C ASN A 71 2.23 -14.35 -8.28
N SER A 72 1.88 -13.12 -8.62
CA SER A 72 2.33 -11.96 -7.87
C SER A 72 1.16 -11.28 -7.14
N GLY A 73 0.31 -10.61 -7.91
CA GLY A 73 -0.83 -9.93 -7.32
C GLY A 73 -0.45 -9.07 -6.14
N LYS A 74 -0.09 -7.82 -6.41
CA LYS A 74 0.31 -6.88 -5.36
C LYS A 74 0.06 -5.44 -5.79
N ALA A 75 0.35 -4.50 -4.90
CA ALA A 75 0.16 -3.09 -5.20
C ALA A 75 0.81 -2.21 -4.12
N TYR A 76 0.69 -0.91 -4.29
CA TYR A 76 1.26 0.04 -3.34
C TYR A 76 0.38 1.28 -3.20
N ILE A 77 0.03 1.61 -1.96
CA ILE A 77 -0.80 2.78 -1.69
C ILE A 77 0.00 3.89 -1.03
N VAL A 78 0.33 4.93 -1.79
CA VAL A 78 1.09 6.05 -1.27
C VAL A 78 0.19 7.05 -0.55
N PHE A 79 0.51 7.33 0.70
CA PHE A 79 -0.28 8.27 1.50
C PHE A 79 0.46 9.59 1.67
N ALA A 80 -0.16 10.52 2.39
CA ALA A 80 0.44 11.83 2.62
C ALA A 80 1.70 11.71 3.47
N THR A 81 1.66 10.83 4.46
CA THR A 81 2.80 10.62 5.35
C THR A 81 2.65 9.33 6.14
N GLN A 82 3.72 8.93 6.83
CA GLN A 82 3.70 7.71 7.62
C GLN A 82 2.52 7.71 8.59
N GLU A 83 2.11 8.89 9.02
CA GLU A 83 0.99 9.03 9.94
C GLU A 83 -0.26 8.37 9.37
N SER A 84 -0.60 8.72 8.14
CA SER A 84 -1.77 8.16 7.48
C SER A 84 -1.53 6.71 7.08
N ALA A 85 -0.37 6.45 6.50
CA ALA A 85 -0.02 5.10 6.06
C ALA A 85 -0.17 4.10 7.20
N GLN A 86 0.38 4.44 8.36
CA GLN A 86 0.30 3.56 9.53
C GLN A 86 -1.15 3.32 9.92
N ALA A 87 -1.95 4.38 9.91
CA ALA A 87 -3.36 4.28 10.27
C ALA A 87 -4.08 3.27 9.38
N PHE A 88 -3.80 3.34 8.08
CA PHE A 88 -4.43 2.43 7.12
C PHE A 88 -3.91 1.01 7.29
N VAL A 89 -2.59 0.88 7.40
CA VAL A 89 -1.96 -0.42 7.57
C VAL A 89 -2.51 -1.15 8.79
N GLU A 90 -2.80 -0.38 9.84
CA GLU A 90 -3.34 -0.95 11.07
C GLU A 90 -4.87 -1.06 11.01
N ALA A 91 -5.47 -0.25 10.14
CA ALA A 91 -6.91 -0.25 9.98
C ALA A 91 -7.38 -1.50 9.25
N PHE A 92 -6.50 -2.08 8.44
CA PHE A 92 -6.83 -3.29 7.69
C PHE A 92 -5.85 -4.41 8.00
N GLN A 93 -4.97 -4.17 8.97
CA GLN A 93 -3.98 -5.16 9.37
C GLN A 93 -4.62 -6.54 9.55
N GLY A 94 -5.88 -6.54 10.01
CA GLY A 94 -6.58 -7.79 10.21
C GLY A 94 -8.02 -7.73 9.73
N TYR A 95 -8.19 -7.60 8.43
CA TYR A 95 -9.53 -7.52 7.84
C TYR A 95 -9.59 -8.29 6.52
N PRO A 96 -10.67 -9.07 6.33
CA PRO A 96 -10.87 -9.86 5.12
C PRO A 96 -11.15 -8.99 3.90
N PHE A 97 -10.15 -8.83 3.04
CA PHE A 97 -10.29 -8.03 1.84
C PHE A 97 -9.81 -8.80 0.60
N GLN A 98 -10.44 -8.54 -0.53
CA GLN A 98 -10.08 -9.21 -1.78
C GLN A 98 -10.20 -10.73 -1.63
N GLY A 99 -11.04 -11.17 -0.70
CA GLY A 99 -11.23 -12.59 -0.48
C GLY A 99 -11.15 -12.96 0.99
N ASN A 100 -9.99 -12.71 1.60
CA ASN A 100 -9.78 -13.03 3.01
C ASN A 100 -8.37 -12.65 3.44
N PRO A 101 -7.37 -13.28 2.80
CA PRO A 101 -5.96 -13.02 3.12
C PRO A 101 -5.51 -11.63 2.67
N LEU A 102 -5.51 -10.68 3.60
CA LEU A 102 -5.11 -9.32 3.31
C LEU A 102 -3.90 -8.92 4.14
N VAL A 103 -2.86 -8.41 3.48
CA VAL A 103 -1.65 -7.97 4.15
C VAL A 103 -1.32 -6.53 3.84
N ILE A 104 -0.96 -5.77 4.87
CA ILE A 104 -0.62 -4.36 4.70
C ILE A 104 0.63 -4.00 5.49
N THR A 105 1.62 -3.45 4.80
CA THR A 105 2.87 -3.05 5.43
C THR A 105 3.44 -1.80 4.79
N PHE A 106 4.45 -1.21 5.43
CA PHE A 106 5.08 -0.01 4.92
C PHE A 106 6.09 -0.34 3.82
N SER A 107 6.87 0.66 3.40
CA SER A 107 7.86 0.47 2.36
C SER A 107 9.00 1.48 2.50
N GLU A 108 9.91 1.47 1.55
CA GLU A 108 11.04 2.39 1.56
C GLU A 108 10.79 3.57 0.63
N THR A 109 11.32 4.74 1.00
CA THR A 109 11.15 5.94 0.21
C THR A 109 12.47 6.70 0.07
N PRO A 110 13.40 6.14 -0.72
CA PRO A 110 14.71 6.74 -0.95
C PRO A 110 14.63 8.01 -1.79
N GLN A 111 15.75 8.68 -1.96
CA GLN A 111 15.80 9.91 -2.74
C GLN A 111 17.24 10.42 -2.87
N SER A 112 17.98 10.37 -1.77
CA SER A 112 19.37 10.83 -1.77
C SER A 112 20.26 9.83 -2.48
N GLN A 113 19.86 8.57 -2.51
CA GLN A 113 20.63 7.53 -3.16
C GLN A 113 20.97 7.91 -4.59
N VAL A 114 20.09 8.71 -5.21
CA VAL A 114 20.30 9.16 -6.58
C VAL A 114 21.69 9.77 -6.75
N ALA A 115 22.20 10.37 -5.69
CA ALA A 115 23.52 10.99 -5.72
C ALA A 115 24.58 10.02 -6.23
N GLU A 116 24.34 8.73 -5.99
CA GLU A 116 25.28 7.70 -6.41
C GLU A 116 25.54 7.79 -7.92
N ASP A 117 24.53 8.23 -8.66
CA ASP A 117 24.65 8.37 -10.11
C ASP A 117 25.22 9.74 -10.49
N THR A 22 7.90 -2.90 19.40
CA THR A 22 9.21 -2.26 19.42
C THR A 22 9.63 -1.78 18.04
N PRO A 23 8.91 -0.77 17.53
CA PRO A 23 9.20 -0.20 16.20
C PRO A 23 10.51 0.57 16.17
N PRO A 24 11.49 0.02 15.42
CA PRO A 24 12.81 0.64 15.30
C PRO A 24 12.77 1.93 14.47
N HIS A 25 13.88 2.67 14.47
CA HIS A 25 13.97 3.91 13.72
C HIS A 25 14.70 3.70 12.40
N THR A 26 13.92 3.55 11.33
CA THR A 26 14.50 3.34 10.00
C THR A 26 13.92 4.34 9.00
N GLU A 27 13.94 5.62 9.36
CA GLU A 27 13.42 6.66 8.50
C GLU A 27 11.92 6.48 8.23
N PRO A 28 11.23 7.58 7.95
CA PRO A 28 9.79 7.57 7.68
C PRO A 28 9.46 6.90 6.35
N SER A 29 8.18 6.60 6.15
CA SER A 29 7.73 5.95 4.93
C SER A 29 6.35 6.46 4.51
N GLN A 30 6.27 7.04 3.31
CA GLN A 30 5.02 7.56 2.80
C GLN A 30 4.41 6.63 1.76
N VAL A 31 4.81 5.36 1.82
CA VAL A 31 4.30 4.36 0.88
C VAL A 31 4.11 3.01 1.56
N VAL A 32 3.05 2.32 1.19
CA VAL A 32 2.76 1.01 1.77
C VAL A 32 2.67 -0.06 0.68
N LEU A 33 3.23 -1.23 0.98
CA LEU A 33 3.22 -2.33 0.03
C LEU A 33 2.24 -3.43 0.47
N ILE A 34 1.26 -3.71 -0.39
CA ILE A 34 0.27 -4.73 -0.08
C ILE A 34 0.47 -5.97 -0.95
N THR A 35 0.14 -7.14 -0.39
CA THR A 35 0.30 -8.39 -1.11
C THR A 35 -0.83 -9.36 -0.76
N ASN A 36 -0.73 -10.58 -1.27
CA ASN A 36 -1.74 -11.61 -1.00
C ASN A 36 -3.08 -11.22 -1.62
N ILE A 37 -3.02 -10.45 -2.71
CA ILE A 37 -4.22 -10.01 -3.40
C ILE A 37 -4.51 -10.88 -4.63
N ASN A 38 -5.77 -11.22 -4.82
CA ASN A 38 -6.18 -12.04 -5.96
C ASN A 38 -6.23 -11.22 -7.24
N PRO A 39 -5.48 -11.65 -8.25
CA PRO A 39 -5.43 -10.96 -9.55
C PRO A 39 -6.73 -11.11 -10.33
N GLU A 40 -7.63 -11.92 -9.81
CA GLU A 40 -8.93 -12.15 -10.46
C GLU A 40 -9.61 -10.81 -10.79
N VAL A 41 -9.32 -9.80 -9.99
CA VAL A 41 -9.90 -8.48 -10.19
C VAL A 41 -8.98 -7.59 -11.02
N PRO A 42 -9.55 -6.90 -12.02
CA PRO A 42 -8.80 -6.01 -12.89
C PRO A 42 -8.32 -4.76 -12.18
N LYS A 43 -7.10 -4.32 -12.48
CA LYS A 43 -6.54 -3.13 -11.87
C LYS A 43 -7.53 -1.98 -11.89
N GLU A 44 -8.33 -1.91 -12.95
CA GLU A 44 -9.33 -0.86 -13.09
C GLU A 44 -10.18 -0.73 -11.83
N LYS A 45 -10.79 -1.84 -11.42
CA LYS A 45 -11.62 -1.84 -10.22
C LYS A 45 -10.78 -2.04 -8.97
N LEU A 46 -9.82 -2.95 -9.05
CA LEU A 46 -8.93 -3.23 -7.93
C LEU A 46 -8.30 -1.96 -7.39
N GLN A 47 -7.73 -1.16 -8.29
CA GLN A 47 -7.09 0.09 -7.92
C GLN A 47 -8.11 1.06 -7.32
N ALA A 48 -9.23 1.24 -8.00
CA ALA A 48 -10.29 2.13 -7.54
C ALA A 48 -10.75 1.76 -6.13
N LEU A 49 -10.71 0.46 -5.83
CA LEU A 49 -11.13 -0.03 -4.53
C LEU A 49 -10.10 0.34 -3.46
N LEU A 50 -8.84 0.05 -3.74
CA LEU A 50 -7.76 0.35 -2.80
C LEU A 50 -7.78 1.82 -2.41
N TYR A 51 -8.27 2.66 -3.30
CA TYR A 51 -8.35 4.10 -3.05
C TYR A 51 -9.44 4.42 -2.04
N ALA A 52 -10.61 3.81 -2.24
CA ALA A 52 -11.75 4.03 -1.35
C ALA A 52 -11.34 3.83 0.11
N LEU A 53 -10.79 2.65 0.40
CA LEU A 53 -10.36 2.33 1.76
C LEU A 53 -9.24 3.27 2.22
N ALA A 54 -8.30 3.54 1.33
CA ALA A 54 -7.18 4.42 1.65
C ALA A 54 -7.69 5.79 2.10
N SER A 55 -8.52 6.41 1.28
CA SER A 55 -9.07 7.73 1.58
C SER A 55 -9.82 7.70 2.91
N SER A 56 -10.43 6.57 3.22
CA SER A 56 -11.17 6.42 4.47
C SER A 56 -10.29 6.70 5.67
N GLN A 57 -8.98 6.56 5.49
CA GLN A 57 -8.03 6.79 6.57
C GLN A 57 -7.19 8.04 6.29
N GLY A 58 -6.25 7.93 5.36
CA GLY A 58 -5.40 9.05 5.01
C GLY A 58 -5.51 9.44 3.55
N ASP A 59 -4.85 10.53 3.18
CA ASP A 59 -4.88 11.00 1.80
C ASP A 59 -3.94 10.17 0.93
N ILE A 60 -4.33 9.96 -0.32
CA ILE A 60 -3.53 9.19 -1.26
C ILE A 60 -2.88 10.09 -2.30
N LEU A 61 -1.59 9.88 -2.54
CA LEU A 61 -0.85 10.68 -3.51
C LEU A 61 -0.72 9.93 -4.84
N ASP A 62 -0.78 8.61 -4.78
CA ASP A 62 -0.68 7.77 -5.97
C ASP A 62 -0.76 6.29 -5.61
N ILE A 63 -1.70 5.59 -6.24
CA ILE A 63 -1.90 4.17 -5.99
C ILE A 63 -1.34 3.33 -7.12
N VAL A 64 -0.27 2.59 -6.84
CA VAL A 64 0.35 1.73 -7.84
C VAL A 64 -0.10 0.29 -7.70
N VAL A 65 -0.16 -0.43 -8.81
CA VAL A 65 -0.58 -1.83 -8.82
C VAL A 65 0.13 -2.61 -9.90
N ASP A 66 0.62 -3.80 -9.55
CA ASP A 66 1.33 -4.64 -10.49
C ASP A 66 0.41 -5.07 -11.63
N LEU A 67 0.82 -6.09 -12.37
CA LEU A 67 0.03 -6.59 -13.50
C LEU A 67 -0.88 -7.73 -13.05
N SER A 68 -1.18 -7.77 -11.76
CA SER A 68 -2.04 -8.82 -11.21
C SER A 68 -1.59 -10.20 -11.68
N ASP A 69 -0.36 -10.57 -11.29
CA ASP A 69 0.18 -11.87 -11.67
C ASP A 69 -0.43 -12.98 -10.83
N ASP A 70 -0.60 -14.15 -11.44
CA ASP A 70 -1.18 -15.29 -10.74
C ASP A 70 -0.19 -15.88 -9.75
N ASN A 71 1.05 -15.39 -9.78
CA ASN A 71 2.10 -15.87 -8.88
C ASN A 71 2.60 -14.73 -8.00
N SER A 72 2.18 -13.51 -8.30
CA SER A 72 2.59 -12.35 -7.53
C SER A 72 1.37 -11.66 -6.89
N GLY A 73 0.59 -10.99 -7.72
CA GLY A 73 -0.59 -10.29 -7.22
C GLY A 73 -0.28 -9.40 -6.03
N LYS A 74 0.09 -8.16 -6.31
CA LYS A 74 0.42 -7.20 -5.26
C LYS A 74 0.18 -5.77 -5.73
N ALA A 75 0.46 -4.81 -4.85
CA ALA A 75 0.29 -3.40 -5.18
C ALA A 75 0.92 -2.50 -4.13
N TYR A 76 0.84 -1.20 -4.34
CA TYR A 76 1.40 -0.24 -3.40
C TYR A 76 0.55 1.02 -3.33
N ILE A 77 0.18 1.40 -2.11
CA ILE A 77 -0.65 2.59 -1.90
C ILE A 77 0.16 3.71 -1.27
N VAL A 78 0.41 4.77 -2.05
CA VAL A 78 1.17 5.91 -1.57
C VAL A 78 0.28 6.90 -0.84
N PHE A 79 0.64 7.23 0.40
CA PHE A 79 -0.13 8.17 1.21
C PHE A 79 0.62 9.49 1.38
N ALA A 80 0.01 10.42 2.09
CA ALA A 80 0.62 11.72 2.33
C ALA A 80 1.88 11.59 3.16
N THR A 81 1.84 10.73 4.17
CA THR A 81 2.98 10.51 5.05
C THR A 81 2.80 9.25 5.89
N GLN A 82 3.88 8.80 6.52
CA GLN A 82 3.84 7.61 7.36
C GLN A 82 2.72 7.70 8.38
N GLU A 83 2.40 8.92 8.79
CA GLU A 83 1.34 9.15 9.77
C GLU A 83 0.01 8.53 9.30
N SER A 84 -0.39 8.90 8.09
CA SER A 84 -1.64 8.40 7.52
C SER A 84 -1.50 6.93 7.11
N ALA A 85 -0.39 6.62 6.44
CA ALA A 85 -0.13 5.26 5.99
C ALA A 85 -0.23 4.26 7.14
N GLN A 86 0.53 4.51 8.21
CA GLN A 86 0.52 3.64 9.37
C GLN A 86 -0.90 3.44 9.89
N ALA A 87 -1.67 4.52 9.92
CA ALA A 87 -3.05 4.47 10.38
C ALA A 87 -3.87 3.49 9.55
N PHE A 88 -3.79 3.62 8.23
CA PHE A 88 -4.52 2.76 7.33
C PHE A 88 -4.03 1.32 7.42
N VAL A 89 -2.72 1.16 7.64
CA VAL A 89 -2.11 -0.15 7.75
C VAL A 89 -2.66 -0.91 8.95
N GLU A 90 -2.74 -0.22 10.09
CA GLU A 90 -3.24 -0.83 11.32
C GLU A 90 -4.76 -0.84 11.33
N ALA A 91 -5.37 0.05 10.55
CA ALA A 91 -6.81 0.15 10.47
C ALA A 91 -7.40 -0.99 9.65
N PHE A 92 -6.58 -1.58 8.79
CA PHE A 92 -7.01 -2.68 7.94
C PHE A 92 -6.10 -3.88 8.10
N GLN A 93 -5.16 -3.79 9.03
CA GLN A 93 -4.21 -4.87 9.29
C GLN A 93 -4.94 -6.20 9.42
N GLY A 94 -6.14 -6.16 9.97
CA GLY A 94 -6.92 -7.37 10.15
C GLY A 94 -8.36 -7.21 9.68
N TYR A 95 -8.54 -6.94 8.40
CA TYR A 95 -9.87 -6.75 7.83
C TYR A 95 -10.03 -7.57 6.55
N PRO A 96 -11.19 -8.23 6.41
CA PRO A 96 -11.49 -9.05 5.24
C PRO A 96 -11.71 -8.22 3.99
N PHE A 97 -10.71 -8.22 3.10
CA PHE A 97 -10.79 -7.46 1.86
C PHE A 97 -10.38 -8.32 0.67
N GLN A 98 -10.96 -8.05 -0.49
CA GLN A 98 -10.65 -8.79 -1.70
C GLN A 98 -10.85 -10.30 -1.48
N GLY A 99 -11.73 -10.64 -0.55
CA GLY A 99 -12.00 -12.03 -0.27
C GLY A 99 -11.94 -12.35 1.22
N ASN A 100 -10.78 -12.11 1.81
CA ASN A 100 -10.58 -12.37 3.24
C ASN A 100 -9.16 -12.03 3.67
N PRO A 101 -8.17 -12.71 3.06
CA PRO A 101 -6.75 -12.49 3.37
C PRO A 101 -6.26 -11.14 2.86
N LEU A 102 -6.03 -10.22 3.78
CA LEU A 102 -5.54 -8.88 3.44
C LEU A 102 -4.34 -8.50 4.29
N VAL A 103 -3.24 -8.15 3.63
CA VAL A 103 -2.02 -7.77 4.34
C VAL A 103 -1.61 -6.34 3.96
N ILE A 104 -1.23 -5.56 4.97
CA ILE A 104 -0.80 -4.18 4.74
C ILE A 104 0.44 -3.85 5.56
N THR A 105 1.47 -3.38 4.87
CA THR A 105 2.73 -3.03 5.53
C THR A 105 3.38 -1.82 4.86
N PHE A 106 4.41 -1.28 5.49
CA PHE A 106 5.13 -0.13 4.95
C PHE A 106 6.13 -0.58 3.88
N SER A 107 6.97 0.36 3.46
CA SER A 107 7.97 0.07 2.43
C SER A 107 9.19 0.98 2.59
N GLU A 108 10.16 0.82 1.70
CA GLU A 108 11.38 1.63 1.74
C GLU A 108 11.30 2.78 0.74
N THR A 109 11.76 3.95 1.17
CA THR A 109 11.75 5.13 0.32
C THR A 109 13.06 5.90 0.42
N PRO A 110 14.13 5.33 -0.16
CA PRO A 110 15.46 5.95 -0.14
C PRO A 110 15.52 7.20 -1.02
N GLN A 111 16.67 7.87 -1.00
CA GLN A 111 16.86 9.08 -1.79
C GLN A 111 18.34 9.34 -2.04
N SER A 112 19.12 8.26 -2.10
CA SER A 112 20.56 8.37 -2.34
C SER A 112 20.86 8.46 -3.83
N GLN A 113 19.96 7.90 -4.65
CA GLN A 113 20.13 7.91 -6.10
C GLN A 113 20.24 9.34 -6.61
N VAL A 114 19.61 10.27 -5.90
CA VAL A 114 19.63 11.67 -6.29
C VAL A 114 20.60 12.48 -5.43
N ALA A 115 21.59 11.79 -4.88
CA ALA A 115 22.59 12.43 -4.03
C ALA A 115 23.60 13.22 -4.87
N GLU A 116 24.18 12.55 -5.86
CA GLU A 116 25.17 13.20 -6.73
C GLU A 116 24.61 14.48 -7.32
N ASP A 117 23.29 14.51 -7.53
CA ASP A 117 22.64 15.69 -8.08
C ASP A 117 21.45 16.11 -7.21
N THR A 22 17.75 -1.58 19.98
CA THR A 22 16.56 -0.79 20.26
C THR A 22 16.34 0.27 19.18
N PRO A 23 15.99 -0.20 17.97
CA PRO A 23 15.72 0.68 16.84
C PRO A 23 14.44 1.50 17.01
N PRO A 24 14.59 2.81 17.17
CA PRO A 24 13.46 3.72 17.35
C PRO A 24 12.63 3.87 16.07
N HIS A 25 13.32 3.96 14.94
CA HIS A 25 12.65 4.12 13.65
C HIS A 25 13.63 3.92 12.50
N THR A 26 13.21 3.17 11.49
CA THR A 26 14.06 2.90 10.33
C THR A 26 13.67 3.78 9.15
N GLU A 27 13.91 5.09 9.28
CA GLU A 27 13.58 6.03 8.22
C GLU A 27 12.07 6.06 7.97
N PRO A 28 11.59 7.22 7.47
CA PRO A 28 10.17 7.40 7.18
C PRO A 28 9.70 6.57 5.99
N SER A 29 8.38 6.48 5.82
CA SER A 29 7.81 5.70 4.72
C SER A 29 6.38 6.16 4.42
N GLN A 30 6.23 6.91 3.34
CA GLN A 30 4.92 7.41 2.94
C GLN A 30 4.27 6.48 1.92
N VAL A 31 4.71 5.23 1.89
CA VAL A 31 4.17 4.25 0.96
C VAL A 31 3.98 2.91 1.65
N VAL A 32 2.90 2.21 1.27
CA VAL A 32 2.60 0.90 1.85
C VAL A 32 2.54 -0.17 0.77
N LEU A 33 3.06 -1.35 1.10
CA LEU A 33 3.07 -2.46 0.16
C LEU A 33 2.06 -3.53 0.57
N ILE A 34 1.09 -3.79 -0.30
CA ILE A 34 0.07 -4.79 -0.03
C ILE A 34 0.28 -6.04 -0.88
N THR A 35 -0.08 -7.18 -0.32
CA THR A 35 0.06 -8.46 -1.02
C THR A 35 -1.09 -9.40 -0.71
N ASN A 36 -0.99 -10.63 -1.21
CA ASN A 36 -2.03 -11.63 -0.98
C ASN A 36 -3.32 -11.23 -1.67
N ILE A 37 -3.20 -10.44 -2.74
CA ILE A 37 -4.36 -10.00 -3.49
C ILE A 37 -4.59 -10.86 -4.73
N ASN A 38 -5.85 -11.19 -5.00
CA ASN A 38 -6.20 -12.01 -6.15
C ASN A 38 -6.25 -11.17 -7.42
N PRO A 39 -5.50 -11.59 -8.45
CA PRO A 39 -5.45 -10.88 -9.73
C PRO A 39 -6.76 -11.01 -10.52
N GLU A 40 -7.67 -11.83 -10.00
CA GLU A 40 -8.96 -12.04 -10.65
C GLU A 40 -9.63 -10.70 -10.96
N VAL A 41 -9.34 -9.69 -10.15
CA VAL A 41 -9.92 -8.36 -10.34
C VAL A 41 -9.00 -7.49 -11.19
N PRO A 42 -9.58 -6.79 -12.17
CA PRO A 42 -8.83 -5.91 -13.07
C PRO A 42 -8.34 -4.66 -12.36
N LYS A 43 -7.11 -4.24 -12.67
CA LYS A 43 -6.52 -3.06 -12.06
C LYS A 43 -7.50 -1.88 -12.09
N GLU A 44 -8.31 -1.83 -13.14
CA GLU A 44 -9.28 -0.75 -13.28
C GLU A 44 -10.13 -0.61 -12.02
N LYS A 45 -10.75 -1.71 -11.60
CA LYS A 45 -11.58 -1.70 -10.41
C LYS A 45 -10.75 -1.90 -9.15
N LEU A 46 -9.79 -2.83 -9.23
CA LEU A 46 -8.91 -3.12 -8.10
C LEU A 46 -8.27 -1.84 -7.58
N GLN A 47 -7.71 -1.05 -8.49
CA GLN A 47 -7.06 0.20 -8.12
C GLN A 47 -8.06 1.18 -7.51
N ALA A 48 -9.19 1.36 -8.19
CA ALA A 48 -10.23 2.27 -7.73
C ALA A 48 -10.70 1.87 -6.33
N LEU A 49 -10.67 0.57 -6.04
CA LEU A 49 -11.11 0.07 -4.75
C LEU A 49 -10.10 0.43 -3.66
N LEU A 50 -8.83 0.13 -3.92
CA LEU A 50 -7.77 0.41 -2.96
C LEU A 50 -7.77 1.89 -2.57
N TYR A 51 -8.24 2.74 -3.49
CA TYR A 51 -8.30 4.17 -3.23
C TYR A 51 -9.41 4.51 -2.25
N ALA A 52 -10.59 3.93 -2.48
CA ALA A 52 -11.74 4.17 -1.61
C ALA A 52 -11.37 3.95 -0.15
N LEU A 53 -10.84 2.78 0.15
CA LEU A 53 -10.45 2.45 1.52
C LEU A 53 -9.33 3.37 2.01
N ALA A 54 -8.36 3.61 1.14
CA ALA A 54 -7.24 4.49 1.49
C ALA A 54 -7.72 5.86 1.93
N SER A 55 -8.53 6.50 1.09
CA SER A 55 -9.06 7.82 1.38
C SER A 55 -9.86 7.80 2.68
N SER A 56 -10.47 6.67 2.98
CA SER A 56 -11.27 6.52 4.20
C SER A 56 -10.42 6.81 5.44
N GLN A 57 -9.11 6.66 5.30
CA GLN A 57 -8.19 6.90 6.41
C GLN A 57 -7.35 8.15 6.15
N GLY A 58 -6.37 8.01 5.25
CA GLY A 58 -5.50 9.13 4.93
C GLY A 58 -5.55 9.49 3.46
N ASP A 59 -4.90 10.60 3.11
CA ASP A 59 -4.89 11.06 1.72
C ASP A 59 -3.94 10.21 0.88
N ILE A 60 -4.27 10.04 -0.39
CA ILE A 60 -3.45 9.25 -1.29
C ILE A 60 -2.75 10.13 -2.32
N LEU A 61 -1.46 9.91 -2.52
CA LEU A 61 -0.67 10.69 -3.47
C LEU A 61 -0.53 9.94 -4.79
N ASP A 62 -0.60 8.61 -4.73
CA ASP A 62 -0.48 7.78 -5.92
C ASP A 62 -0.61 6.30 -5.56
N ILE A 63 -1.54 5.62 -6.22
CA ILE A 63 -1.76 4.19 -5.96
C ILE A 63 -1.18 3.34 -7.09
N VAL A 64 -0.13 2.59 -6.78
CA VAL A 64 0.51 1.73 -7.76
C VAL A 64 0.02 0.29 -7.64
N VAL A 65 -0.05 -0.39 -8.77
CA VAL A 65 -0.51 -1.78 -8.79
C VAL A 65 0.27 -2.60 -9.82
N ASP A 66 0.70 -3.79 -9.40
CA ASP A 66 1.46 -4.67 -10.29
C ASP A 66 0.62 -5.08 -11.49
N LEU A 67 1.06 -6.13 -12.19
CA LEU A 67 0.36 -6.63 -13.36
C LEU A 67 -0.62 -7.74 -12.98
N SER A 68 -0.96 -7.80 -11.70
CA SER A 68 -1.89 -8.82 -11.21
C SER A 68 -1.46 -10.22 -11.66
N ASP A 69 -0.27 -10.63 -11.22
CA ASP A 69 0.26 -11.94 -11.57
C ASP A 69 -0.44 -13.04 -10.78
N ASP A 70 -0.62 -14.20 -11.42
CA ASP A 70 -1.26 -15.33 -10.78
C ASP A 70 -0.35 -15.97 -9.73
N ASN A 71 0.90 -15.52 -9.70
CA ASN A 71 1.88 -16.05 -8.75
C ASN A 71 2.38 -14.95 -7.83
N SER A 72 2.03 -13.70 -8.14
CA SER A 72 2.46 -12.57 -7.34
C SER A 72 1.25 -11.83 -6.76
N GLY A 73 0.54 -11.11 -7.61
CA GLY A 73 -0.63 -10.37 -7.17
C GLY A 73 -0.34 -9.48 -5.99
N LYS A 74 0.08 -8.25 -6.26
CA LYS A 74 0.40 -7.30 -5.20
C LYS A 74 0.25 -5.86 -5.71
N ALA A 75 0.42 -4.90 -4.80
CA ALA A 75 0.31 -3.49 -5.16
C ALA A 75 0.92 -2.61 -4.07
N TYR A 76 0.88 -1.30 -4.28
CA TYR A 76 1.44 -0.35 -3.33
C TYR A 76 0.60 0.93 -3.30
N ILE A 77 0.18 1.32 -2.10
CA ILE A 77 -0.61 2.53 -1.92
C ILE A 77 0.19 3.64 -1.25
N VAL A 78 0.47 4.70 -2.00
CA VAL A 78 1.24 5.83 -1.48
C VAL A 78 0.32 6.83 -0.78
N PHE A 79 0.64 7.15 0.46
CA PHE A 79 -0.15 8.10 1.24
C PHE A 79 0.60 9.41 1.44
N ALA A 80 -0.03 10.36 2.11
CA ALA A 80 0.58 11.66 2.36
C ALA A 80 1.84 11.51 3.21
N THR A 81 1.77 10.64 4.22
CA THR A 81 2.89 10.42 5.11
C THR A 81 2.68 9.16 5.95
N GLN A 82 3.76 8.70 6.59
CA GLN A 82 3.69 7.50 7.42
C GLN A 82 2.55 7.60 8.44
N GLU A 83 2.23 8.83 8.85
CA GLU A 83 1.16 9.06 9.81
C GLU A 83 -0.15 8.48 9.31
N SER A 84 -0.53 8.84 8.09
CA SER A 84 -1.77 8.35 7.50
C SER A 84 -1.64 6.89 7.09
N ALA A 85 -0.52 6.55 6.46
CA ALA A 85 -0.27 5.19 6.02
C ALA A 85 -0.44 4.19 7.17
N GLN A 86 0.31 4.44 8.26
CA GLN A 86 0.24 3.57 9.42
C GLN A 86 -1.20 3.40 9.91
N ALA A 87 -1.94 4.49 9.90
CA ALA A 87 -3.34 4.46 10.33
C ALA A 87 -4.16 3.51 9.48
N PHE A 88 -4.03 3.63 8.17
CA PHE A 88 -4.76 2.77 7.24
C PHE A 88 -4.28 1.32 7.36
N VAL A 89 -2.99 1.14 7.59
CA VAL A 89 -2.42 -0.19 7.72
C VAL A 89 -3.01 -0.92 8.92
N GLU A 90 -3.10 -0.23 10.05
CA GLU A 90 -3.65 -0.83 11.25
C GLU A 90 -5.18 -0.81 11.23
N ALA A 91 -5.73 0.09 10.42
CA ALA A 91 -7.19 0.21 10.31
C ALA A 91 -7.77 -0.93 9.47
N PHE A 92 -6.93 -1.53 8.63
CA PHE A 92 -7.36 -2.63 7.79
C PHE A 92 -6.47 -3.84 7.98
N GLN A 93 -5.55 -3.75 8.94
CA GLN A 93 -4.64 -4.85 9.23
C GLN A 93 -5.39 -6.17 9.35
N GLY A 94 -6.61 -6.10 9.87
CA GLY A 94 -7.41 -7.30 10.04
C GLY A 94 -8.83 -7.12 9.54
N TYR A 95 -8.98 -6.86 8.25
CA TYR A 95 -10.29 -6.66 7.65
C TYR A 95 -10.43 -7.48 6.36
N PRO A 96 -11.60 -8.12 6.20
CA PRO A 96 -11.89 -8.95 5.03
C PRO A 96 -12.07 -8.11 3.77
N PHE A 97 -11.05 -8.13 2.91
CA PHE A 97 -11.09 -7.37 1.66
C PHE A 97 -10.69 -8.25 0.47
N GLN A 98 -11.31 -7.99 -0.67
CA GLN A 98 -11.03 -8.76 -1.88
C GLN A 98 -11.26 -10.25 -1.64
N GLY A 99 -12.11 -10.56 -0.67
CA GLY A 99 -12.40 -11.95 -0.37
C GLY A 99 -12.34 -12.24 1.13
N ASN A 100 -11.18 -12.00 1.73
CA ASN A 100 -11.00 -12.24 3.15
C ASN A 100 -9.57 -11.94 3.58
N PRO A 101 -8.61 -12.64 2.96
CA PRO A 101 -7.18 -12.47 3.26
C PRO A 101 -6.65 -11.13 2.77
N LEU A 102 -6.41 -10.21 3.69
CA LEU A 102 -5.90 -8.88 3.34
C LEU A 102 -4.71 -8.51 4.23
N VAL A 103 -3.60 -8.17 3.60
CA VAL A 103 -2.39 -7.79 4.32
C VAL A 103 -1.94 -6.38 3.95
N ILE A 104 -1.57 -5.59 4.96
CA ILE A 104 -1.12 -4.23 4.74
C ILE A 104 0.11 -3.91 5.57
N THR A 105 1.17 -3.46 4.91
CA THR A 105 2.41 -3.12 5.60
C THR A 105 3.10 -1.94 4.92
N PHE A 106 4.11 -1.39 5.60
CA PHE A 106 4.85 -0.25 5.07
C PHE A 106 5.85 -0.71 4.01
N SER A 107 6.72 0.21 3.60
CA SER A 107 7.73 -0.09 2.59
C SER A 107 8.96 0.78 2.78
N GLU A 108 9.89 0.70 1.82
CA GLU A 108 11.12 1.48 1.89
C GLU A 108 11.10 2.61 0.86
N THR A 109 11.47 3.81 1.29
CA THR A 109 11.49 4.97 0.41
C THR A 109 12.84 5.68 0.47
N PRO A 110 13.88 5.05 -0.11
CA PRO A 110 15.23 5.61 -0.13
C PRO A 110 15.34 6.82 -1.03
N GLN A 111 16.54 7.40 -1.09
CA GLN A 111 16.77 8.59 -1.92
C GLN A 111 18.10 8.46 -2.68
N SER A 112 18.38 7.26 -3.17
CA SER A 112 19.62 7.00 -3.90
C SER A 112 19.41 7.19 -5.40
N GLN A 113 18.17 6.99 -5.84
CA GLN A 113 17.83 7.14 -7.25
C GLN A 113 18.30 8.48 -7.80
N VAL A 114 18.08 9.55 -7.02
CA VAL A 114 18.48 10.88 -7.41
C VAL A 114 20.00 10.97 -7.58
N ALA A 115 20.44 11.89 -8.43
CA ALA A 115 21.87 12.09 -8.68
C ALA A 115 22.56 12.65 -7.46
N GLU A 116 21.85 13.49 -6.70
CA GLU A 116 22.42 14.10 -5.51
C GLU A 116 22.99 13.03 -4.56
N ASP A 117 22.40 11.84 -4.61
CA ASP A 117 22.84 10.74 -3.76
C ASP A 117 22.84 11.15 -2.29
N THR A 22 19.21 -2.17 17.60
CA THR A 22 18.28 -2.30 16.48
C THR A 22 17.10 -1.35 16.65
N PRO A 23 17.37 -0.04 16.53
CA PRO A 23 16.34 0.99 16.65
C PRO A 23 15.36 1.00 15.47
N PRO A 24 14.11 0.62 15.74
CA PRO A 24 13.06 0.56 14.72
C PRO A 24 12.65 1.95 14.23
N HIS A 25 12.06 2.01 13.05
CA HIS A 25 11.62 3.27 12.48
C HIS A 25 12.75 4.29 12.47
N THR A 26 13.61 4.21 11.47
CA THR A 26 14.75 5.12 11.35
C THR A 26 14.51 6.16 10.26
N GLU A 27 13.69 5.80 9.28
CA GLU A 27 13.37 6.69 8.17
C GLU A 27 11.87 6.76 7.94
N PRO A 28 11.42 7.86 7.31
CA PRO A 28 10.00 8.08 7.01
C PRO A 28 9.48 7.13 5.94
N SER A 29 8.17 6.97 5.89
CA SER A 29 7.54 6.08 4.91
C SER A 29 6.11 6.53 4.61
N GLN A 30 5.96 7.27 3.51
CA GLN A 30 4.63 7.75 3.11
C GLN A 30 3.99 6.82 2.09
N VAL A 31 4.45 5.57 2.08
CA VAL A 31 3.91 4.58 1.15
C VAL A 31 3.77 3.21 1.83
N VAL A 32 2.75 2.46 1.42
CA VAL A 32 2.49 1.15 1.99
C VAL A 32 2.42 0.09 0.90
N LEU A 33 3.02 -1.07 1.17
CA LEU A 33 3.03 -2.17 0.20
C LEU A 33 2.07 -3.27 0.64
N ILE A 34 1.10 -3.58 -0.22
CA ILE A 34 0.12 -4.62 0.07
C ILE A 34 0.34 -5.84 -0.82
N THR A 35 0.02 -7.02 -0.28
CA THR A 35 0.19 -8.26 -1.01
C THR A 35 -0.95 -9.23 -0.70
N ASN A 36 -0.84 -10.45 -1.22
CA ASN A 36 -1.85 -11.48 -1.00
C ASN A 36 -3.18 -11.08 -1.64
N ILE A 37 -3.09 -10.35 -2.75
CA ILE A 37 -4.29 -9.90 -3.47
C ILE A 37 -4.51 -10.73 -4.72
N ASN A 38 -5.77 -11.12 -4.94
CA ASN A 38 -6.13 -11.93 -6.11
C ASN A 38 -6.19 -11.06 -7.36
N PRO A 39 -5.42 -11.44 -8.39
CA PRO A 39 -5.37 -10.72 -9.67
C PRO A 39 -6.66 -10.87 -10.46
N GLU A 40 -7.56 -11.72 -9.97
CA GLU A 40 -8.84 -11.95 -10.63
C GLU A 40 -9.55 -10.62 -10.94
N VAL A 41 -9.29 -9.62 -10.11
CA VAL A 41 -9.89 -8.31 -10.29
C VAL A 41 -9.00 -7.40 -11.13
N PRO A 42 -9.61 -6.72 -12.11
CA PRO A 42 -8.88 -5.81 -13.00
C PRO A 42 -8.41 -4.55 -12.29
N LYS A 43 -7.20 -4.11 -12.62
CA LYS A 43 -6.64 -2.91 -12.01
C LYS A 43 -7.64 -1.76 -12.01
N GLU A 44 -8.47 -1.71 -13.05
CA GLU A 44 -9.47 -0.66 -13.18
C GLU A 44 -10.30 -0.55 -11.89
N LYS A 45 -10.89 -1.66 -11.48
CA LYS A 45 -11.70 -1.69 -10.27
C LYS A 45 -10.83 -1.88 -9.03
N LEU A 46 -9.86 -2.78 -9.13
CA LEU A 46 -8.95 -3.05 -8.02
C LEU A 46 -8.33 -1.77 -7.50
N GLN A 47 -7.77 -0.98 -8.41
CA GLN A 47 -7.13 0.27 -8.03
C GLN A 47 -8.14 1.23 -7.40
N ALA A 48 -9.28 1.41 -8.06
CA ALA A 48 -10.32 2.30 -7.56
C ALA A 48 -10.73 1.90 -6.14
N LEU A 49 -10.98 0.62 -5.94
CA LEU A 49 -11.37 0.11 -4.62
C LEU A 49 -10.34 0.46 -3.56
N LEU A 50 -9.08 0.18 -3.86
CA LEU A 50 -7.99 0.48 -2.93
C LEU A 50 -8.02 1.94 -2.50
N TYR A 51 -8.39 2.82 -3.43
CA TYR A 51 -8.46 4.25 -3.14
C TYR A 51 -9.66 4.57 -2.28
N ALA A 52 -10.80 3.99 -2.63
CA ALA A 52 -12.04 4.21 -1.88
C ALA A 52 -11.86 3.86 -0.41
N LEU A 53 -11.38 2.65 -0.15
CA LEU A 53 -11.15 2.19 1.22
C LEU A 53 -10.01 2.95 1.88
N ALA A 54 -9.06 3.39 1.06
CA ALA A 54 -7.92 4.15 1.56
C ALA A 54 -8.34 5.52 2.08
N SER A 55 -9.06 6.27 1.25
CA SER A 55 -9.53 7.59 1.62
C SER A 55 -10.28 7.56 2.95
N SER A 56 -10.91 6.42 3.23
CA SER A 56 -11.65 6.26 4.47
C SER A 56 -10.77 6.51 5.69
N GLN A 57 -9.46 6.33 5.50
CA GLN A 57 -8.51 6.54 6.58
C GLN A 57 -7.70 7.81 6.36
N GLY A 58 -6.81 7.78 5.37
CA GLY A 58 -5.98 8.93 5.08
C GLY A 58 -6.05 9.33 3.62
N ASP A 59 -5.40 10.44 3.28
CA ASP A 59 -5.38 10.93 1.91
C ASP A 59 -4.40 10.13 1.05
N ILE A 60 -4.77 9.86 -0.19
CA ILE A 60 -3.93 9.11 -1.11
C ILE A 60 -3.26 10.04 -2.11
N LEU A 61 -1.96 9.84 -2.33
CA LEU A 61 -1.20 10.64 -3.27
C LEU A 61 -1.02 9.91 -4.60
N ASP A 62 -1.02 8.59 -4.54
CA ASP A 62 -0.86 7.77 -5.74
C ASP A 62 -0.89 6.28 -5.38
N ILE A 63 -1.78 5.54 -6.04
CA ILE A 63 -1.91 4.11 -5.80
C ILE A 63 -1.34 3.30 -6.95
N VAL A 64 -0.22 2.61 -6.70
CA VAL A 64 0.42 1.79 -7.72
C VAL A 64 -0.07 0.35 -7.66
N VAL A 65 -0.19 -0.27 -8.83
CA VAL A 65 -0.65 -1.66 -8.91
C VAL A 65 0.15 -2.43 -9.95
N ASP A 66 0.62 -3.62 -9.56
CA ASP A 66 1.40 -4.46 -10.45
C ASP A 66 0.56 -4.89 -11.66
N LEU A 67 1.02 -5.92 -12.35
CA LEU A 67 0.33 -6.43 -13.53
C LEU A 67 -0.62 -7.56 -13.15
N SER A 68 -1.06 -7.57 -11.89
CA SER A 68 -1.96 -8.60 -11.40
C SER A 68 -1.48 -9.99 -11.80
N ASP A 69 -0.26 -10.32 -11.40
CA ASP A 69 0.32 -11.62 -11.72
C ASP A 69 -0.32 -12.72 -10.88
N ASP A 70 -0.45 -13.90 -11.47
CA ASP A 70 -1.05 -15.04 -10.78
C ASP A 70 -0.08 -15.64 -9.77
N ASN A 71 1.14 -15.13 -9.76
CA ASN A 71 2.18 -15.61 -8.85
C ASN A 71 2.66 -14.50 -7.93
N SER A 72 2.24 -13.27 -8.22
CA SER A 72 2.63 -12.11 -7.42
C SER A 72 1.41 -11.45 -6.81
N GLY A 73 0.63 -10.75 -7.64
CA GLY A 73 -0.55 -10.07 -7.17
C GLY A 73 -0.27 -9.19 -5.97
N LYS A 74 0.10 -7.93 -6.22
CA LYS A 74 0.40 -6.99 -5.15
C LYS A 74 0.14 -5.55 -5.61
N ALA A 75 0.32 -4.60 -4.70
CA ALA A 75 0.12 -3.20 -5.02
C ALA A 75 0.73 -2.30 -3.94
N TYR A 76 0.61 -0.99 -4.13
CA TYR A 76 1.16 -0.03 -3.18
C TYR A 76 0.26 1.21 -3.09
N ILE A 77 -0.12 1.56 -1.86
CA ILE A 77 -0.97 2.72 -1.63
C ILE A 77 -0.19 3.84 -0.97
N VAL A 78 0.11 4.89 -1.74
CA VAL A 78 0.85 6.03 -1.23
C VAL A 78 -0.08 7.02 -0.54
N PHE A 79 0.23 7.34 0.72
CA PHE A 79 -0.57 8.27 1.49
C PHE A 79 0.17 9.59 1.70
N ALA A 80 -0.50 10.54 2.34
CA ALA A 80 0.09 11.85 2.60
C ALA A 80 1.40 11.71 3.37
N THR A 81 1.39 10.87 4.41
CA THR A 81 2.57 10.64 5.23
C THR A 81 2.42 9.39 6.07
N GLN A 82 3.51 9.00 6.74
CA GLN A 82 3.49 7.81 7.58
C GLN A 82 2.34 7.85 8.57
N GLU A 83 1.93 9.07 8.96
CA GLU A 83 0.83 9.24 9.90
C GLU A 83 -0.45 8.60 9.37
N SER A 84 -0.80 8.93 8.13
CA SER A 84 -2.01 8.39 7.50
C SER A 84 -1.81 6.91 7.13
N ALA A 85 -0.67 6.61 6.53
CA ALA A 85 -0.37 5.25 6.13
C ALA A 85 -0.51 4.28 7.30
N GLN A 86 0.10 4.64 8.43
CA GLN A 86 0.06 3.81 9.62
C GLN A 86 -1.39 3.56 10.05
N ALA A 87 -2.19 4.62 10.07
CA ALA A 87 -3.58 4.53 10.45
C ALA A 87 -4.35 3.58 9.53
N PHE A 88 -4.00 3.61 8.24
CA PHE A 88 -4.66 2.76 7.27
C PHE A 88 -4.18 1.31 7.39
N VAL A 89 -2.90 1.14 7.71
CA VAL A 89 -2.33 -0.18 7.87
C VAL A 89 -2.91 -0.90 9.08
N GLU A 90 -3.11 -0.15 10.16
CA GLU A 90 -3.67 -0.72 11.39
C GLU A 90 -5.19 -0.83 11.30
N ALA A 91 -5.78 0.04 10.48
CA ALA A 91 -7.22 0.04 10.30
C ALA A 91 -7.67 -1.12 9.42
N PHE A 92 -6.76 -1.61 8.59
CA PHE A 92 -7.06 -2.72 7.69
C PHE A 92 -6.20 -3.94 8.01
N GLN A 93 -5.33 -3.80 9.01
CA GLN A 93 -4.45 -4.88 9.42
C GLN A 93 -5.22 -6.19 9.55
N GLY A 94 -6.48 -6.09 9.97
CA GLY A 94 -7.29 -7.27 10.14
C GLY A 94 -8.69 -7.09 9.57
N TYR A 95 -8.76 -6.80 8.29
CA TYR A 95 -10.05 -6.59 7.62
C TYR A 95 -10.13 -7.42 6.34
N PRO A 96 -11.30 -8.07 6.14
CA PRO A 96 -11.54 -8.90 4.96
C PRO A 96 -11.65 -8.08 3.67
N PHE A 97 -10.61 -8.12 2.86
CA PHE A 97 -10.59 -7.38 1.61
C PHE A 97 -10.13 -8.27 0.45
N GLN A 98 -10.69 -8.04 -0.72
CA GLN A 98 -10.34 -8.82 -1.91
C GLN A 98 -10.56 -10.31 -1.66
N GLY A 99 -11.45 -10.62 -0.73
CA GLY A 99 -11.73 -12.01 -0.41
C GLY A 99 -11.76 -12.27 1.08
N ASN A 100 -10.62 -12.07 1.73
CA ASN A 100 -10.51 -12.28 3.17
C ASN A 100 -9.10 -11.98 3.66
N PRO A 101 -8.12 -12.72 3.14
CA PRO A 101 -6.70 -12.55 3.51
C PRO A 101 -6.13 -11.24 2.99
N LEU A 102 -6.03 -10.24 3.87
CA LEU A 102 -5.50 -8.94 3.49
C LEU A 102 -4.30 -8.57 4.37
N VAL A 103 -3.25 -8.06 3.75
CA VAL A 103 -2.05 -7.67 4.47
C VAL A 103 -1.63 -6.24 4.12
N ILE A 104 -1.28 -5.46 5.13
CA ILE A 104 -0.87 -4.08 4.92
C ILE A 104 0.39 -3.75 5.73
N THR A 105 1.39 -3.21 5.05
CA THR A 105 2.64 -2.86 5.70
C THR A 105 3.25 -1.60 5.08
N PHE A 106 4.21 -1.00 5.78
CA PHE A 106 4.87 0.20 5.30
C PHE A 106 5.89 -0.13 4.20
N SER A 107 6.66 0.88 3.80
CA SER A 107 7.65 0.70 2.75
C SER A 107 8.79 1.70 2.90
N GLU A 108 9.75 1.63 2.00
CA GLU A 108 10.89 2.55 2.03
C GLU A 108 10.73 3.66 1.00
N THR A 109 11.22 4.85 1.33
CA THR A 109 11.13 5.99 0.44
C THR A 109 12.46 6.75 0.37
N PRO A 110 13.46 6.13 -0.27
CA PRO A 110 14.79 6.73 -0.42
C PRO A 110 14.79 7.93 -1.35
N GLN A 111 15.97 8.49 -1.60
CA GLN A 111 16.10 9.64 -2.49
C GLN A 111 17.57 10.01 -2.69
N SER A 112 18.36 9.86 -1.62
CA SER A 112 19.78 10.18 -1.68
C SER A 112 20.51 9.26 -2.65
N GLN A 113 19.96 8.06 -2.83
CA GLN A 113 20.56 7.08 -3.73
C GLN A 113 20.82 7.69 -5.10
N VAL A 114 19.82 8.38 -5.64
CA VAL A 114 19.94 9.01 -6.95
C VAL A 114 20.68 10.34 -6.84
N ALA A 115 20.64 10.96 -5.67
CA ALA A 115 21.31 12.23 -5.45
C ALA A 115 22.82 12.08 -5.58
N GLU A 116 23.32 10.87 -5.36
CA GLU A 116 24.75 10.60 -5.45
C GLU A 116 25.26 10.90 -6.85
N ASP A 117 24.47 10.55 -7.86
CA ASP A 117 24.85 10.79 -9.25
C ASP A 117 24.05 11.93 -9.85
N THR A 22 15.27 15.40 16.95
CA THR A 22 14.55 14.40 16.18
C THR A 22 14.77 14.59 14.69
N PRO A 23 16.00 14.32 14.22
CA PRO A 23 16.36 14.46 12.82
C PRO A 23 15.70 13.41 11.93
N PRO A 24 14.77 13.86 11.07
CA PRO A 24 14.04 12.97 10.15
C PRO A 24 14.95 12.41 9.06
N HIS A 25 14.89 11.10 8.88
CA HIS A 25 15.71 10.44 7.86
C HIS A 25 14.83 9.89 6.74
N THR A 26 14.32 10.80 5.90
CA THR A 26 13.45 10.41 4.79
C THR A 26 12.26 9.61 5.28
N GLU A 27 11.84 9.87 6.51
CA GLU A 27 10.70 9.17 7.09
C GLU A 27 10.98 7.68 7.22
N PRO A 28 10.31 7.03 8.19
CA PRO A 28 10.47 5.60 8.44
C PRO A 28 9.88 4.74 7.32
N SER A 29 8.65 5.04 6.94
CA SER A 29 7.97 4.30 5.89
C SER A 29 6.55 4.84 5.67
N GLN A 30 6.41 5.70 4.66
CA GLN A 30 5.12 6.29 4.34
C GLN A 30 4.42 5.51 3.23
N VAL A 31 4.78 4.23 3.09
CA VAL A 31 4.19 3.38 2.07
C VAL A 31 3.87 2.00 2.63
N VAL A 32 2.91 1.31 2.00
CA VAL A 32 2.53 -0.02 2.43
C VAL A 32 2.45 -0.98 1.26
N LEU A 33 2.92 -2.21 1.47
CA LEU A 33 2.92 -3.23 0.43
C LEU A 33 1.84 -4.28 0.70
N ILE A 34 0.90 -4.41 -0.23
CA ILE A 34 -0.17 -5.38 -0.10
C ILE A 34 0.01 -6.55 -1.06
N THR A 35 -0.41 -7.73 -0.64
CA THR A 35 -0.29 -8.93 -1.46
C THR A 35 -1.51 -9.84 -1.30
N ASN A 36 -1.45 -11.01 -1.92
CA ASN A 36 -2.55 -11.97 -1.84
C ASN A 36 -3.79 -11.42 -2.55
N ILE A 37 -3.57 -10.53 -3.50
CA ILE A 37 -4.67 -9.92 -4.26
C ILE A 37 -4.90 -10.66 -5.57
N ASN A 38 -6.16 -10.89 -5.91
CA ASN A 38 -6.50 -11.58 -7.14
C ASN A 38 -6.51 -10.61 -8.33
N PRO A 39 -5.74 -10.96 -9.37
CA PRO A 39 -5.65 -10.14 -10.58
C PRO A 39 -6.94 -10.14 -11.39
N GLU A 40 -7.90 -10.95 -10.98
CA GLU A 40 -9.17 -11.04 -11.67
C GLU A 40 -9.79 -9.65 -11.86
N VAL A 41 -9.47 -8.75 -10.94
CA VAL A 41 -9.98 -7.38 -11.02
C VAL A 41 -9.00 -6.47 -11.74
N PRO A 42 -9.54 -5.65 -12.67
CA PRO A 42 -8.73 -4.71 -13.45
C PRO A 42 -8.20 -3.56 -12.60
N LYS A 43 -6.95 -3.17 -12.85
CA LYS A 43 -6.33 -2.08 -12.10
C LYS A 43 -7.26 -0.87 -12.04
N GLU A 44 -8.04 -0.67 -13.09
CA GLU A 44 -8.97 0.45 -13.15
C GLU A 44 -9.84 0.50 -11.88
N LYS A 45 -10.52 -0.61 -11.60
CA LYS A 45 -11.38 -0.69 -10.42
C LYS A 45 -10.57 -1.05 -9.19
N LEU A 46 -9.66 -2.00 -9.33
CA LEU A 46 -8.83 -2.44 -8.23
C LEU A 46 -8.14 -1.26 -7.56
N GLN A 47 -7.52 -0.41 -8.37
CA GLN A 47 -6.83 0.77 -7.86
C GLN A 47 -7.80 1.73 -7.18
N ALA A 48 -8.90 2.03 -7.87
CA ALA A 48 -9.92 2.93 -7.33
C ALA A 48 -10.45 2.42 -5.99
N LEU A 49 -10.48 1.10 -5.84
CA LEU A 49 -10.97 0.48 -4.61
C LEU A 49 -9.98 0.68 -3.48
N LEU A 50 -8.72 0.35 -3.72
CA LEU A 50 -7.67 0.49 -2.72
C LEU A 50 -7.62 1.92 -2.19
N TYR A 51 -8.03 2.88 -3.02
CA TYR A 51 -8.02 4.28 -2.64
C TYR A 51 -9.15 4.57 -1.66
N ALA A 52 -10.35 4.11 -1.99
CA ALA A 52 -11.52 4.32 -1.14
C ALA A 52 -11.23 3.91 0.29
N LEU A 53 -10.77 2.67 0.47
CA LEU A 53 -10.45 2.15 1.80
C LEU A 53 -9.33 2.95 2.45
N ALA A 54 -8.30 3.26 1.67
CA ALA A 54 -7.16 4.02 2.15
C ALA A 54 -7.61 5.37 2.72
N SER A 55 -8.34 6.13 1.92
CA SER A 55 -8.82 7.44 2.33
C SER A 55 -9.66 7.32 3.60
N SER A 56 -10.33 6.19 3.76
CA SER A 56 -11.17 5.96 4.94
C SER A 56 -10.35 6.05 6.22
N GLN A 57 -9.04 5.88 6.09
CA GLN A 57 -8.15 5.94 7.24
C GLN A 57 -7.21 7.15 7.14
N GLY A 58 -6.21 7.04 6.26
CA GLY A 58 -5.27 8.14 6.08
C GLY A 58 -5.29 8.69 4.68
N ASP A 59 -4.51 9.75 4.45
CA ASP A 59 -4.43 10.37 3.13
C ASP A 59 -3.48 9.60 2.22
N ILE A 60 -3.84 9.53 0.94
CA ILE A 60 -3.02 8.82 -0.03
C ILE A 60 -2.28 9.80 -0.94
N LEU A 61 -0.99 9.54 -1.16
CA LEU A 61 -0.18 10.40 -2.02
C LEU A 61 0.01 9.77 -3.39
N ASP A 62 -0.12 8.44 -3.46
CA ASP A 62 0.03 7.72 -4.71
C ASP A 62 -0.18 6.22 -4.51
N ILE A 63 -1.12 5.66 -5.26
CA ILE A 63 -1.41 4.24 -5.15
C ILE A 63 -0.81 3.46 -6.33
N VAL A 64 0.20 2.66 -6.05
CA VAL A 64 0.86 1.85 -7.08
C VAL A 64 0.29 0.44 -7.12
N VAL A 65 0.20 -0.12 -8.33
CA VAL A 65 -0.31 -1.46 -8.51
C VAL A 65 0.49 -2.22 -9.55
N ASP A 66 0.84 -3.47 -9.24
CA ASP A 66 1.61 -4.30 -10.15
C ASP A 66 0.83 -4.55 -11.44
N LEU A 67 1.27 -5.55 -12.21
CA LEU A 67 0.62 -5.89 -13.47
C LEU A 67 -0.45 -6.96 -13.26
N SER A 68 -0.86 -7.15 -12.01
CA SER A 68 -1.88 -8.14 -11.69
C SER A 68 -1.51 -9.50 -12.28
N ASP A 69 -0.37 -10.04 -11.86
CA ASP A 69 0.09 -11.34 -12.35
C ASP A 69 -0.71 -12.47 -11.71
N ASP A 70 -0.93 -13.53 -12.47
CA ASP A 70 -1.67 -14.68 -11.97
C ASP A 70 -0.83 -15.49 -10.98
N ASN A 71 0.44 -15.13 -10.87
CA ASN A 71 1.35 -15.81 -9.96
C ASN A 71 1.91 -14.86 -8.91
N SER A 72 1.64 -13.57 -9.11
CA SER A 72 2.12 -12.55 -8.18
C SER A 72 0.95 -11.79 -7.56
N GLY A 73 0.31 -10.94 -8.36
CA GLY A 73 -0.83 -10.17 -7.87
C GLY A 73 -0.51 -9.43 -6.59
N LYS A 74 -0.01 -8.21 -6.72
CA LYS A 74 0.33 -7.39 -5.56
C LYS A 74 0.18 -5.91 -5.87
N ALA A 75 0.39 -5.07 -4.86
CA ALA A 75 0.28 -3.63 -5.03
C ALA A 75 0.89 -2.89 -3.85
N TYR A 76 0.92 -1.56 -3.94
CA TYR A 76 1.49 -0.74 -2.87
C TYR A 76 0.73 0.58 -2.74
N ILE A 77 0.28 0.88 -1.52
CA ILE A 77 -0.46 2.11 -1.26
C ILE A 77 0.38 3.10 -0.47
N VAL A 78 0.75 4.20 -1.11
CA VAL A 78 1.55 5.23 -0.48
C VAL A 78 0.67 6.22 0.29
N PHE A 79 0.98 6.39 1.58
CA PHE A 79 0.22 7.30 2.43
C PHE A 79 1.04 8.55 2.77
N ALA A 80 0.43 9.46 3.51
CA ALA A 80 1.11 10.69 3.90
C ALA A 80 2.29 10.40 4.81
N THR A 81 2.09 9.50 5.77
CA THR A 81 3.15 9.13 6.71
C THR A 81 2.85 7.79 7.36
N GLN A 82 3.88 7.20 7.97
CA GLN A 82 3.73 5.91 8.64
C GLN A 82 2.56 5.94 9.61
N GLU A 83 2.28 7.10 10.18
CA GLU A 83 1.18 7.25 11.13
C GLU A 83 -0.13 6.78 10.52
N SER A 84 -0.46 7.31 9.35
CA SER A 84 -1.69 6.95 8.65
C SER A 84 -1.59 5.55 8.06
N ALA A 85 -0.46 5.25 7.44
CA ALA A 85 -0.24 3.95 6.83
C ALA A 85 -0.48 2.82 7.84
N GLN A 86 0.19 2.91 8.98
CA GLN A 86 0.04 1.90 10.03
C GLN A 86 -1.42 1.79 10.48
N ALA A 87 -2.09 2.93 10.55
CA ALA A 87 -3.49 2.96 10.97
C ALA A 87 -4.36 2.13 10.02
N PHE A 88 -4.18 2.34 8.72
CA PHE A 88 -4.95 1.62 7.72
C PHE A 88 -4.56 0.15 7.69
N VAL A 89 -3.27 -0.12 7.89
CA VAL A 89 -2.77 -1.49 7.88
C VAL A 89 -3.34 -2.28 9.04
N GLU A 90 -3.43 -1.65 10.21
CA GLU A 90 -3.96 -2.30 11.40
C GLU A 90 -5.49 -2.27 11.41
N ALA A 91 -6.05 -1.26 10.74
CA ALA A 91 -7.50 -1.12 10.66
C ALA A 91 -8.10 -2.13 9.69
N PHE A 92 -7.28 -2.66 8.80
CA PHE A 92 -7.72 -3.63 7.81
C PHE A 92 -6.87 -4.89 7.86
N GLN A 93 -5.99 -4.96 8.85
CA GLN A 93 -5.10 -6.11 9.01
C GLN A 93 -5.89 -7.41 8.93
N GLY A 94 -7.12 -7.39 9.40
CA GLY A 94 -7.96 -8.58 9.37
C GLY A 94 -9.36 -8.29 8.87
N TYR A 95 -9.45 -7.78 7.64
CA TYR A 95 -10.75 -7.46 7.04
C TYR A 95 -10.91 -8.13 5.68
N PRO A 96 -12.10 -8.70 5.44
CA PRO A 96 -12.41 -9.39 4.19
C PRO A 96 -12.52 -8.42 3.01
N PHE A 97 -11.49 -8.40 2.17
CA PHE A 97 -11.46 -7.52 1.01
C PHE A 97 -11.08 -8.29 -0.24
N GLN A 98 -11.62 -7.86 -1.38
CA GLN A 98 -11.34 -8.51 -2.66
C GLN A 98 -11.61 -10.01 -2.58
N GLY A 99 -12.54 -10.39 -1.72
CA GLY A 99 -12.88 -11.79 -1.56
C GLY A 99 -12.91 -12.22 -0.10
N ASN A 100 -11.75 -12.11 0.56
CA ASN A 100 -11.64 -12.50 1.96
C ASN A 100 -10.22 -12.31 2.46
N PRO A 101 -9.27 -13.00 1.82
CA PRO A 101 -7.84 -12.93 2.18
C PRO A 101 -7.22 -11.58 1.84
N LEU A 102 -7.01 -10.75 2.85
CA LEU A 102 -6.42 -9.43 2.65
C LEU A 102 -5.26 -9.22 3.60
N VAL A 103 -4.08 -8.97 3.03
CA VAL A 103 -2.87 -8.74 3.83
C VAL A 103 -2.34 -7.33 3.62
N ILE A 104 -1.96 -6.68 4.72
CA ILE A 104 -1.43 -5.32 4.65
C ILE A 104 -0.20 -5.17 5.53
N THR A 105 0.89 -4.69 4.93
CA THR A 105 2.14 -4.50 5.67
C THR A 105 2.89 -3.28 5.16
N PHE A 106 4.00 -2.96 5.81
CA PHE A 106 4.80 -1.80 5.42
C PHE A 106 5.91 -2.22 4.46
N SER A 107 6.58 -1.23 3.87
CA SER A 107 7.66 -1.49 2.93
C SER A 107 8.97 -0.85 3.40
N GLU A 108 9.97 -0.84 2.53
CA GLU A 108 11.27 -0.26 2.86
C GLU A 108 11.46 1.07 2.16
N THR A 109 12.22 1.96 2.78
CA THR A 109 12.48 3.27 2.22
C THR A 109 13.94 3.68 2.43
N PRO A 110 14.85 3.03 1.67
CA PRO A 110 16.28 3.30 1.76
C PRO A 110 16.65 4.66 1.18
N GLN A 111 17.94 4.94 1.07
CA GLN A 111 18.42 6.20 0.52
C GLN A 111 19.59 5.98 -0.43
N SER A 112 19.64 4.80 -1.04
CA SER A 112 20.70 4.46 -1.96
C SER A 112 20.33 4.87 -3.38
N GLN A 113 19.04 4.87 -3.68
CA GLN A 113 18.55 5.24 -5.00
C GLN A 113 18.91 6.69 -5.33
N VAL A 114 19.06 7.51 -4.30
CA VAL A 114 19.40 8.92 -4.47
C VAL A 114 20.88 9.15 -4.17
N ALA A 115 21.68 8.11 -4.30
CA ALA A 115 23.12 8.21 -4.04
C ALA A 115 23.83 8.90 -5.20
N GLU A 116 23.57 8.44 -6.42
CA GLU A 116 24.20 9.02 -7.61
C GLU A 116 23.59 10.38 -7.92
N ASP A 117 22.28 10.49 -7.74
CA ASP A 117 21.58 11.75 -8.01
C ASP A 117 20.79 12.20 -6.78
N THR A 22 14.72 3.46 22.75
CA THR A 22 14.50 2.62 21.57
C THR A 22 13.45 3.23 20.65
N PRO A 23 13.81 4.34 20.00
CA PRO A 23 12.92 5.04 19.08
C PRO A 23 12.68 4.26 17.80
N PRO A 24 11.43 3.78 17.62
CA PRO A 24 11.04 3.01 16.43
C PRO A 24 11.01 3.86 15.17
N HIS A 25 10.57 3.26 14.07
CA HIS A 25 10.49 3.97 12.79
C HIS A 25 11.84 4.56 12.41
N THR A 26 12.65 3.77 11.71
CA THR A 26 13.97 4.22 11.28
C THR A 26 13.86 5.38 10.31
N GLU A 27 13.03 5.21 9.28
CA GLU A 27 12.84 6.26 8.27
C GLU A 27 11.37 6.34 7.85
N PRO A 28 10.99 7.51 7.31
CA PRO A 28 9.61 7.74 6.85
C PRO A 28 9.28 6.94 5.60
N SER A 29 7.98 6.81 5.31
CA SER A 29 7.53 6.06 4.14
C SER A 29 6.11 6.47 3.76
N GLN A 30 6.00 7.34 2.76
CA GLN A 30 4.71 7.81 2.30
C GLN A 30 4.07 6.80 1.35
N VAL A 31 4.78 5.69 1.09
CA VAL A 31 4.28 4.66 0.21
C VAL A 31 4.12 3.34 0.95
N VAL A 32 3.13 2.54 0.52
CA VAL A 32 2.87 1.25 1.15
C VAL A 32 2.74 0.15 0.11
N LEU A 33 3.37 -1.00 0.37
CA LEU A 33 3.33 -2.13 -0.55
C LEU A 33 2.33 -3.18 -0.07
N ILE A 34 1.41 -3.55 -0.95
CA ILE A 34 0.41 -4.55 -0.61
C ILE A 34 0.52 -5.77 -1.53
N THR A 35 0.22 -6.95 -0.99
CA THR A 35 0.28 -8.18 -1.76
C THR A 35 -0.84 -9.14 -1.36
N ASN A 36 -0.81 -10.33 -1.92
CA ASN A 36 -1.83 -11.34 -1.63
C ASN A 36 -3.21 -10.87 -2.09
N ILE A 37 -3.25 -10.21 -3.24
CA ILE A 37 -4.50 -9.71 -3.79
C ILE A 37 -4.91 -10.52 -5.02
N ASN A 38 -6.19 -10.86 -5.09
CA ASN A 38 -6.72 -11.64 -6.21
C ASN A 38 -6.71 -10.81 -7.50
N PRO A 39 -5.87 -11.23 -8.46
CA PRO A 39 -5.75 -10.56 -9.75
C PRO A 39 -6.98 -10.70 -10.62
N GLU A 40 -7.92 -11.55 -10.17
CA GLU A 40 -9.15 -11.79 -10.90
C GLU A 40 -9.84 -10.47 -11.24
N VAL A 41 -9.63 -9.47 -10.41
CA VAL A 41 -10.24 -8.15 -10.61
C VAL A 41 -9.26 -7.20 -11.31
N PRO A 42 -9.75 -6.48 -12.33
CA PRO A 42 -8.95 -5.53 -13.09
C PRO A 42 -8.58 -4.30 -12.28
N LYS A 43 -7.42 -3.72 -12.57
CA LYS A 43 -6.95 -2.53 -11.87
C LYS A 43 -8.05 -1.48 -11.79
N GLU A 44 -8.86 -1.39 -12.85
CA GLU A 44 -9.95 -0.43 -12.89
C GLU A 44 -10.84 -0.55 -11.66
N LYS A 45 -11.28 -1.77 -11.38
CA LYS A 45 -12.13 -2.03 -10.23
C LYS A 45 -11.31 -2.14 -8.95
N LEU A 46 -10.25 -2.92 -9.00
CA LEU A 46 -9.37 -3.11 -7.84
C LEU A 46 -8.94 -1.76 -7.27
N GLN A 47 -8.27 -0.97 -8.10
CA GLN A 47 -7.80 0.35 -7.67
C GLN A 47 -8.92 1.14 -7.01
N ALA A 48 -10.09 1.13 -7.64
CA ALA A 48 -11.25 1.84 -7.10
C ALA A 48 -11.48 1.50 -5.63
N LEU A 49 -11.33 0.23 -5.29
CA LEU A 49 -11.52 -0.22 -3.92
C LEU A 49 -10.38 0.23 -3.03
N LEU A 50 -9.15 0.02 -3.50
CA LEU A 50 -7.96 0.42 -2.75
C LEU A 50 -8.02 1.89 -2.37
N TYR A 51 -8.56 2.70 -3.27
CA TYR A 51 -8.68 4.14 -3.03
C TYR A 51 -9.76 4.44 -2.00
N ALA A 52 -10.92 3.80 -2.17
CA ALA A 52 -12.04 4.00 -1.25
C ALA A 52 -11.62 3.73 0.19
N LEU A 53 -11.01 2.57 0.42
CA LEU A 53 -10.56 2.20 1.76
C LEU A 53 -9.42 3.10 2.22
N ALA A 54 -8.55 3.49 1.29
CA ALA A 54 -7.43 4.36 1.61
C ALA A 54 -7.91 5.72 2.10
N SER A 55 -8.77 6.36 1.33
CA SER A 55 -9.30 7.67 1.69
C SER A 55 -10.03 7.61 3.03
N SER A 56 -10.60 6.45 3.33
CA SER A 56 -11.32 6.26 4.58
C SER A 56 -10.41 6.46 5.79
N GLN A 57 -9.10 6.39 5.54
CA GLN A 57 -8.12 6.56 6.60
C GLN A 57 -7.29 7.81 6.37
N GLY A 58 -6.47 7.79 5.32
CA GLY A 58 -5.63 8.94 5.01
C GLY A 58 -5.76 9.37 3.56
N ASP A 59 -5.17 10.52 3.24
CA ASP A 59 -5.24 11.05 1.88
C ASP A 59 -4.31 10.26 0.96
N ILE A 60 -4.74 10.10 -0.29
CA ILE A 60 -3.95 9.36 -1.28
C ILE A 60 -3.37 10.31 -2.33
N LEU A 61 -2.08 10.11 -2.63
CA LEU A 61 -1.40 10.95 -3.62
C LEU A 61 -1.33 10.24 -4.96
N ASP A 62 -1.33 8.91 -4.93
CA ASP A 62 -1.27 8.12 -6.15
C ASP A 62 -1.27 6.62 -5.83
N ILE A 63 -2.21 5.89 -6.42
CA ILE A 63 -2.33 4.45 -6.20
C ILE A 63 -1.84 3.67 -7.41
N VAL A 64 -0.72 2.98 -7.25
CA VAL A 64 -0.15 2.19 -8.33
C VAL A 64 -0.59 0.73 -8.23
N VAL A 65 -0.79 0.10 -9.38
CA VAL A 65 -1.21 -1.30 -9.42
C VAL A 65 -0.41 -2.09 -10.46
N ASP A 66 0.08 -3.24 -10.05
CA ASP A 66 0.87 -4.09 -10.94
C ASP A 66 0.03 -4.55 -12.14
N LEU A 67 0.51 -5.58 -12.82
CA LEU A 67 -0.19 -6.12 -13.98
C LEU A 67 -1.11 -7.27 -13.58
N SER A 68 -1.51 -7.28 -12.31
CA SER A 68 -2.39 -8.33 -11.81
C SER A 68 -1.88 -9.72 -12.22
N ASP A 69 -0.65 -10.04 -11.82
CA ASP A 69 -0.05 -11.32 -12.14
C ASP A 69 -0.63 -12.43 -11.28
N ASP A 70 -0.91 -13.57 -11.89
CA ASP A 70 -1.48 -14.71 -11.18
C ASP A 70 -0.45 -15.31 -10.21
N ASN A 71 0.80 -14.88 -10.34
CA ASN A 71 1.87 -15.36 -9.49
C ASN A 71 2.39 -14.26 -8.57
N SER A 72 1.94 -13.04 -8.82
CA SER A 72 2.35 -11.89 -8.01
C SER A 72 1.15 -11.25 -7.34
N GLY A 73 0.32 -10.57 -8.14
CA GLY A 73 -0.85 -9.92 -7.59
C GLY A 73 -0.52 -9.00 -6.42
N LYS A 74 -0.13 -7.77 -6.74
CA LYS A 74 0.21 -6.80 -5.71
C LYS A 74 -0.09 -5.37 -6.18
N ALA A 75 0.22 -4.40 -5.33
CA ALA A 75 -0.02 -3.00 -5.66
C ALA A 75 0.67 -2.07 -4.67
N TYR A 76 0.51 -0.77 -4.86
CA TYR A 76 1.12 0.21 -3.98
C TYR A 76 0.19 1.42 -3.79
N ILE A 77 -0.06 1.76 -2.53
CA ILE A 77 -0.93 2.88 -2.20
C ILE A 77 -0.14 4.02 -1.57
N VAL A 78 0.10 5.08 -2.35
CA VAL A 78 0.84 6.23 -1.85
C VAL A 78 -0.06 7.17 -1.06
N PHE A 79 0.34 7.46 0.17
CA PHE A 79 -0.43 8.35 1.03
C PHE A 79 0.27 9.69 1.20
N ALA A 80 -0.36 10.59 1.95
CA ALA A 80 0.21 11.91 2.18
C ALA A 80 1.49 11.84 2.98
N THR A 81 1.51 10.97 3.99
CA THR A 81 2.68 10.79 4.84
C THR A 81 2.58 9.51 5.66
N GLN A 82 3.69 9.11 6.26
CA GLN A 82 3.72 7.90 7.08
C GLN A 82 2.62 7.93 8.13
N GLU A 83 2.24 9.13 8.57
CA GLU A 83 1.19 9.29 9.57
C GLU A 83 -0.11 8.61 9.11
N SER A 84 -0.56 8.96 7.90
CA SER A 84 -1.78 8.39 7.35
C SER A 84 -1.56 6.95 6.93
N ALA A 85 -0.43 6.69 6.28
CA ALA A 85 -0.10 5.35 5.81
C ALA A 85 -0.21 4.34 6.95
N GLN A 86 0.49 4.62 8.05
CA GLN A 86 0.48 3.73 9.21
C GLN A 86 -0.94 3.54 9.73
N ALA A 87 -1.76 4.58 9.62
CA ALA A 87 -3.14 4.53 10.07
C ALA A 87 -3.94 3.50 9.28
N PHE A 88 -3.80 3.55 7.96
CA PHE A 88 -4.52 2.62 7.09
C PHE A 88 -3.89 1.23 7.14
N VAL A 89 -2.57 1.19 7.24
CA VAL A 89 -1.84 -0.07 7.31
C VAL A 89 -2.14 -0.82 8.61
N GLU A 90 -2.23 -0.07 9.70
CA GLU A 90 -2.50 -0.65 11.01
C GLU A 90 -3.99 -0.92 11.18
N ALA A 91 -4.81 -0.16 10.46
CA ALA A 91 -6.25 -0.32 10.53
C ALA A 91 -6.72 -1.55 9.76
N PHE A 92 -5.92 -1.95 8.77
CA PHE A 92 -6.26 -3.11 7.95
C PHE A 92 -5.16 -4.17 8.05
N GLN A 93 -4.21 -3.94 8.96
CA GLN A 93 -3.10 -4.88 9.14
C GLN A 93 -3.61 -6.31 9.28
N GLY A 94 -4.79 -6.46 9.86
CA GLY A 94 -5.37 -7.78 10.04
C GLY A 94 -6.85 -7.82 9.69
N TYR A 95 -7.19 -7.31 8.51
CA TYR A 95 -8.56 -7.28 8.05
C TYR A 95 -8.74 -8.11 6.78
N PRO A 96 -9.82 -8.89 6.73
CA PRO A 96 -10.13 -9.74 5.57
C PRO A 96 -10.54 -8.93 4.34
N PHE A 97 -9.62 -8.81 3.39
CA PHE A 97 -9.89 -8.05 2.17
C PHE A 97 -9.45 -8.85 0.94
N GLN A 98 -10.17 -8.66 -0.17
CA GLN A 98 -9.87 -9.35 -1.41
C GLN A 98 -9.76 -10.85 -1.17
N GLY A 99 -10.51 -11.36 -0.20
CA GLY A 99 -10.49 -12.77 0.11
C GLY A 99 -10.38 -13.04 1.60
N ASN A 100 -9.23 -12.73 2.17
CA ASN A 100 -8.99 -12.94 3.60
C ASN A 100 -7.60 -12.50 3.99
N PRO A 101 -6.57 -13.14 3.39
CA PRO A 101 -5.17 -12.82 3.66
C PRO A 101 -4.77 -11.45 3.12
N LEU A 102 -4.86 -10.43 3.97
CA LEU A 102 -4.50 -9.08 3.57
C LEU A 102 -3.21 -8.63 4.26
N VAL A 103 -2.28 -8.10 3.48
CA VAL A 103 -1.01 -7.63 4.01
C VAL A 103 -0.74 -6.18 3.60
N ILE A 104 -0.34 -5.37 4.57
CA ILE A 104 -0.05 -3.97 4.31
C ILE A 104 1.24 -3.53 4.99
N THR A 105 2.18 -3.03 4.20
CA THR A 105 3.47 -2.59 4.73
C THR A 105 3.88 -1.25 4.13
N PHE A 106 4.82 -0.57 4.77
CA PHE A 106 5.30 0.72 4.29
C PHE A 106 6.33 0.55 3.19
N SER A 107 6.69 -0.70 2.91
CA SER A 107 7.66 -1.02 1.88
C SER A 107 9.05 -0.48 2.26
N GLU A 108 9.98 -0.55 1.32
CA GLU A 108 11.34 -0.07 1.57
C GLU A 108 11.61 1.24 0.82
N THR A 109 11.94 2.29 1.57
CA THR A 109 12.22 3.58 0.98
C THR A 109 13.63 4.05 1.31
N PRO A 110 14.62 3.41 0.66
CA PRO A 110 16.03 3.74 0.86
C PRO A 110 16.40 5.10 0.29
N GLN A 111 17.69 5.45 0.36
CA GLN A 111 18.16 6.72 -0.15
C GLN A 111 19.58 6.59 -0.71
N SER A 112 19.92 5.39 -1.15
CA SER A 112 21.24 5.13 -1.72
C SER A 112 21.23 5.31 -3.22
N GLN A 113 20.07 5.09 -3.84
CA GLN A 113 19.94 5.23 -5.28
C GLN A 113 19.51 6.65 -5.66
N VAL A 114 19.54 7.55 -4.68
CA VAL A 114 19.16 8.94 -4.90
C VAL A 114 20.05 9.59 -5.95
N ALA A 115 19.54 10.64 -6.60
CA ALA A 115 20.28 11.34 -7.63
C ALA A 115 21.65 11.78 -7.12
N GLU A 116 21.68 12.32 -5.90
CA GLU A 116 22.92 12.78 -5.30
C GLU A 116 23.96 11.66 -5.28
N ASP A 117 23.49 10.43 -5.20
CA ASP A 117 24.39 9.27 -5.17
C ASP A 117 25.38 9.37 -4.03
N THR A 22 7.04 -1.18 21.98
CA THR A 22 8.26 -0.47 21.59
C THR A 22 8.62 -0.73 20.14
N PRO A 23 7.79 -0.18 19.22
CA PRO A 23 8.01 -0.35 17.78
C PRO A 23 9.23 0.41 17.29
N PRO A 24 10.26 -0.32 16.87
CA PRO A 24 11.51 0.26 16.36
C PRO A 24 11.32 0.94 15.00
N HIS A 25 12.30 1.74 14.62
CA HIS A 25 12.25 2.45 13.33
C HIS A 25 13.65 2.79 12.84
N THR A 26 13.79 2.90 11.52
CA THR A 26 15.08 3.22 10.92
C THR A 26 14.96 4.40 9.96
N GLU A 27 14.07 4.28 8.98
CA GLU A 27 13.86 5.33 7.99
C GLU A 27 12.38 5.48 7.67
N PRO A 28 12.01 6.66 7.17
CA PRO A 28 10.62 6.97 6.81
C PRO A 28 10.16 6.20 5.58
N SER A 29 8.84 6.17 5.36
CA SER A 29 8.27 5.45 4.23
C SER A 29 6.88 5.97 3.91
N GLN A 30 6.77 6.69 2.80
CA GLN A 30 5.49 7.25 2.37
C GLN A 30 4.78 6.32 1.41
N VAL A 31 5.20 5.06 1.39
CA VAL A 31 4.61 4.07 0.50
C VAL A 31 4.41 2.74 1.22
N VAL A 32 3.38 2.00 0.81
CA VAL A 32 3.08 0.71 1.41
C VAL A 32 2.96 -0.37 0.34
N LEU A 33 3.50 -1.55 0.65
CA LEU A 33 3.45 -2.68 -0.29
C LEU A 33 2.46 -3.73 0.19
N ILE A 34 1.41 -3.95 -0.60
CA ILE A 34 0.39 -4.93 -0.26
C ILE A 34 0.52 -6.17 -1.14
N THR A 35 0.15 -7.33 -0.57
CA THR A 35 0.22 -8.59 -1.30
C THR A 35 -0.92 -9.51 -0.91
N ASN A 36 -0.89 -10.75 -1.42
CA ASN A 36 -1.92 -11.72 -1.12
C ASN A 36 -3.27 -11.28 -1.67
N ILE A 37 -3.23 -10.44 -2.69
CA ILE A 37 -4.45 -9.94 -3.31
C ILE A 37 -4.87 -10.82 -4.49
N ASN A 38 -6.16 -11.11 -4.58
CA ASN A 38 -6.69 -11.93 -5.66
C ASN A 38 -6.75 -11.14 -6.96
N PRO A 39 -6.05 -11.63 -7.99
CA PRO A 39 -6.02 -10.98 -9.31
C PRO A 39 -7.36 -11.10 -10.04
N GLU A 40 -8.28 -11.86 -9.46
CA GLU A 40 -9.60 -12.05 -10.06
C GLU A 40 -10.24 -10.70 -10.41
N VAL A 41 -9.87 -9.67 -9.65
CA VAL A 41 -10.41 -8.33 -9.88
C VAL A 41 -9.49 -7.52 -10.79
N PRO A 42 -10.08 -6.84 -11.78
CA PRO A 42 -9.34 -6.01 -12.73
C PRO A 42 -8.77 -4.75 -12.08
N LYS A 43 -7.56 -4.39 -12.47
CA LYS A 43 -6.89 -3.20 -11.92
C LYS A 43 -7.84 -2.01 -11.92
N GLU A 44 -8.71 -1.95 -12.92
CA GLU A 44 -9.67 -0.86 -13.03
C GLU A 44 -10.44 -0.67 -11.73
N LYS A 45 -11.07 -1.74 -11.26
CA LYS A 45 -11.84 -1.71 -10.02
C LYS A 45 -10.93 -1.90 -8.81
N LEU A 46 -10.01 -2.85 -8.92
CA LEU A 46 -9.08 -3.14 -7.84
C LEU A 46 -8.37 -1.87 -7.37
N GLN A 47 -7.85 -1.10 -8.33
CA GLN A 47 -7.16 0.14 -8.02
C GLN A 47 -8.11 1.15 -7.38
N ALA A 48 -9.26 1.35 -7.99
CA ALA A 48 -10.25 2.28 -7.48
C ALA A 48 -10.65 1.93 -6.05
N LEU A 49 -10.64 0.64 -5.73
CA LEU A 49 -10.99 0.18 -4.40
C LEU A 49 -9.91 0.52 -3.39
N LEU A 50 -8.66 0.19 -3.73
CA LEU A 50 -7.54 0.46 -2.86
C LEU A 50 -7.48 1.94 -2.49
N TYR A 51 -7.96 2.78 -3.39
CA TYR A 51 -7.96 4.23 -3.17
C TYR A 51 -9.02 4.61 -2.15
N ALA A 52 -10.23 4.11 -2.34
CA ALA A 52 -11.33 4.40 -1.42
C ALA A 52 -10.93 4.14 0.02
N LEU A 53 -10.45 2.92 0.29
CA LEU A 53 -10.03 2.55 1.64
C LEU A 53 -8.86 3.41 2.11
N ALA A 54 -7.96 3.74 1.19
CA ALA A 54 -6.81 4.57 1.51
C ALA A 54 -7.24 5.95 1.98
N SER A 55 -8.04 6.62 1.15
CA SER A 55 -8.52 7.96 1.47
C SER A 55 -9.25 7.97 2.82
N SER A 56 -9.89 6.85 3.14
CA SER A 56 -10.64 6.72 4.39
C SER A 56 -9.72 6.94 5.59
N GLN A 57 -8.43 6.76 5.38
CA GLN A 57 -7.44 6.93 6.43
C GLN A 57 -6.53 8.12 6.15
N GLY A 58 -5.62 7.94 5.18
CA GLY A 58 -4.71 9.01 4.83
C GLY A 58 -4.82 9.41 3.38
N ASP A 59 -4.13 10.49 3.00
CA ASP A 59 -4.16 10.98 1.63
C ASP A 59 -3.26 10.12 0.73
N ILE A 60 -3.70 9.92 -0.50
CA ILE A 60 -2.95 9.12 -1.46
C ILE A 60 -2.29 10.01 -2.51
N LEU A 61 -1.01 9.74 -2.79
CA LEU A 61 -0.28 10.52 -3.77
C LEU A 61 -0.19 9.77 -5.10
N ASP A 62 -0.28 8.45 -5.04
CA ASP A 62 -0.22 7.61 -6.23
C ASP A 62 -0.36 6.13 -5.87
N ILE A 63 -1.34 5.47 -6.47
CA ILE A 63 -1.57 4.06 -6.22
C ILE A 63 -1.06 3.20 -7.36
N VAL A 64 0.01 2.44 -7.09
CA VAL A 64 0.60 1.58 -8.11
C VAL A 64 0.10 0.14 -7.96
N VAL A 65 -0.07 -0.53 -9.09
CA VAL A 65 -0.55 -1.91 -9.10
C VAL A 65 0.20 -2.75 -10.12
N ASP A 66 0.59 -3.95 -9.72
CA ASP A 66 1.31 -4.85 -10.62
C ASP A 66 0.45 -5.22 -11.83
N LEU A 67 0.85 -6.27 -12.54
CA LEU A 67 0.12 -6.72 -13.71
C LEU A 67 -0.95 -7.74 -13.33
N SER A 68 -1.23 -7.84 -12.04
CA SER A 68 -2.24 -8.77 -11.54
C SER A 68 -1.98 -10.17 -12.08
N ASP A 69 -0.81 -10.72 -11.78
CA ASP A 69 -0.45 -12.06 -12.23
C ASP A 69 -1.39 -13.10 -11.65
N ASP A 70 -1.02 -14.37 -11.81
CA ASP A 70 -1.84 -15.47 -11.30
C ASP A 70 -1.23 -16.07 -10.04
N ASN A 71 0.06 -15.82 -9.84
CA ASN A 71 0.77 -16.34 -8.68
C ASN A 71 1.38 -15.21 -7.86
N SER A 72 1.34 -14.00 -8.42
CA SER A 72 1.90 -12.83 -7.74
C SER A 72 0.80 -12.03 -7.04
N GLY A 73 -0.01 -11.33 -7.83
CA GLY A 73 -1.08 -10.54 -7.26
C GLY A 73 -0.62 -9.64 -6.13
N LYS A 74 -0.15 -8.45 -6.47
CA LYS A 74 0.33 -7.50 -5.48
C LYS A 74 0.10 -6.07 -5.93
N ALA A 75 0.44 -5.11 -5.07
CA ALA A 75 0.27 -3.70 -5.39
C ALA A 75 0.97 -2.81 -4.36
N TYR A 76 0.95 -1.51 -4.60
CA TYR A 76 1.59 -0.57 -3.69
C TYR A 76 0.79 0.73 -3.62
N ILE A 77 0.47 1.15 -2.40
CA ILE A 77 -0.29 2.38 -2.19
C ILE A 77 0.58 3.47 -1.57
N VAL A 78 0.83 4.52 -2.34
CA VAL A 78 1.65 5.64 -1.86
C VAL A 78 0.80 6.66 -1.12
N PHE A 79 1.20 6.97 0.11
CA PHE A 79 0.47 7.93 0.92
C PHE A 79 1.26 9.23 1.06
N ALA A 80 0.67 10.21 1.73
CA ALA A 80 1.32 11.50 1.94
C ALA A 80 2.62 11.34 2.74
N THR A 81 2.57 10.50 3.77
CA THR A 81 3.73 10.26 4.61
C THR A 81 3.53 9.03 5.48
N GLN A 82 4.60 8.59 6.15
CA GLN A 82 4.54 7.43 7.02
C GLN A 82 3.41 7.55 8.03
N GLU A 83 3.08 8.79 8.39
CA GLU A 83 2.01 9.06 9.35
C GLU A 83 0.69 8.48 8.85
N SER A 84 0.34 8.80 7.61
CA SER A 84 -0.91 8.33 7.02
C SER A 84 -0.81 6.84 6.68
N ALA A 85 0.30 6.46 6.05
CA ALA A 85 0.52 5.06 5.67
C ALA A 85 0.34 4.13 6.87
N GLN A 86 1.10 4.39 7.92
CA GLN A 86 1.02 3.57 9.13
C GLN A 86 -0.40 3.52 9.66
N ALA A 87 -1.13 4.62 9.50
CA ALA A 87 -2.51 4.69 9.96
C ALA A 87 -3.41 3.73 9.21
N PHE A 88 -3.26 3.70 7.88
CA PHE A 88 -4.06 2.83 7.04
C PHE A 88 -3.59 1.38 7.16
N VAL A 89 -2.28 1.21 7.35
CA VAL A 89 -1.70 -0.13 7.48
C VAL A 89 -2.17 -0.80 8.77
N GLU A 90 -2.22 -0.03 9.86
CA GLU A 90 -2.65 -0.56 11.15
C GLU A 90 -4.17 -0.60 11.24
N ALA A 91 -4.83 0.26 10.47
CA ALA A 91 -6.29 0.32 10.46
C ALA A 91 -6.88 -0.84 9.68
N PHE A 92 -6.10 -1.40 8.76
CA PHE A 92 -6.54 -2.51 7.94
C PHE A 92 -5.61 -3.71 8.09
N GLN A 93 -4.67 -3.60 9.02
CA GLN A 93 -3.72 -4.68 9.28
C GLN A 93 -4.43 -6.03 9.38
N GLY A 94 -5.64 -6.01 9.91
CA GLY A 94 -6.41 -7.24 10.05
C GLY A 94 -7.87 -7.06 9.67
N TYR A 95 -8.12 -6.69 8.43
CA TYR A 95 -9.47 -6.49 7.95
C TYR A 95 -9.74 -7.32 6.69
N PRO A 96 -10.92 -7.95 6.65
CA PRO A 96 -11.32 -8.79 5.51
C PRO A 96 -11.61 -7.97 4.26
N PHE A 97 -10.70 -8.03 3.29
CA PHE A 97 -10.85 -7.30 2.05
C PHE A 97 -10.57 -8.20 0.85
N GLN A 98 -11.42 -8.10 -0.17
CA GLN A 98 -11.27 -8.90 -1.38
C GLN A 98 -11.12 -10.38 -1.02
N GLY A 99 -11.73 -10.79 0.07
CA GLY A 99 -11.64 -12.18 0.50
C GLY A 99 -11.60 -12.32 2.01
N ASN A 100 -10.46 -12.01 2.60
CA ASN A 100 -10.29 -12.11 4.05
C ASN A 100 -8.86 -11.76 4.45
N PRO A 101 -7.90 -12.52 3.93
CA PRO A 101 -6.47 -12.32 4.22
C PRO A 101 -5.94 -11.03 3.61
N LEU A 102 -5.78 -10.00 4.44
CA LEU A 102 -5.27 -8.71 3.98
C LEU A 102 -3.94 -8.38 4.65
N VAL A 103 -2.91 -8.15 3.84
CA VAL A 103 -1.60 -7.81 4.36
C VAL A 103 -1.18 -6.41 3.93
N ILE A 104 -0.77 -5.59 4.90
CA ILE A 104 -0.34 -4.23 4.62
C ILE A 104 0.95 -3.90 5.36
N THR A 105 1.96 -3.46 4.62
CA THR A 105 3.25 -3.11 5.19
C THR A 105 3.88 -1.93 4.46
N PHE A 106 4.94 -1.37 5.04
CA PHE A 106 5.64 -0.24 4.44
C PHE A 106 6.66 -0.72 3.41
N SER A 107 7.41 0.23 2.85
CA SER A 107 8.42 -0.10 1.85
C SER A 107 9.59 0.88 1.93
N GLU A 108 10.53 0.75 0.99
CA GLU A 108 11.69 1.61 0.95
C GLU A 108 11.59 2.62 -0.19
N THR A 109 12.08 3.83 0.04
CA THR A 109 12.04 4.88 -0.97
C THR A 109 13.40 5.53 -1.14
N PRO A 110 14.33 4.80 -1.77
CA PRO A 110 15.70 5.29 -2.02
C PRO A 110 15.73 6.41 -3.05
N GLN A 111 16.93 6.79 -3.47
CA GLN A 111 17.11 7.85 -4.44
C GLN A 111 16.60 9.18 -3.90
N SER A 112 16.64 9.33 -2.58
CA SER A 112 16.18 10.55 -1.93
C SER A 112 17.33 11.53 -1.73
N GLN A 113 18.51 10.99 -1.41
CA GLN A 113 19.69 11.82 -1.20
C GLN A 113 20.01 12.66 -2.43
N VAL A 114 19.89 12.03 -3.60
CA VAL A 114 20.17 12.72 -4.86
C VAL A 114 19.06 13.71 -5.20
N ALA A 115 17.86 13.45 -4.68
CA ALA A 115 16.72 14.33 -4.93
C ALA A 115 16.86 15.64 -4.17
N GLU A 116 17.48 15.57 -2.99
CA GLU A 116 17.66 16.75 -2.16
C GLU A 116 18.36 17.86 -2.95
N ASP A 117 19.30 17.47 -3.80
CA ASP A 117 20.04 18.44 -4.61
C ASP A 117 20.70 19.50 -3.74
N THR A 22 9.19 3.63 22.08
CA THR A 22 10.57 3.79 21.64
C THR A 22 10.69 3.65 20.13
N PRO A 23 10.14 4.62 19.40
CA PRO A 23 10.18 4.62 17.93
C PRO A 23 11.58 4.87 17.39
N PRO A 24 12.16 3.85 16.76
CA PRO A 24 13.51 3.94 16.18
C PRO A 24 13.56 4.84 14.95
N HIS A 25 14.71 5.45 14.71
CA HIS A 25 14.89 6.34 13.57
C HIS A 25 15.39 5.58 12.36
N THR A 26 14.48 5.23 11.45
CA THR A 26 14.83 4.49 10.25
C THR A 26 13.95 4.88 9.08
N GLU A 27 14.21 6.05 8.51
CA GLU A 27 13.42 6.55 7.38
C GLU A 27 11.97 6.77 7.79
N PRO A 28 11.29 7.69 7.08
CA PRO A 28 9.89 8.01 7.35
C PRO A 28 8.95 6.88 6.96
N SER A 29 9.13 6.36 5.75
CA SER A 29 8.29 5.27 5.26
C SER A 29 6.84 5.72 5.14
N GLN A 30 6.56 6.55 4.15
CA GLN A 30 5.21 7.05 3.92
C GLN A 30 4.49 6.22 2.87
N VAL A 31 4.83 4.95 2.80
CA VAL A 31 4.21 4.03 1.83
C VAL A 31 3.96 2.66 2.45
N VAL A 32 2.97 1.95 1.91
CA VAL A 32 2.63 0.63 2.42
C VAL A 32 2.56 -0.39 1.28
N LEU A 33 3.10 -1.58 1.52
CA LEU A 33 3.09 -2.64 0.52
C LEU A 33 2.05 -3.71 0.85
N ILE A 34 1.17 -3.99 -0.11
CA ILE A 34 0.12 -4.98 0.08
C ILE A 34 0.32 -6.16 -0.87
N THR A 35 -0.08 -7.35 -0.41
CA THR A 35 0.05 -8.56 -1.22
C THR A 35 -1.18 -9.46 -1.06
N ASN A 36 -1.12 -10.64 -1.66
CA ASN A 36 -2.22 -11.59 -1.59
C ASN A 36 -3.50 -11.00 -2.20
N ILE A 37 -3.34 -10.40 -3.38
CA ILE A 37 -4.48 -9.79 -4.07
C ILE A 37 -4.75 -10.49 -5.40
N ASN A 38 -6.01 -10.78 -5.66
CA ASN A 38 -6.39 -11.46 -6.91
C ASN A 38 -6.11 -10.56 -8.11
N PRO A 39 -5.15 -11.00 -8.95
CA PRO A 39 -4.76 -10.26 -10.15
C PRO A 39 -5.85 -10.28 -11.23
N GLU A 40 -6.84 -11.15 -11.04
CA GLU A 40 -7.94 -11.26 -11.99
C GLU A 40 -8.60 -9.91 -12.24
N VAL A 41 -8.48 -9.02 -11.25
CA VAL A 41 -9.06 -7.69 -11.36
C VAL A 41 -8.07 -6.70 -11.96
N PRO A 42 -8.54 -5.89 -12.91
CA PRO A 42 -7.70 -4.89 -13.58
C PRO A 42 -7.32 -3.73 -12.66
N LYS A 43 -6.07 -3.29 -12.77
CA LYS A 43 -5.58 -2.19 -11.94
C LYS A 43 -6.54 -1.01 -11.98
N GLU A 44 -7.15 -0.79 -13.14
CA GLU A 44 -8.09 0.31 -13.31
C GLU A 44 -9.16 0.29 -12.22
N LYS A 45 -9.79 -0.87 -12.05
CA LYS A 45 -10.84 -1.03 -11.04
C LYS A 45 -10.23 -1.29 -9.67
N LEU A 46 -9.27 -2.19 -9.62
CA LEU A 46 -8.60 -2.53 -8.35
C LEU A 46 -8.09 -1.27 -7.66
N GLN A 47 -7.22 -0.53 -8.34
CA GLN A 47 -6.65 0.69 -7.78
C GLN A 47 -7.76 1.60 -7.25
N ALA A 48 -8.80 1.78 -8.05
CA ALA A 48 -9.93 2.62 -7.66
C ALA A 48 -10.44 2.26 -6.27
N LEU A 49 -10.50 0.97 -5.99
CA LEU A 49 -10.97 0.48 -4.69
C LEU A 49 -9.94 0.75 -3.60
N LEU A 50 -8.67 0.45 -3.91
CA LEU A 50 -7.60 0.67 -2.95
C LEU A 50 -7.60 2.10 -2.43
N TYR A 51 -7.90 3.05 -3.32
CA TYR A 51 -7.94 4.46 -2.95
C TYR A 51 -9.18 4.76 -2.12
N ALA A 52 -10.31 4.18 -2.51
CA ALA A 52 -11.57 4.38 -1.80
C ALA A 52 -11.46 3.93 -0.35
N LEU A 53 -11.00 2.70 -0.15
CA LEU A 53 -10.85 2.15 1.20
C LEU A 53 -9.72 2.84 1.95
N ALA A 54 -8.73 3.32 1.21
CA ALA A 54 -7.59 4.01 1.80
C ALA A 54 -8.01 5.35 2.38
N SER A 55 -8.69 6.15 1.57
CA SER A 55 -9.14 7.48 2.00
C SER A 55 -9.92 7.38 3.31
N SER A 56 -10.58 6.25 3.52
CA SER A 56 -11.36 6.02 4.73
C SER A 56 -10.50 6.21 5.97
N GLN A 57 -9.19 6.01 5.82
CA GLN A 57 -8.26 6.16 6.93
C GLN A 57 -7.41 7.41 6.77
N GLY A 58 -6.47 7.37 5.83
CA GLY A 58 -5.61 8.51 5.59
C GLY A 58 -5.63 8.96 4.14
N ASP A 59 -5.02 10.11 3.87
CA ASP A 59 -4.96 10.64 2.52
C ASP A 59 -3.95 9.88 1.66
N ILE A 60 -4.32 9.62 0.41
CA ILE A 60 -3.45 8.91 -0.51
C ILE A 60 -2.74 9.87 -1.47
N LEU A 61 -1.45 9.65 -1.65
CA LEU A 61 -0.66 10.51 -2.55
C LEU A 61 -0.46 9.83 -3.90
N ASP A 62 -0.45 8.50 -3.90
CA ASP A 62 -0.28 7.73 -5.12
C ASP A 62 -0.31 6.24 -4.84
N ILE A 63 -1.19 5.53 -5.53
CA ILE A 63 -1.33 4.08 -5.36
C ILE A 63 -0.73 3.33 -6.54
N VAL A 64 0.37 2.63 -6.29
CA VAL A 64 1.04 1.86 -7.33
C VAL A 64 0.53 0.42 -7.35
N VAL A 65 0.48 -0.17 -8.55
CA VAL A 65 0.03 -1.54 -8.70
C VAL A 65 0.88 -2.29 -9.72
N ASP A 66 1.31 -3.50 -9.35
CA ASP A 66 2.13 -4.32 -10.24
C ASP A 66 1.38 -4.67 -11.51
N LEU A 67 1.85 -5.70 -12.21
CA LEU A 67 1.22 -6.15 -13.44
C LEU A 67 0.17 -7.23 -13.16
N SER A 68 -0.26 -7.32 -11.91
CA SER A 68 -1.24 -8.31 -11.52
C SER A 68 -0.84 -9.70 -11.98
N ASP A 69 0.31 -10.17 -11.51
CA ASP A 69 0.80 -11.49 -11.87
C ASP A 69 0.03 -12.59 -11.15
N ASP A 70 -0.12 -13.73 -11.80
CA ASP A 70 -0.83 -14.86 -11.22
C ASP A 70 -0.01 -15.52 -10.13
N ASN A 71 1.24 -15.09 -10.00
CA ASN A 71 2.14 -15.65 -8.99
C ASN A 71 2.59 -14.57 -8.01
N SER A 72 2.29 -13.32 -8.33
CA SER A 72 2.67 -12.20 -7.48
C SER A 72 1.43 -11.48 -6.94
N GLY A 73 0.76 -10.74 -7.81
CA GLY A 73 -0.44 -10.02 -7.40
C GLY A 73 -0.21 -9.20 -6.14
N LYS A 74 0.26 -7.97 -6.31
CA LYS A 74 0.51 -7.09 -5.18
C LYS A 74 0.32 -5.63 -5.58
N ALA A 75 0.57 -4.73 -4.63
CA ALA A 75 0.43 -3.30 -4.88
C ALA A 75 1.02 -2.47 -3.74
N TYR A 76 0.96 -1.16 -3.88
CA TYR A 76 1.49 -0.26 -2.86
C TYR A 76 0.64 1.00 -2.74
N ILE A 77 0.21 1.31 -1.52
CA ILE A 77 -0.60 2.50 -1.28
C ILE A 77 0.19 3.57 -0.54
N VAL A 78 0.56 4.63 -1.25
CA VAL A 78 1.31 5.72 -0.67
C VAL A 78 0.39 6.71 0.05
N PHE A 79 0.68 6.96 1.32
CA PHE A 79 -0.13 7.89 2.10
C PHE A 79 0.65 9.17 2.40
N ALA A 80 -0.02 10.12 3.04
CA ALA A 80 0.60 11.40 3.37
C ALA A 80 1.88 11.20 4.16
N THR A 81 1.85 10.26 5.12
CA THR A 81 3.00 9.97 5.94
C THR A 81 2.82 8.66 6.71
N GLN A 82 3.89 8.19 7.34
CA GLN A 82 3.84 6.95 8.10
C GLN A 82 2.68 6.96 9.09
N GLU A 83 2.33 8.15 9.57
CA GLU A 83 1.24 8.31 10.53
C GLU A 83 -0.05 7.73 9.96
N SER A 84 -0.40 8.15 8.74
CA SER A 84 -1.62 7.70 8.09
C SER A 84 -1.48 6.24 7.63
N ALA A 85 -0.34 5.92 7.02
CA ALA A 85 -0.08 4.57 6.54
C ALA A 85 -0.28 3.55 7.66
N GLN A 86 0.28 3.83 8.82
CA GLN A 86 0.17 2.94 9.97
C GLN A 86 -1.29 2.72 10.35
N ALA A 87 -2.04 3.82 10.39
CA ALA A 87 -3.46 3.77 10.75
C ALA A 87 -4.23 2.89 9.77
N PHE A 88 -3.86 2.96 8.49
CA PHE A 88 -4.52 2.17 7.46
C PHE A 88 -4.11 0.71 7.54
N VAL A 89 -2.85 0.47 7.89
CA VAL A 89 -2.32 -0.88 8.02
C VAL A 89 -2.98 -1.63 9.18
N GLU A 90 -3.17 -0.92 10.28
CA GLU A 90 -3.79 -1.50 11.47
C GLU A 90 -5.31 -1.54 11.34
N ALA A 91 -5.85 -0.63 10.54
CA ALA A 91 -7.28 -0.56 10.32
C ALA A 91 -7.75 -1.65 9.37
N PHE A 92 -6.83 -2.15 8.54
CA PHE A 92 -7.16 -3.21 7.59
C PHE A 92 -6.34 -4.47 7.88
N GLN A 93 -5.52 -4.41 8.92
CA GLN A 93 -4.68 -5.54 9.30
C GLN A 93 -5.51 -6.83 9.36
N GLY A 94 -6.78 -6.70 9.72
CA GLY A 94 -7.66 -7.84 9.81
C GLY A 94 -9.03 -7.57 9.24
N TYR A 95 -9.08 -7.09 8.01
CA TYR A 95 -10.35 -6.78 7.35
C TYR A 95 -10.51 -7.58 6.07
N PRO A 96 -11.70 -8.17 5.87
CA PRO A 96 -12.01 -8.97 4.68
C PRO A 96 -12.11 -8.12 3.42
N PHE A 97 -11.13 -8.25 2.55
CA PHE A 97 -11.11 -7.49 1.30
C PHE A 97 -10.57 -8.33 0.16
N GLN A 98 -11.11 -8.13 -1.04
CA GLN A 98 -10.68 -8.88 -2.22
C GLN A 98 -10.69 -10.38 -1.93
N GLY A 99 -11.58 -10.81 -1.06
CA GLY A 99 -11.68 -12.22 -0.72
C GLY A 99 -11.84 -12.46 0.77
N ASN A 100 -10.76 -12.23 1.52
CA ASN A 100 -10.78 -12.41 2.97
C ASN A 100 -9.43 -12.10 3.57
N PRO A 101 -8.40 -12.86 3.16
CA PRO A 101 -7.04 -12.69 3.65
C PRO A 101 -6.40 -11.38 3.16
N LEU A 102 -6.37 -10.39 4.02
CA LEU A 102 -5.79 -9.09 3.68
C LEU A 102 -4.48 -8.86 4.43
N VAL A 103 -3.44 -8.49 3.69
CA VAL A 103 -2.14 -8.23 4.28
C VAL A 103 -1.67 -6.81 4.01
N ILE A 104 -1.38 -6.07 5.07
CA ILE A 104 -0.92 -4.69 4.94
C ILE A 104 0.33 -4.44 5.77
N THR A 105 1.36 -3.90 5.14
CA THR A 105 2.61 -3.60 5.83
C THR A 105 3.26 -2.33 5.28
N PHE A 106 4.32 -1.88 5.95
CA PHE A 106 5.03 -0.68 5.53
C PHE A 106 6.07 -1.01 4.47
N SER A 107 6.88 -0.02 4.11
CA SER A 107 7.92 -0.20 3.11
C SER A 107 9.01 0.86 3.26
N GLU A 108 9.95 0.87 2.31
CA GLU A 108 11.04 1.83 2.34
C GLU A 108 10.90 2.86 1.22
N THR A 109 11.39 4.06 1.46
CA THR A 109 11.32 5.13 0.48
C THR A 109 12.69 5.78 0.26
N PRO A 110 13.60 5.04 -0.39
CA PRO A 110 14.95 5.53 -0.67
C PRO A 110 14.97 6.63 -1.71
N GLN A 111 16.14 7.20 -1.96
CA GLN A 111 16.29 8.27 -2.93
C GLN A 111 17.35 7.92 -3.97
N SER A 112 17.54 6.62 -4.20
CA SER A 112 18.53 6.15 -5.17
C SER A 112 18.10 6.50 -6.59
N GLN A 113 16.80 6.59 -6.80
CA GLN A 113 16.26 6.91 -8.12
C GLN A 113 16.75 8.27 -8.59
N VAL A 114 16.93 9.19 -7.65
CA VAL A 114 17.40 10.53 -7.96
C VAL A 114 18.89 10.68 -7.68
N ALA A 115 19.61 9.55 -7.71
CA ALA A 115 21.04 9.55 -7.46
C ALA A 115 21.82 10.08 -8.67
N GLU A 116 21.60 9.46 -9.81
CA GLU A 116 22.28 9.87 -11.04
C GLU A 116 21.70 11.17 -11.57
N ASP A 117 20.42 11.39 -11.33
CA ASP A 117 19.74 12.60 -11.79
C ASP A 117 19.01 13.27 -10.63
N THR A 22 20.61 16.73 11.80
CA THR A 22 21.20 15.69 10.97
C THR A 22 20.44 14.38 11.11
N PRO A 23 19.22 14.33 10.54
CA PRO A 23 18.38 13.13 10.58
C PRO A 23 18.92 12.00 9.72
N PRO A 24 19.37 10.93 10.39
CA PRO A 24 19.93 9.76 9.70
C PRO A 24 18.86 8.97 8.93
N HIS A 25 17.64 8.98 9.45
CA HIS A 25 16.54 8.27 8.82
C HIS A 25 15.72 9.22 7.93
N THR A 26 15.33 8.73 6.76
CA THR A 26 14.56 9.53 5.82
C THR A 26 13.06 9.27 5.99
N GLU A 27 12.51 9.69 7.13
CA GLU A 27 11.10 9.50 7.41
C GLU A 27 10.75 8.01 7.49
N PRO A 28 9.69 7.69 8.24
CA PRO A 28 9.23 6.31 8.41
C PRO A 28 8.61 5.73 7.13
N SER A 29 8.01 4.57 7.25
CA SER A 29 7.39 3.91 6.10
C SER A 29 6.05 4.56 5.78
N GLN A 30 6.02 5.33 4.69
CA GLN A 30 4.80 6.01 4.26
C GLN A 30 4.05 5.18 3.23
N VAL A 31 4.74 4.20 2.65
CA VAL A 31 4.14 3.34 1.64
C VAL A 31 3.86 1.95 2.20
N VAL A 32 2.72 1.39 1.82
CA VAL A 32 2.32 0.06 2.28
C VAL A 32 2.25 -0.93 1.12
N LEU A 33 2.73 -2.15 1.36
CA LEU A 33 2.72 -3.19 0.34
C LEU A 33 1.66 -4.23 0.64
N ILE A 34 0.70 -4.38 -0.27
CA ILE A 34 -0.38 -5.35 -0.11
C ILE A 34 -0.19 -6.54 -1.04
N THR A 35 -0.61 -7.71 -0.59
CA THR A 35 -0.50 -8.93 -1.38
C THR A 35 -1.67 -9.86 -1.14
N ASN A 36 -1.61 -11.06 -1.72
CA ASN A 36 -2.67 -12.04 -1.57
C ASN A 36 -3.98 -11.55 -2.20
N ILE A 37 -3.85 -10.65 -3.16
CA ILE A 37 -5.00 -10.10 -3.85
C ILE A 37 -5.32 -10.87 -5.13
N ASN A 38 -6.60 -11.14 -5.35
CA ASN A 38 -7.03 -11.87 -6.54
C ASN A 38 -6.96 -10.99 -7.78
N PRO A 39 -6.19 -11.43 -8.79
CA PRO A 39 -6.03 -10.70 -10.04
C PRO A 39 -7.30 -10.71 -10.88
N GLU A 40 -8.30 -11.47 -10.44
CA GLU A 40 -9.56 -11.57 -11.16
C GLU A 40 -10.13 -10.18 -11.45
N VAL A 41 -9.81 -9.22 -10.60
CA VAL A 41 -10.28 -7.85 -10.76
C VAL A 41 -9.27 -7.01 -11.52
N PRO A 42 -9.76 -6.24 -12.51
CA PRO A 42 -8.91 -5.37 -13.33
C PRO A 42 -8.36 -4.19 -12.54
N LYS A 43 -7.09 -3.87 -12.77
CA LYS A 43 -6.44 -2.75 -12.09
C LYS A 43 -7.32 -1.51 -12.12
N GLU A 44 -8.06 -1.34 -13.21
CA GLU A 44 -8.94 -0.20 -13.36
C GLU A 44 -9.85 -0.04 -12.14
N LYS A 45 -10.57 -1.09 -11.81
CA LYS A 45 -11.47 -1.06 -10.66
C LYS A 45 -10.72 -1.38 -9.37
N LEU A 46 -9.84 -2.37 -9.43
CA LEU A 46 -9.05 -2.76 -8.27
C LEU A 46 -8.34 -1.55 -7.66
N GLN A 47 -7.68 -0.77 -8.50
CA GLN A 47 -6.96 0.41 -8.05
C GLN A 47 -7.91 1.43 -7.46
N ALA A 48 -8.99 1.73 -8.18
CA ALA A 48 -9.99 2.69 -7.72
C ALA A 48 -10.56 2.29 -6.36
N LEU A 49 -10.64 0.98 -6.13
CA LEU A 49 -11.16 0.47 -4.87
C LEU A 49 -10.17 0.69 -3.74
N LEU A 50 -8.92 0.33 -3.97
CA LEU A 50 -7.87 0.50 -2.96
C LEU A 50 -7.81 1.95 -2.48
N TYR A 51 -8.19 2.88 -3.35
CA TYR A 51 -8.17 4.29 -3.02
C TYR A 51 -9.32 4.64 -2.07
N ALA A 52 -10.52 4.18 -2.39
CA ALA A 52 -11.69 4.43 -1.57
C ALA A 52 -11.42 4.06 -0.11
N LEU A 53 -10.99 2.84 0.10
CA LEU A 53 -10.70 2.36 1.45
C LEU A 53 -9.57 3.16 2.09
N ALA A 54 -8.55 3.47 1.29
CA ALA A 54 -7.40 4.22 1.77
C ALA A 54 -7.83 5.59 2.29
N SER A 55 -8.56 6.33 1.46
CA SER A 55 -9.03 7.66 1.83
C SER A 55 -9.89 7.60 3.10
N SER A 56 -10.58 6.48 3.28
CA SER A 56 -11.43 6.29 4.44
C SER A 56 -10.63 6.39 5.73
N GLN A 57 -9.32 6.20 5.63
CA GLN A 57 -8.43 6.26 6.78
C GLN A 57 -7.48 7.45 6.67
N GLY A 58 -6.48 7.31 5.81
CA GLY A 58 -5.51 8.38 5.62
C GLY A 58 -5.48 8.89 4.19
N ASP A 59 -4.70 9.94 3.97
CA ASP A 59 -4.58 10.53 2.63
C ASP A 59 -3.64 9.70 1.76
N ILE A 60 -3.97 9.61 0.47
CA ILE A 60 -3.16 8.86 -0.48
C ILE A 60 -2.38 9.78 -1.40
N LEU A 61 -1.10 9.49 -1.57
CA LEU A 61 -0.24 10.30 -2.43
C LEU A 61 -0.06 9.65 -3.80
N ASP A 62 -0.21 8.33 -3.84
CA ASP A 62 -0.07 7.58 -5.08
C ASP A 62 -0.30 6.09 -4.85
N ILE A 63 -1.24 5.52 -5.60
CA ILE A 63 -1.55 4.10 -5.46
C ILE A 63 -0.97 3.29 -6.64
N VAL A 64 0.03 2.46 -6.34
CA VAL A 64 0.66 1.64 -7.37
C VAL A 64 0.09 0.23 -7.38
N VAL A 65 0.02 -0.38 -8.55
CA VAL A 65 -0.50 -1.73 -8.70
C VAL A 65 0.30 -2.52 -9.72
N ASP A 66 0.62 -3.77 -9.39
CA ASP A 66 1.37 -4.63 -10.29
C ASP A 66 0.60 -4.88 -11.59
N LEU A 67 1.02 -5.90 -12.33
CA LEU A 67 0.36 -6.25 -13.58
C LEU A 67 -0.71 -7.29 -13.37
N SER A 68 -1.17 -7.42 -12.13
CA SER A 68 -2.20 -8.40 -11.79
C SER A 68 -1.84 -9.78 -12.31
N ASP A 69 -0.70 -10.30 -11.85
CA ASP A 69 -0.24 -11.62 -12.26
C ASP A 69 -1.02 -12.72 -11.57
N ASP A 70 -1.21 -13.83 -12.25
CA ASP A 70 -1.95 -14.97 -11.70
C ASP A 70 -1.11 -15.70 -10.67
N ASN A 71 0.16 -15.31 -10.55
CA ASN A 71 1.06 -15.95 -9.60
C ASN A 71 1.59 -14.92 -8.59
N SER A 72 1.32 -13.64 -8.85
CA SER A 72 1.77 -12.58 -7.97
C SER A 72 0.58 -11.87 -7.33
N GLY A 73 -0.13 -11.08 -8.12
CA GLY A 73 -1.28 -10.36 -7.60
C GLY A 73 -0.96 -9.57 -6.35
N LYS A 74 -0.50 -8.33 -6.53
CA LYS A 74 -0.16 -7.48 -5.41
C LYS A 74 -0.21 -6.01 -5.81
N ALA A 75 0.07 -5.12 -4.86
CA ALA A 75 0.05 -3.69 -5.11
C ALA A 75 0.66 -2.91 -3.95
N TYR A 76 0.69 -1.59 -4.07
CA TYR A 76 1.26 -0.74 -3.03
C TYR A 76 0.48 0.57 -2.92
N ILE A 77 0.05 0.89 -1.70
CA ILE A 77 -0.70 2.12 -1.46
C ILE A 77 0.13 3.13 -0.68
N VAL A 78 0.54 4.20 -1.37
CA VAL A 78 1.34 5.24 -0.74
C VAL A 78 0.45 6.24 -0.01
N PHE A 79 0.75 6.44 1.28
CA PHE A 79 -0.02 7.37 2.09
C PHE A 79 0.80 8.63 2.42
N ALA A 80 0.19 9.56 3.12
CA ALA A 80 0.86 10.80 3.50
C ALA A 80 2.07 10.52 4.39
N THR A 81 1.89 9.60 5.34
CA THR A 81 2.97 9.24 6.26
C THR A 81 2.63 7.95 7.00
N GLN A 82 3.63 7.42 7.70
CA GLN A 82 3.45 6.17 8.45
C GLN A 82 2.24 6.28 9.38
N GLU A 83 1.94 7.49 9.83
CA GLU A 83 0.81 7.72 10.73
C GLU A 83 -0.49 7.25 10.08
N SER A 84 -0.74 7.69 8.86
CA SER A 84 -1.95 7.32 8.14
C SER A 84 -1.87 5.88 7.67
N ALA A 85 -0.74 5.51 7.09
CA ALA A 85 -0.54 4.15 6.59
C ALA A 85 -0.83 3.12 7.68
N GLN A 86 -0.15 3.24 8.81
CA GLN A 86 -0.35 2.33 9.92
C GLN A 86 -1.81 2.29 10.35
N ALA A 87 -2.49 3.42 10.25
CA ALA A 87 -3.89 3.52 10.62
C ALA A 87 -4.76 2.67 9.69
N PHE A 88 -4.50 2.76 8.40
CA PHE A 88 -5.26 2.00 7.41
C PHE A 88 -4.86 0.53 7.43
N VAL A 89 -3.59 0.27 7.70
CA VAL A 89 -3.08 -1.10 7.75
C VAL A 89 -3.67 -1.86 8.93
N GLU A 90 -3.78 -1.19 10.06
CA GLU A 90 -4.33 -1.81 11.27
C GLU A 90 -5.86 -1.79 11.24
N ALA A 91 -6.42 -0.83 10.49
CA ALA A 91 -7.86 -0.70 10.39
C ALA A 91 -8.44 -1.77 9.46
N PHE A 92 -7.60 -2.27 8.56
CA PHE A 92 -8.03 -3.30 7.61
C PHE A 92 -7.17 -4.56 7.74
N GLN A 93 -6.30 -4.56 8.75
CA GLN A 93 -5.41 -5.70 8.99
C GLN A 93 -6.20 -7.01 8.94
N GLY A 94 -7.44 -6.97 9.40
CA GLY A 94 -8.27 -8.16 9.40
C GLY A 94 -9.67 -7.89 8.89
N TYR A 95 -9.76 -7.48 7.62
CA TYR A 95 -11.05 -7.19 7.00
C TYR A 95 -11.18 -7.89 5.66
N PRO A 96 -12.35 -8.48 5.41
CA PRO A 96 -12.64 -9.19 4.16
C PRO A 96 -12.75 -8.24 2.96
N PHE A 97 -11.71 -8.23 2.13
CA PHE A 97 -11.70 -7.38 0.95
C PHE A 97 -11.23 -8.14 -0.28
N GLN A 98 -11.74 -7.75 -1.44
CA GLN A 98 -11.37 -8.41 -2.69
C GLN A 98 -11.67 -9.90 -2.63
N GLY A 99 -12.62 -10.28 -1.77
CA GLY A 99 -12.99 -11.67 -1.63
C GLY A 99 -13.03 -12.11 -0.18
N ASN A 100 -11.91 -12.00 0.52
CA ASN A 100 -11.83 -12.40 1.92
C ASN A 100 -10.42 -12.18 2.47
N PRO A 101 -9.43 -12.87 1.87
CA PRO A 101 -8.04 -12.76 2.27
C PRO A 101 -7.43 -11.41 1.92
N LEU A 102 -7.23 -10.58 2.94
CA LEU A 102 -6.64 -9.25 2.74
C LEU A 102 -5.48 -9.01 3.70
N VAL A 103 -4.31 -8.73 3.14
CA VAL A 103 -3.13 -8.48 3.95
C VAL A 103 -2.58 -7.08 3.70
N ILE A 104 -2.21 -6.38 4.78
CA ILE A 104 -1.67 -5.03 4.67
C ILE A 104 -0.46 -4.85 5.57
N THR A 105 0.66 -4.42 4.98
CA THR A 105 1.88 -4.20 5.72
C THR A 105 2.66 -3.02 5.18
N PHE A 106 3.72 -2.62 5.89
CA PHE A 106 4.54 -1.49 5.48
C PHE A 106 5.65 -1.95 4.53
N SER A 107 6.45 -1.00 4.06
CA SER A 107 7.55 -1.30 3.15
C SER A 107 8.82 -0.57 3.58
N GLU A 108 9.90 -0.79 2.83
CA GLU A 108 11.18 -0.17 3.13
C GLU A 108 11.45 0.99 2.17
N THR A 109 11.82 2.14 2.73
CA THR A 109 12.11 3.32 1.93
C THR A 109 13.55 3.78 2.12
N PRO A 110 14.50 2.97 1.63
CA PRO A 110 15.93 3.27 1.74
C PRO A 110 16.34 4.45 0.87
N GLN A 111 17.63 4.76 0.87
CA GLN A 111 18.15 5.88 0.08
C GLN A 111 18.96 5.36 -1.11
N SER A 112 18.35 4.48 -1.89
CA SER A 112 19.01 3.91 -3.06
C SER A 112 19.43 5.01 -4.03
N GLN A 113 18.71 6.12 -4.01
CA GLN A 113 19.01 7.24 -4.89
C GLN A 113 20.43 7.75 -4.68
N VAL A 114 20.96 7.52 -3.48
CA VAL A 114 22.31 7.94 -3.16
C VAL A 114 22.66 9.27 -3.83
N ALA A 115 21.75 10.23 -3.74
CA ALA A 115 21.95 11.53 -4.34
C ALA A 115 22.92 12.38 -3.52
N GLU A 116 22.82 12.27 -2.21
CA GLU A 116 23.69 13.02 -1.30
C GLU A 116 25.15 12.62 -1.51
N ASP A 117 25.39 11.32 -1.63
CA ASP A 117 26.75 10.82 -1.83
C ASP A 117 27.35 11.36 -3.13
N THR A 22 14.16 -8.07 14.93
CA THR A 22 13.11 -7.11 14.62
C THR A 22 13.69 -5.74 14.32
N PRO A 23 14.37 -5.61 13.17
CA PRO A 23 14.98 -4.35 12.75
C PRO A 23 13.94 -3.30 12.36
N PRO A 24 13.86 -2.24 13.17
CA PRO A 24 12.91 -1.14 12.94
C PRO A 24 13.28 -0.31 11.72
N HIS A 25 12.45 0.69 11.41
CA HIS A 25 12.70 1.56 10.27
C HIS A 25 12.63 3.02 10.68
N THR A 26 13.73 3.52 11.25
CA THR A 26 13.81 4.90 11.69
C THR A 26 13.50 5.86 10.55
N GLU A 27 14.14 5.64 9.41
CA GLU A 27 13.93 6.49 8.24
C GLU A 27 12.45 6.65 7.94
N PRO A 28 12.09 7.72 7.22
CA PRO A 28 10.71 8.02 6.85
C PRO A 28 10.16 7.03 5.83
N SER A 29 8.84 6.95 5.75
CA SER A 29 8.17 6.04 4.82
C SER A 29 6.74 6.48 4.55
N GLN A 30 6.55 7.19 3.45
CA GLN A 30 5.22 7.67 3.07
C GLN A 30 4.57 6.73 2.06
N VAL A 31 5.00 5.48 2.06
CA VAL A 31 4.46 4.49 1.15
C VAL A 31 4.22 3.16 1.86
N VAL A 32 3.14 2.47 1.48
CA VAL A 32 2.80 1.19 2.08
C VAL A 32 2.68 0.10 1.02
N LEU A 33 2.97 -1.13 1.40
CA LEU A 33 2.89 -2.26 0.49
C LEU A 33 1.84 -3.26 0.94
N ILE A 34 1.10 -3.82 -0.02
CA ILE A 34 0.06 -4.79 0.28
C ILE A 34 0.26 -6.07 -0.52
N THR A 35 -0.17 -7.19 0.06
CA THR A 35 -0.03 -8.48 -0.61
C THR A 35 -1.24 -9.36 -0.32
N ASN A 36 -1.18 -10.62 -0.77
CA ASN A 36 -2.27 -11.57 -0.57
C ASN A 36 -3.52 -11.13 -1.34
N ILE A 37 -3.30 -10.44 -2.46
CA ILE A 37 -4.41 -9.98 -3.28
C ILE A 37 -4.59 -10.86 -4.52
N ASN A 38 -5.83 -11.18 -4.83
CA ASN A 38 -6.14 -12.01 -5.99
C ASN A 38 -6.10 -11.18 -7.28
N PRO A 39 -5.29 -11.64 -8.24
CA PRO A 39 -5.14 -10.96 -9.53
C PRO A 39 -6.39 -11.08 -10.39
N GLU A 40 -7.35 -11.86 -9.92
CA GLU A 40 -8.60 -12.07 -10.65
C GLU A 40 -9.23 -10.72 -11.02
N VAL A 41 -8.97 -9.71 -10.21
CA VAL A 41 -9.51 -8.38 -10.45
C VAL A 41 -8.52 -7.52 -11.21
N PRO A 42 -9.02 -6.81 -12.25
CA PRO A 42 -8.19 -5.94 -13.08
C PRO A 42 -7.74 -4.68 -12.33
N LYS A 43 -6.49 -4.28 -12.57
CA LYS A 43 -5.94 -3.10 -11.91
C LYS A 43 -6.90 -1.92 -12.00
N GLU A 44 -7.64 -1.86 -13.11
CA GLU A 44 -8.61 -0.78 -13.30
C GLU A 44 -9.52 -0.63 -12.09
N LYS A 45 -10.18 -1.72 -11.71
CA LYS A 45 -11.08 -1.71 -10.57
C LYS A 45 -10.31 -1.92 -9.28
N LEU A 46 -9.37 -2.86 -9.29
CA LEU A 46 -8.56 -3.16 -8.12
C LEU A 46 -7.93 -1.88 -7.55
N GLN A 47 -7.29 -1.11 -8.42
CA GLN A 47 -6.65 0.13 -8.01
C GLN A 47 -7.68 1.12 -7.46
N ALA A 48 -8.76 1.31 -8.21
CA ALA A 48 -9.81 2.24 -7.80
C ALA A 48 -10.34 1.87 -6.41
N LEU A 49 -10.35 0.58 -6.11
CA LEU A 49 -10.84 0.11 -4.82
C LEU A 49 -9.86 0.46 -3.70
N LEU A 50 -8.59 0.12 -3.91
CA LEU A 50 -7.56 0.40 -2.92
C LEU A 50 -7.54 1.89 -2.56
N TYR A 51 -7.96 2.73 -3.50
CA TYR A 51 -7.98 4.17 -3.29
C TYR A 51 -9.12 4.55 -2.34
N ALA A 52 -10.29 3.99 -2.58
CA ALA A 52 -11.46 4.27 -1.75
C ALA A 52 -11.15 4.07 -0.27
N LEU A 53 -10.65 2.89 0.06
CA LEU A 53 -10.30 2.56 1.44
C LEU A 53 -9.21 3.50 1.96
N ALA A 54 -8.23 3.76 1.12
CA ALA A 54 -7.12 4.64 1.49
C ALA A 54 -7.63 6.04 1.86
N SER A 55 -8.45 6.61 0.98
CA SER A 55 -9.01 7.94 1.21
C SER A 55 -9.81 7.97 2.51
N SER A 56 -10.40 6.84 2.87
CA SER A 56 -11.21 6.73 4.08
C SER A 56 -10.35 7.02 5.32
N GLN A 57 -9.04 6.95 5.16
CA GLN A 57 -8.12 7.20 6.26
C GLN A 57 -7.24 8.42 5.97
N GLY A 58 -6.26 8.23 5.08
CA GLY A 58 -5.37 9.32 4.74
C GLY A 58 -5.41 9.65 3.25
N ASP A 59 -4.81 10.78 2.88
CA ASP A 59 -4.79 11.20 1.49
C ASP A 59 -3.80 10.36 0.68
N ILE A 60 -4.16 10.07 -0.56
CA ILE A 60 -3.32 9.26 -1.43
C ILE A 60 -2.66 10.13 -2.50
N LEU A 61 -1.38 9.88 -2.76
CA LEU A 61 -0.64 10.63 -3.76
C LEU A 61 -0.50 9.83 -5.05
N ASP A 62 -0.23 8.54 -4.92
CA ASP A 62 -0.08 7.66 -6.06
C ASP A 62 -0.20 6.20 -5.66
N ILE A 63 -1.16 5.50 -6.25
CA ILE A 63 -1.38 4.09 -5.94
C ILE A 63 -0.79 3.19 -7.02
N VAL A 64 0.27 2.48 -6.65
CA VAL A 64 0.95 1.58 -7.59
C VAL A 64 0.45 0.14 -7.42
N VAL A 65 0.41 -0.59 -8.52
CA VAL A 65 -0.04 -1.98 -8.50
C VAL A 65 0.79 -2.84 -9.45
N ASP A 66 1.16 -4.02 -8.98
CA ASP A 66 1.97 -4.95 -9.78
C ASP A 66 1.19 -5.37 -11.03
N LEU A 67 1.66 -6.45 -11.66
CA LEU A 67 1.02 -6.96 -12.87
C LEU A 67 0.00 -8.04 -12.53
N SER A 68 -0.44 -8.06 -11.27
CA SER A 68 -1.41 -9.04 -10.81
C SER A 68 -0.99 -10.45 -11.19
N ASP A 69 0.14 -10.90 -10.65
CA ASP A 69 0.66 -12.23 -10.92
C ASP A 69 -0.14 -13.29 -10.16
N ASP A 70 -0.29 -14.45 -10.77
CA ASP A 70 -1.03 -15.56 -10.16
C ASP A 70 -0.20 -16.20 -9.05
N ASN A 71 1.05 -15.79 -8.92
CA ASN A 71 1.94 -16.33 -7.92
C ASN A 71 2.43 -15.24 -6.97
N SER A 72 2.14 -13.98 -7.32
CA SER A 72 2.55 -12.84 -6.51
C SER A 72 1.33 -12.05 -6.04
N GLY A 73 0.71 -11.34 -6.95
CA GLY A 73 -0.47 -10.55 -6.61
C GLY A 73 -0.22 -9.61 -5.45
N LYS A 74 0.24 -8.40 -5.76
CA LYS A 74 0.52 -7.41 -4.72
C LYS A 74 0.44 -5.99 -5.29
N ALA A 75 0.67 -5.00 -4.44
CA ALA A 75 0.61 -3.61 -4.85
C ALA A 75 1.17 -2.69 -3.77
N TYR A 76 1.29 -1.41 -4.09
CA TYR A 76 1.80 -0.43 -3.15
C TYR A 76 0.96 0.85 -3.17
N ILE A 77 0.50 1.26 -2.00
CA ILE A 77 -0.32 2.47 -1.88
C ILE A 77 0.48 3.60 -1.22
N VAL A 78 0.83 4.60 -2.03
CA VAL A 78 1.59 5.75 -1.53
C VAL A 78 0.66 6.79 -0.92
N PHE A 79 0.92 7.16 0.33
CA PHE A 79 0.11 8.15 1.02
C PHE A 79 0.84 9.49 1.10
N ALA A 80 0.21 10.46 1.76
CA ALA A 80 0.80 11.79 1.91
C ALA A 80 2.00 11.75 2.85
N THR A 81 1.91 10.91 3.88
CA THR A 81 3.00 10.78 4.84
C THR A 81 2.81 9.53 5.71
N GLN A 82 3.87 9.13 6.40
CA GLN A 82 3.83 7.96 7.26
C GLN A 82 2.68 8.06 8.25
N GLU A 83 2.32 9.29 8.60
CA GLU A 83 1.24 9.51 9.56
C GLU A 83 -0.07 8.92 9.04
N SER A 84 -0.43 9.24 7.80
CA SER A 84 -1.65 8.74 7.20
C SER A 84 -1.52 7.26 6.84
N ALA A 85 -0.39 6.92 6.21
CA ALA A 85 -0.14 5.54 5.82
C ALA A 85 -0.30 4.59 7.00
N GLN A 86 0.43 4.85 8.08
CA GLN A 86 0.37 4.01 9.26
C GLN A 86 -1.06 3.89 9.77
N ALA A 87 -1.78 5.01 9.75
CA ALA A 87 -3.18 5.03 10.21
C ALA A 87 -4.02 4.02 9.42
N PHE A 88 -3.92 4.09 8.10
CA PHE A 88 -4.68 3.19 7.23
C PHE A 88 -4.21 1.74 7.41
N VAL A 89 -2.93 1.57 7.68
CA VAL A 89 -2.36 0.24 7.87
C VAL A 89 -2.94 -0.43 9.10
N GLU A 90 -3.04 0.32 10.20
CA GLU A 90 -3.58 -0.21 11.44
C GLU A 90 -5.10 -0.18 11.43
N ALA A 91 -5.66 0.70 10.60
CA ALA A 91 -7.10 0.84 10.50
C ALA A 91 -7.71 -0.31 9.69
N PHE A 92 -6.89 -0.93 8.86
CA PHE A 92 -7.33 -2.05 8.02
C PHE A 92 -6.44 -3.27 8.23
N GLN A 93 -5.55 -3.19 9.21
CA GLN A 93 -4.63 -4.29 9.50
C GLN A 93 -5.39 -5.61 9.59
N GLY A 94 -6.63 -5.54 10.07
CA GLY A 94 -7.43 -6.74 10.19
C GLY A 94 -8.86 -6.55 9.71
N TYR A 95 -9.00 -6.18 8.44
CA TYR A 95 -10.32 -5.95 7.85
C TYR A 95 -10.52 -6.83 6.61
N PRO A 96 -11.72 -7.43 6.51
CA PRO A 96 -12.06 -8.30 5.38
C PRO A 96 -12.24 -7.51 4.08
N PHE A 97 -11.27 -7.64 3.19
CA PHE A 97 -11.31 -6.95 1.90
C PHE A 97 -10.78 -7.84 0.78
N GLN A 98 -11.38 -7.70 -0.40
CA GLN A 98 -10.97 -8.50 -1.55
C GLN A 98 -10.94 -9.98 -1.21
N GLY A 99 -11.79 -10.39 -0.27
CA GLY A 99 -11.85 -11.78 0.13
C GLY A 99 -11.96 -11.94 1.64
N ASN A 100 -10.88 -11.65 2.34
CA ASN A 100 -10.85 -11.77 3.79
C ASN A 100 -9.48 -11.41 4.36
N PRO A 101 -8.46 -12.18 3.94
CA PRO A 101 -7.07 -11.95 4.38
C PRO A 101 -6.48 -10.67 3.82
N LEU A 102 -6.42 -9.63 4.64
CA LEU A 102 -5.87 -8.34 4.22
C LEU A 102 -4.59 -8.04 4.97
N VAL A 103 -3.51 -7.83 4.22
CA VAL A 103 -2.22 -7.51 4.81
C VAL A 103 -1.73 -6.14 4.37
N ILE A 104 -1.48 -5.28 5.35
CA ILE A 104 -1.00 -3.92 5.07
C ILE A 104 0.22 -3.58 5.90
N THR A 105 1.30 -3.19 5.23
CA THR A 105 2.54 -2.84 5.91
C THR A 105 3.27 -1.72 5.18
N PHE A 106 4.38 -1.26 5.75
CA PHE A 106 5.16 -0.19 5.16
C PHE A 106 6.19 -0.74 4.16
N SER A 107 7.09 0.12 3.71
CA SER A 107 8.12 -0.28 2.76
C SER A 107 9.22 0.77 2.67
N GLU A 108 10.21 0.52 1.81
CA GLU A 108 11.31 1.45 1.63
C GLU A 108 10.98 2.49 0.56
N THR A 109 11.43 3.72 0.78
CA THR A 109 11.20 4.80 -0.16
C THR A 109 12.49 5.28 -0.81
N PRO A 110 13.02 4.48 -1.73
CA PRO A 110 14.26 4.79 -2.44
C PRO A 110 14.09 5.95 -3.42
N GLN A 111 15.16 6.27 -4.14
CA GLN A 111 15.13 7.36 -5.11
C GLN A 111 14.90 8.69 -4.41
N SER A 112 15.28 8.76 -3.14
CA SER A 112 15.11 9.98 -2.36
C SER A 112 16.36 10.85 -2.42
N GLN A 113 17.52 10.22 -2.41
CA GLN A 113 18.79 10.93 -2.47
C GLN A 113 18.85 11.83 -3.70
N VAL A 114 18.10 11.46 -4.74
CA VAL A 114 18.07 12.24 -5.97
C VAL A 114 17.77 13.70 -5.69
N ALA A 115 17.03 13.96 -4.62
CA ALA A 115 16.67 15.32 -4.23
C ALA A 115 17.92 16.15 -3.93
N GLU A 116 18.83 15.57 -3.17
CA GLU A 116 20.07 16.25 -2.79
C GLU A 116 20.97 16.45 -4.02
N ASP A 117 21.12 15.38 -4.80
CA ASP A 117 21.95 15.42 -6.00
C ASP A 117 21.13 15.82 -7.22
N THR A 22 5.77 0.22 21.31
CA THR A 22 7.03 0.89 21.01
C THR A 22 7.67 0.30 19.76
N PRO A 23 7.05 0.57 18.59
CA PRO A 23 7.55 0.08 17.31
C PRO A 23 8.85 0.77 16.88
N PRO A 24 9.95 -0.01 16.86
CA PRO A 24 11.26 0.50 16.48
C PRO A 24 11.35 0.84 15.00
N HIS A 25 11.41 2.12 14.68
CA HIS A 25 11.49 2.57 13.29
C HIS A 25 12.80 3.30 13.04
N THR A 26 13.37 3.10 11.86
CA THR A 26 14.63 3.73 11.50
C THR A 26 14.39 4.97 10.62
N GLU A 27 13.55 4.80 9.61
CA GLU A 27 13.23 5.90 8.70
C GLU A 27 11.74 5.92 8.36
N PRO A 28 11.25 7.08 7.93
CA PRO A 28 9.84 7.26 7.57
C PRO A 28 9.48 6.53 6.27
N SER A 29 8.28 6.78 5.77
CA SER A 29 7.82 6.15 4.53
C SER A 29 6.42 6.64 4.16
N GLN A 30 6.32 7.24 2.98
CA GLN A 30 5.04 7.76 2.50
C GLN A 30 4.42 6.81 1.49
N VAL A 31 4.79 5.54 1.57
CA VAL A 31 4.26 4.53 0.65
C VAL A 31 4.11 3.18 1.35
N VAL A 32 3.11 2.42 0.92
CA VAL A 32 2.86 1.10 1.51
C VAL A 32 2.72 0.04 0.42
N LEU A 33 3.31 -1.13 0.67
CA LEU A 33 3.26 -2.23 -0.28
C LEU A 33 2.28 -3.30 0.19
N ILE A 34 1.39 -3.70 -0.71
CA ILE A 34 0.39 -4.72 -0.39
C ILE A 34 0.53 -5.92 -1.33
N THR A 35 0.19 -7.10 -0.82
CA THR A 35 0.26 -8.33 -1.60
C THR A 35 -0.89 -9.28 -1.27
N ASN A 36 -0.85 -10.47 -1.85
CA ASN A 36 -1.89 -11.46 -1.61
C ASN A 36 -3.24 -10.97 -2.12
N ILE A 37 -3.20 -10.05 -3.08
CA ILE A 37 -4.43 -9.50 -3.66
C ILE A 37 -4.93 -10.36 -4.82
N ASN A 38 -6.23 -10.61 -4.84
CA ASN A 38 -6.83 -11.42 -5.89
C ASN A 38 -6.76 -10.71 -7.24
N PRO A 39 -5.97 -11.28 -8.17
CA PRO A 39 -5.80 -10.72 -9.51
C PRO A 39 -7.06 -10.84 -10.36
N GLU A 40 -8.02 -11.60 -9.86
CA GLU A 40 -9.28 -11.80 -10.58
C GLU A 40 -9.89 -10.47 -10.97
N VAL A 41 -9.61 -9.44 -10.19
CA VAL A 41 -10.14 -8.10 -10.45
C VAL A 41 -9.09 -7.21 -11.13
N PRO A 42 -9.51 -6.49 -12.18
CA PRO A 42 -8.64 -5.61 -12.93
C PRO A 42 -8.23 -4.37 -12.12
N LYS A 43 -7.03 -3.87 -12.38
CA LYS A 43 -6.53 -2.69 -11.68
C LYS A 43 -7.58 -1.58 -11.65
N GLU A 44 -8.35 -1.48 -12.73
CA GLU A 44 -9.39 -0.47 -12.82
C GLU A 44 -10.33 -0.54 -11.62
N LYS A 45 -10.85 -1.74 -11.34
CA LYS A 45 -11.76 -1.94 -10.22
C LYS A 45 -10.98 -2.08 -8.91
N LEU A 46 -9.95 -2.91 -8.93
CA LEU A 46 -9.12 -3.13 -7.74
C LEU A 46 -8.65 -1.81 -7.15
N GLN A 47 -7.93 -1.03 -7.96
CA GLN A 47 -7.42 0.26 -7.51
C GLN A 47 -8.54 1.11 -6.89
N ALA A 48 -9.68 1.16 -7.57
CA ALA A 48 -10.82 1.92 -7.08
C ALA A 48 -11.15 1.56 -5.64
N LEU A 49 -11.05 0.27 -5.32
CA LEU A 49 -11.34 -0.20 -3.97
C LEU A 49 -10.23 0.20 -3.01
N LEU A 50 -8.99 0.00 -3.42
CA LEU A 50 -7.84 0.34 -2.60
C LEU A 50 -7.88 1.80 -2.16
N TYR A 51 -8.40 2.65 -3.04
CA TYR A 51 -8.51 4.08 -2.74
C TYR A 51 -9.62 4.34 -1.74
N ALA A 52 -10.76 3.69 -1.95
CA ALA A 52 -11.90 3.86 -1.06
C ALA A 52 -11.51 3.64 0.39
N LEU A 53 -10.85 2.51 0.65
CA LEU A 53 -10.43 2.17 2.01
C LEU A 53 -9.30 3.09 2.46
N ALA A 54 -8.38 3.39 1.53
CA ALA A 54 -7.25 4.26 1.84
C ALA A 54 -7.73 5.62 2.34
N SER A 55 -8.59 6.27 1.56
CA SER A 55 -9.11 7.58 1.93
C SER A 55 -9.78 7.54 3.31
N SER A 56 -10.38 6.40 3.62
CA SER A 56 -11.06 6.22 4.91
C SER A 56 -10.11 6.49 6.06
N GLN A 57 -8.81 6.32 5.81
CA GLN A 57 -7.79 6.54 6.83
C GLN A 57 -6.99 7.80 6.53
N GLY A 58 -6.15 7.74 5.51
CA GLY A 58 -5.33 8.88 5.14
C GLY A 58 -5.51 9.27 3.68
N ASP A 59 -4.91 10.39 3.29
CA ASP A 59 -5.00 10.87 1.92
C ASP A 59 -4.06 10.09 1.00
N ILE A 60 -4.53 9.80 -0.21
CA ILE A 60 -3.73 9.05 -1.18
C ILE A 60 -3.14 9.99 -2.23
N LEU A 61 -1.85 9.81 -2.52
CA LEU A 61 -1.17 10.64 -3.51
C LEU A 61 -1.09 9.91 -4.85
N ASP A 62 -1.09 8.58 -4.79
CA ASP A 62 -1.02 7.77 -6.01
C ASP A 62 -1.02 6.28 -5.67
N ILE A 63 -1.96 5.54 -6.25
CA ILE A 63 -2.07 4.12 -6.01
C ILE A 63 -1.53 3.32 -7.19
N VAL A 64 -0.42 2.62 -6.98
CA VAL A 64 0.18 1.81 -8.02
C VAL A 64 -0.27 0.35 -7.93
N VAL A 65 -0.36 -0.31 -9.08
CA VAL A 65 -0.77 -1.70 -9.13
C VAL A 65 0.03 -2.49 -10.16
N ASP A 66 0.30 -3.75 -9.85
CA ASP A 66 1.07 -4.61 -10.76
C ASP A 66 0.20 -5.08 -11.92
N LEU A 67 0.68 -6.11 -12.61
CA LEU A 67 -0.06 -6.66 -13.75
C LEU A 67 -0.79 -7.93 -13.37
N SER A 68 -0.85 -8.21 -12.07
CA SER A 68 -1.52 -9.40 -11.56
C SER A 68 -1.05 -10.64 -12.32
N ASP A 69 0.07 -11.21 -11.88
CA ASP A 69 0.62 -12.40 -12.51
C ASP A 69 -0.09 -13.66 -12.01
N ASP A 70 -1.32 -13.49 -11.55
CA ASP A 70 -2.11 -14.61 -11.05
C ASP A 70 -1.61 -15.05 -9.67
N ASN A 71 -0.35 -15.44 -9.61
CA ASN A 71 0.25 -15.88 -8.35
C ASN A 71 0.94 -14.72 -7.63
N SER A 72 1.26 -13.67 -8.39
CA SER A 72 1.93 -12.51 -7.84
C SER A 72 0.92 -11.55 -7.18
N GLY A 73 0.17 -10.84 -8.01
CA GLY A 73 -0.82 -9.91 -7.49
C GLY A 73 -0.27 -9.02 -6.40
N LYS A 74 0.27 -7.87 -6.78
CA LYS A 74 0.83 -6.93 -5.83
C LYS A 74 0.46 -5.50 -6.19
N ALA A 75 0.55 -4.60 -5.21
CA ALA A 75 0.23 -3.20 -5.43
C ALA A 75 0.87 -2.31 -4.35
N TYR A 76 0.75 -1.01 -4.53
CA TYR A 76 1.31 -0.06 -3.58
C TYR A 76 0.43 1.18 -3.45
N ILE A 77 0.08 1.52 -2.21
CA ILE A 77 -0.77 2.67 -1.95
C ILE A 77 0.04 3.82 -1.34
N VAL A 78 0.30 4.84 -2.14
CA VAL A 78 1.06 6.00 -1.68
C VAL A 78 0.17 6.96 -0.90
N PHE A 79 0.58 7.28 0.32
CA PHE A 79 -0.17 8.19 1.17
C PHE A 79 0.56 9.52 1.34
N ALA A 80 -0.05 10.44 2.08
CA ALA A 80 0.55 11.74 2.33
C ALA A 80 1.86 11.61 3.10
N THR A 81 1.86 10.76 4.11
CA THR A 81 3.04 10.53 4.93
C THR A 81 2.92 9.26 5.75
N GLN A 82 4.02 8.84 6.36
CA GLN A 82 4.04 7.63 7.17
C GLN A 82 2.93 7.67 8.23
N GLU A 83 2.58 8.88 8.65
CA GLU A 83 1.53 9.06 9.66
C GLU A 83 0.23 8.41 9.20
N SER A 84 -0.22 8.78 8.00
CA SER A 84 -1.46 8.25 7.45
C SER A 84 -1.27 6.80 7.01
N ALA A 85 -0.17 6.54 6.31
CA ALA A 85 0.11 5.18 5.84
C ALA A 85 0.06 4.18 6.98
N GLN A 86 0.84 4.43 8.02
CA GLN A 86 0.88 3.53 9.17
C GLN A 86 -0.51 3.34 9.77
N ALA A 87 -1.32 4.40 9.71
CA ALA A 87 -2.67 4.36 10.25
C ALA A 87 -3.53 3.35 9.48
N PHE A 88 -3.51 3.46 8.15
CA PHE A 88 -4.29 2.56 7.31
C PHE A 88 -3.73 1.14 7.37
N VAL A 89 -2.41 1.03 7.44
CA VAL A 89 -1.75 -0.28 7.50
C VAL A 89 -2.12 -1.01 8.78
N GLU A 90 -2.17 -0.28 9.89
CA GLU A 90 -2.51 -0.87 11.18
C GLU A 90 -4.02 -0.98 11.34
N ALA A 91 -4.75 -0.11 10.66
CA ALA A 91 -6.21 -0.12 10.74
C ALA A 91 -6.79 -1.28 9.94
N PHE A 92 -6.00 -1.81 9.01
CA PHE A 92 -6.43 -2.93 8.18
C PHE A 92 -5.45 -4.09 8.27
N GLN A 93 -4.46 -3.95 9.14
CA GLN A 93 -3.44 -4.98 9.32
C GLN A 93 -4.09 -6.35 9.48
N GLY A 94 -5.26 -6.38 10.10
CA GLY A 94 -5.96 -7.63 10.30
C GLY A 94 -7.44 -7.53 9.97
N TYR A 95 -7.74 -7.29 8.70
CA TYR A 95 -9.13 -7.17 8.26
C TYR A 95 -9.35 -7.94 6.96
N PRO A 96 -10.48 -8.67 6.89
CA PRO A 96 -10.83 -9.46 5.71
C PRO A 96 -11.21 -8.58 4.52
N PHE A 97 -10.29 -8.47 3.56
CA PHE A 97 -10.53 -7.67 2.36
C PHE A 97 -10.21 -8.46 1.10
N GLN A 98 -10.97 -8.19 0.04
CA GLN A 98 -10.77 -8.89 -1.23
C GLN A 98 -10.90 -10.40 -1.05
N GLY A 99 -11.61 -10.80 -0.01
CA GLY A 99 -11.80 -12.22 0.25
C GLY A 99 -11.58 -12.58 1.70
N ASN A 100 -10.37 -12.31 2.20
CA ASN A 100 -10.03 -12.61 3.59
C ASN A 100 -8.58 -12.25 3.88
N PRO A 101 -7.65 -12.88 3.14
CA PRO A 101 -6.21 -12.65 3.30
C PRO A 101 -5.79 -11.26 2.81
N LEU A 102 -5.54 -10.37 3.75
CA LEU A 102 -5.13 -9.00 3.43
C LEU A 102 -3.88 -8.61 4.20
N VAL A 103 -2.82 -8.26 3.47
CA VAL A 103 -1.56 -7.86 4.09
C VAL A 103 -1.20 -6.42 3.72
N ILE A 104 -0.76 -5.67 4.71
CA ILE A 104 -0.39 -4.27 4.50
C ILE A 104 0.89 -3.92 5.27
N THR A 105 1.87 -3.40 4.56
CA THR A 105 3.14 -3.02 5.17
C THR A 105 3.73 -1.77 4.50
N PHE A 106 4.81 -1.25 5.07
CA PHE A 106 5.46 -0.07 4.53
C PHE A 106 6.44 -0.45 3.43
N SER A 107 7.23 0.52 2.99
CA SER A 107 8.22 0.31 1.94
C SER A 107 9.38 1.27 2.06
N GLU A 108 10.31 1.21 1.10
CA GLU A 108 11.47 2.08 1.11
C GLU A 108 11.49 2.97 -0.14
N THR A 109 12.12 4.13 -0.02
CA THR A 109 12.21 5.06 -1.13
C THR A 109 13.66 5.33 -1.52
N PRO A 110 14.28 4.34 -2.17
CA PRO A 110 15.68 4.44 -2.61
C PRO A 110 15.86 5.43 -3.75
N GLN A 111 17.09 5.54 -4.25
CA GLN A 111 17.39 6.45 -5.34
C GLN A 111 17.16 7.91 -4.91
N SER A 112 17.26 8.15 -3.61
CA SER A 112 17.07 9.49 -3.08
C SER A 112 18.39 10.24 -2.99
N GLN A 113 19.46 9.52 -2.69
CA GLN A 113 20.79 10.12 -2.56
C GLN A 113 21.16 10.87 -3.84
N VAL A 114 20.59 10.43 -4.97
CA VAL A 114 20.87 11.05 -6.25
C VAL A 114 20.64 12.55 -6.19
N ALA A 115 19.72 12.97 -5.33
CA ALA A 115 19.40 14.38 -5.18
C ALA A 115 20.64 15.18 -4.79
N GLU A 116 21.55 14.55 -4.06
CA GLU A 116 22.78 15.20 -3.62
C GLU A 116 23.62 15.63 -4.82
N ASP A 117 23.56 14.84 -5.89
CA ASP A 117 24.31 15.13 -7.11
C ASP A 117 23.39 15.61 -8.22
N THR A 22 9.90 0.94 22.14
CA THR A 22 10.33 2.18 21.50
C THR A 22 11.04 1.89 20.18
N PRO A 23 10.26 1.41 19.18
CA PRO A 23 10.79 1.09 17.86
C PRO A 23 11.21 2.33 17.07
N PRO A 24 12.53 2.48 16.86
CA PRO A 24 13.08 3.62 16.12
C PRO A 24 12.73 3.57 14.64
N HIS A 25 13.21 4.57 13.89
CA HIS A 25 12.94 4.64 12.46
C HIS A 25 14.25 4.58 11.67
N THR A 26 14.13 4.28 10.37
CA THR A 26 15.31 4.19 9.51
C THR A 26 15.23 5.19 8.36
N GLU A 27 14.20 5.04 7.53
CA GLU A 27 14.01 5.93 6.39
C GLU A 27 12.54 6.27 6.20
N PRO A 28 12.27 7.40 5.53
CA PRO A 28 10.90 7.86 5.28
C PRO A 28 10.18 6.98 4.26
N SER A 29 8.85 7.00 4.32
CA SER A 29 8.04 6.20 3.40
C SER A 29 6.61 6.74 3.32
N GLN A 30 6.32 7.46 2.24
CA GLN A 30 5.01 8.04 2.04
C GLN A 30 4.14 7.16 1.14
N VAL A 31 4.54 5.89 1.03
CA VAL A 31 3.80 4.94 0.20
C VAL A 31 3.72 3.58 0.88
N VAL A 32 2.79 2.74 0.41
CA VAL A 32 2.61 1.41 0.96
C VAL A 32 2.51 0.36 -0.14
N LEU A 33 3.14 -0.79 0.08
CA LEU A 33 3.13 -1.88 -0.89
C LEU A 33 2.27 -3.03 -0.40
N ILE A 34 1.24 -3.36 -1.15
CA ILE A 34 0.34 -4.45 -0.79
C ILE A 34 0.54 -5.66 -1.71
N THR A 35 0.33 -6.85 -1.16
CA THR A 35 0.48 -8.08 -1.94
C THR A 35 -0.51 -9.14 -1.48
N ASN A 36 -0.38 -10.34 -2.04
CA ASN A 36 -1.26 -11.45 -1.69
C ASN A 36 -2.70 -11.16 -2.12
N ILE A 37 -2.84 -10.31 -3.13
CA ILE A 37 -4.15 -9.95 -3.64
C ILE A 37 -4.55 -10.84 -4.82
N ASN A 38 -5.85 -11.11 -4.94
CA ASN A 38 -6.36 -11.94 -6.02
C ASN A 38 -6.59 -11.12 -7.28
N PRO A 39 -5.91 -11.51 -8.36
CA PRO A 39 -6.03 -10.82 -9.66
C PRO A 39 -7.39 -11.03 -10.30
N GLU A 40 -8.19 -11.90 -9.71
CA GLU A 40 -9.53 -12.19 -10.23
C GLU A 40 -10.31 -10.90 -10.48
N VAL A 41 -10.00 -9.87 -9.70
CA VAL A 41 -10.68 -8.58 -9.82
C VAL A 41 -9.89 -7.64 -10.74
N PRO A 42 -10.60 -6.99 -11.66
CA PRO A 42 -9.99 -6.04 -12.60
C PRO A 42 -9.51 -4.77 -11.93
N LYS A 43 -8.36 -4.27 -12.36
CA LYS A 43 -7.79 -3.04 -11.80
C LYS A 43 -8.85 -1.95 -11.70
N GLU A 44 -9.77 -1.93 -12.65
CA GLU A 44 -10.83 -0.93 -12.67
C GLU A 44 -11.53 -0.86 -11.32
N LYS A 45 -12.04 -2.00 -10.85
CA LYS A 45 -12.72 -2.06 -9.57
C LYS A 45 -11.73 -2.22 -8.42
N LEU A 46 -10.74 -3.08 -8.62
CA LEU A 46 -9.72 -3.32 -7.61
C LEU A 46 -9.10 -2.01 -7.13
N GLN A 47 -8.69 -1.18 -8.08
CA GLN A 47 -8.08 0.10 -7.76
C GLN A 47 -9.08 1.01 -7.04
N ALA A 48 -10.28 1.12 -7.60
CA ALA A 48 -11.32 1.96 -7.01
C ALA A 48 -11.58 1.57 -5.56
N LEU A 49 -11.46 0.28 -5.27
CA LEU A 49 -11.68 -0.23 -3.92
C LEU A 49 -10.55 0.17 -2.99
N LEU A 50 -9.32 -0.05 -3.44
CA LEU A 50 -8.14 0.29 -2.66
C LEU A 50 -8.16 1.76 -2.24
N TYR A 51 -8.80 2.59 -3.07
CA TYR A 51 -8.89 4.01 -2.78
C TYR A 51 -9.88 4.28 -1.65
N ALA A 52 -11.03 3.62 -1.72
CA ALA A 52 -12.06 3.78 -0.69
C ALA A 52 -11.49 3.58 0.71
N LEU A 53 -10.84 2.44 0.91
CA LEU A 53 -10.24 2.12 2.20
C LEU A 53 -9.13 3.11 2.55
N ALA A 54 -8.35 3.48 1.54
CA ALA A 54 -7.26 4.42 1.73
C ALA A 54 -7.76 5.76 2.26
N SER A 55 -8.73 6.34 1.55
CA SER A 55 -9.30 7.62 1.95
C SER A 55 -9.88 7.55 3.35
N SER A 56 -10.42 6.39 3.71
CA SER A 56 -11.01 6.18 5.01
C SER A 56 -10.00 6.44 6.12
N GLN A 57 -8.72 6.34 5.78
CA GLN A 57 -7.65 6.56 6.74
C GLN A 57 -6.89 7.85 6.43
N GLY A 58 -6.12 7.84 5.35
CA GLY A 58 -5.37 9.02 4.96
C GLY A 58 -5.61 9.41 3.51
N ASP A 59 -5.13 10.60 3.14
CA ASP A 59 -5.30 11.09 1.77
C ASP A 59 -4.42 10.30 0.81
N ILE A 60 -4.93 10.09 -0.40
CA ILE A 60 -4.18 9.35 -1.42
C ILE A 60 -3.66 10.29 -2.50
N LEU A 61 -2.40 10.11 -2.88
CA LEU A 61 -1.77 10.94 -3.90
C LEU A 61 -1.73 10.20 -5.24
N ASP A 62 -1.73 8.88 -5.19
CA ASP A 62 -1.69 8.06 -6.39
C ASP A 62 -1.70 6.57 -6.04
N ILE A 63 -2.67 5.84 -6.58
CA ILE A 63 -2.78 4.41 -6.33
C ILE A 63 -2.31 3.60 -7.53
N VAL A 64 -1.19 2.91 -7.38
CA VAL A 64 -0.63 2.09 -8.45
C VAL A 64 -1.03 0.63 -8.28
N VAL A 65 -1.21 -0.06 -9.40
CA VAL A 65 -1.59 -1.47 -9.38
C VAL A 65 -0.95 -2.23 -10.55
N ASP A 66 -0.36 -3.38 -10.24
CA ASP A 66 0.27 -4.20 -11.27
C ASP A 66 -0.74 -4.66 -12.31
N LEU A 67 -0.36 -5.66 -13.10
CA LEU A 67 -1.23 -6.20 -14.13
C LEU A 67 -2.04 -7.40 -13.60
N SER A 68 -2.19 -7.47 -12.29
CA SER A 68 -2.93 -8.56 -11.66
C SER A 68 -2.44 -9.91 -12.17
N ASP A 69 -1.17 -10.20 -11.92
CA ASP A 69 -0.57 -11.45 -12.36
C ASP A 69 -1.01 -12.60 -11.46
N ASP A 70 -1.28 -13.75 -12.06
CA ASP A 70 -1.71 -14.93 -11.30
C ASP A 70 -0.58 -15.46 -10.44
N ASN A 71 0.63 -14.96 -10.68
CA ASN A 71 1.80 -15.39 -9.92
C ASN A 71 2.34 -14.24 -9.06
N SER A 72 1.82 -13.04 -9.28
CA SER A 72 2.24 -11.87 -8.53
C SER A 72 1.09 -11.27 -7.76
N GLY A 73 0.17 -10.62 -8.47
CA GLY A 73 -0.98 -10.01 -7.83
C GLY A 73 -0.59 -9.10 -6.68
N LYS A 74 -0.32 -7.84 -6.98
CA LYS A 74 0.08 -6.88 -5.97
C LYS A 74 -0.26 -5.46 -6.41
N ALA A 75 0.06 -4.48 -5.57
CA ALA A 75 -0.20 -3.08 -5.86
C ALA A 75 0.47 -2.16 -4.86
N TYR A 76 0.30 -0.86 -5.04
CA TYR A 76 0.90 0.12 -4.15
C TYR A 76 -0.01 1.33 -3.97
N ILE A 77 -0.29 1.68 -2.72
CA ILE A 77 -1.15 2.82 -2.42
C ILE A 77 -0.35 3.97 -1.84
N VAL A 78 -0.14 5.01 -2.64
CA VAL A 78 0.62 6.18 -2.19
C VAL A 78 -0.26 7.12 -1.37
N PHE A 79 0.21 7.45 -0.17
CA PHE A 79 -0.54 8.34 0.72
C PHE A 79 0.13 9.71 0.81
N ALA A 80 -0.48 10.61 1.56
CA ALA A 80 0.06 11.95 1.74
C ALA A 80 1.43 11.91 2.40
N THR A 81 1.57 11.05 3.40
CA THR A 81 2.83 10.91 4.12
C THR A 81 2.85 9.65 4.97
N GLN A 82 4.02 9.30 5.48
CA GLN A 82 4.16 8.10 6.32
C GLN A 82 3.15 8.12 7.45
N GLU A 83 2.78 9.31 7.90
CA GLU A 83 1.82 9.45 8.99
C GLU A 83 0.50 8.76 8.64
N SER A 84 -0.06 9.11 7.48
CA SER A 84 -1.31 8.52 7.04
C SER A 84 -1.13 7.07 6.63
N ALA A 85 -0.07 6.81 5.87
CA ALA A 85 0.22 5.45 5.40
C ALA A 85 0.27 4.47 6.58
N GLN A 86 1.05 4.81 7.60
CA GLN A 86 1.18 3.96 8.77
C GLN A 86 -0.17 3.69 9.40
N ALA A 87 -1.03 4.71 9.40
CA ALA A 87 -2.36 4.59 9.98
C ALA A 87 -3.21 3.58 9.19
N PHE A 88 -3.11 3.63 7.87
CA PHE A 88 -3.86 2.74 7.01
C PHE A 88 -3.27 1.33 7.04
N VAL A 89 -1.95 1.26 7.15
CA VAL A 89 -1.25 -0.03 7.18
C VAL A 89 -1.57 -0.79 8.46
N GLU A 90 -1.64 -0.06 9.58
CA GLU A 90 -1.93 -0.67 10.87
C GLU A 90 -3.43 -0.87 11.04
N ALA A 91 -4.22 -0.06 10.33
CA ALA A 91 -5.68 -0.15 10.41
C ALA A 91 -6.19 -1.34 9.61
N PHE A 92 -5.41 -1.75 8.62
CA PHE A 92 -5.80 -2.89 7.78
C PHE A 92 -4.74 -3.99 7.84
N GLN A 93 -3.78 -3.84 8.74
CA GLN A 93 -2.71 -4.82 8.89
C GLN A 93 -3.28 -6.23 8.98
N GLY A 94 -4.47 -6.35 9.57
CA GLY A 94 -5.10 -7.64 9.71
C GLY A 94 -6.60 -7.59 9.45
N TYR A 95 -6.97 -7.13 8.26
CA TYR A 95 -8.39 -7.02 7.89
C TYR A 95 -8.69 -7.88 6.67
N PRO A 96 -9.82 -8.60 6.72
CA PRO A 96 -10.26 -9.48 5.63
C PRO A 96 -10.71 -8.69 4.41
N PHE A 97 -9.88 -8.70 3.37
CA PHE A 97 -10.18 -7.99 2.13
C PHE A 97 -9.78 -8.81 0.91
N GLN A 98 -10.58 -8.72 -0.14
CA GLN A 98 -10.31 -9.46 -1.37
C GLN A 98 -10.07 -10.94 -1.07
N GLY A 99 -10.71 -11.44 -0.02
CA GLY A 99 -10.55 -12.83 0.34
C GLY A 99 -10.43 -13.02 1.85
N ASN A 100 -9.28 -12.65 2.40
CA ASN A 100 -9.04 -12.80 3.83
C ASN A 100 -7.63 -12.32 4.19
N PRO A 101 -6.62 -12.98 3.61
CA PRO A 101 -5.21 -12.64 3.86
C PRO A 101 -4.83 -11.29 3.24
N LEU A 102 -4.72 -10.27 4.09
CA LEU A 102 -4.35 -8.94 3.63
C LEU A 102 -3.01 -8.51 4.21
N VAL A 103 -2.11 -8.06 3.34
CA VAL A 103 -0.79 -7.61 3.77
C VAL A 103 -0.51 -6.18 3.32
N ILE A 104 -0.06 -5.35 4.25
CA ILE A 104 0.24 -3.95 3.95
C ILE A 104 1.64 -3.58 4.41
N THR A 105 2.50 -3.24 3.47
CA THR A 105 3.88 -2.86 3.78
C THR A 105 4.15 -1.41 3.39
N PHE A 106 5.35 -0.94 3.69
CA PHE A 106 5.74 0.44 3.37
C PHE A 106 6.53 0.49 2.07
N SER A 107 6.50 -0.61 1.32
CA SER A 107 7.22 -0.70 0.06
C SER A 107 8.72 -0.49 0.27
N GLU A 108 9.45 -0.33 -0.83
CA GLU A 108 10.89 -0.14 -0.76
C GLU A 108 11.30 1.16 -1.46
N THR A 109 11.73 2.14 -0.68
CA THR A 109 12.15 3.43 -1.21
C THR A 109 13.65 3.65 -1.01
N PRO A 110 14.46 2.94 -1.82
CA PRO A 110 15.93 3.06 -1.74
C PRO A 110 16.43 4.40 -2.24
N GLN A 111 17.74 4.54 -2.33
CA GLN A 111 18.36 5.78 -2.81
C GLN A 111 17.85 6.97 -1.99
N SER A 112 17.52 6.72 -0.73
CA SER A 112 17.02 7.77 0.15
C SER A 112 18.16 8.43 0.92
N GLN A 113 19.08 7.61 1.40
CA GLN A 113 20.22 8.09 2.17
C GLN A 113 21.12 8.97 1.30
N VAL A 114 21.35 8.53 0.06
CA VAL A 114 22.19 9.27 -0.86
C VAL A 114 21.60 10.64 -1.17
N ALA A 115 20.27 10.74 -1.09
CA ALA A 115 19.58 12.00 -1.35
C ALA A 115 19.84 13.01 -0.25
N GLU A 116 19.89 12.53 1.00
CA GLU A 116 20.13 13.39 2.15
C GLU A 116 21.60 13.79 2.23
N ASP A 117 22.48 12.87 1.84
CA ASP A 117 23.92 13.12 1.88
C ASP A 117 24.58 12.59 0.62
N THR A 22 13.34 -6.04 16.90
CA THR A 22 13.20 -4.62 17.18
C THR A 22 13.82 -3.78 16.07
N PRO A 23 13.14 -3.74 14.91
CA PRO A 23 13.58 -2.97 13.74
C PRO A 23 13.49 -1.47 13.97
N PRO A 24 14.65 -0.80 14.05
CA PRO A 24 14.72 0.65 14.26
C PRO A 24 14.25 1.43 13.04
N HIS A 25 13.94 2.71 13.26
CA HIS A 25 13.47 3.57 12.18
C HIS A 25 14.36 4.80 12.04
N THR A 26 14.79 5.08 10.81
CA THR A 26 15.65 6.22 10.54
C THR A 26 14.93 7.27 9.71
N GLU A 27 14.12 6.81 8.75
CA GLU A 27 13.37 7.72 7.90
C GLU A 27 11.89 7.36 7.88
N PRO A 28 11.05 8.34 7.54
CA PRO A 28 9.59 8.15 7.49
C PRO A 28 9.17 7.24 6.33
N SER A 29 7.86 7.11 6.13
CA SER A 29 7.33 6.28 5.06
C SER A 29 5.90 6.69 4.71
N GLN A 30 5.76 7.42 3.60
CA GLN A 30 4.46 7.88 3.16
C GLN A 30 3.87 6.91 2.14
N VAL A 31 4.37 5.68 2.14
CA VAL A 31 3.88 4.66 1.21
C VAL A 31 3.73 3.31 1.90
N VAL A 32 2.78 2.51 1.44
CA VAL A 32 2.53 1.20 2.01
C VAL A 32 2.51 0.12 0.94
N LEU A 33 3.09 -1.03 1.26
CA LEU A 33 3.15 -2.14 0.32
C LEU A 33 2.19 -3.26 0.73
N ILE A 34 1.25 -3.58 -0.15
CA ILE A 34 0.27 -4.62 0.13
C ILE A 34 0.49 -5.84 -0.77
N THR A 35 0.15 -7.02 -0.25
CA THR A 35 0.32 -8.26 -1.00
C THR A 35 -0.81 -9.24 -0.70
N ASN A 36 -0.69 -10.46 -1.22
CA ASN A 36 -1.69 -11.48 -1.01
C ASN A 36 -3.02 -11.10 -1.67
N ILE A 37 -2.95 -10.21 -2.65
CA ILE A 37 -4.14 -9.75 -3.37
C ILE A 37 -4.44 -10.64 -4.56
N ASN A 38 -5.71 -10.98 -4.73
CA ASN A 38 -6.14 -11.83 -5.84
C ASN A 38 -6.14 -11.05 -7.15
N PRO A 39 -5.35 -11.53 -8.12
CA PRO A 39 -5.24 -10.89 -9.44
C PRO A 39 -6.51 -11.04 -10.26
N GLU A 40 -7.44 -11.84 -9.76
CA GLU A 40 -8.70 -12.08 -10.46
C GLU A 40 -9.37 -10.75 -10.83
N VAL A 41 -9.10 -9.72 -10.04
CA VAL A 41 -9.67 -8.40 -10.30
C VAL A 41 -8.69 -7.52 -11.07
N PRO A 42 -9.20 -6.84 -12.11
CA PRO A 42 -8.39 -5.94 -12.95
C PRO A 42 -7.97 -4.69 -12.20
N LYS A 43 -6.74 -4.24 -12.46
CA LYS A 43 -6.21 -3.04 -11.83
C LYS A 43 -7.23 -1.91 -11.88
N GLU A 44 -7.98 -1.85 -12.97
CA GLU A 44 -9.00 -0.81 -13.14
C GLU A 44 -9.90 -0.71 -11.92
N LYS A 45 -10.51 -1.83 -11.55
CA LYS A 45 -11.39 -1.87 -10.39
C LYS A 45 -10.61 -2.06 -9.10
N LEU A 46 -9.62 -2.95 -9.14
CA LEU A 46 -8.79 -3.23 -7.98
C LEU A 46 -8.20 -1.94 -7.41
N GLN A 47 -7.63 -1.12 -8.28
CA GLN A 47 -7.04 0.15 -7.87
C GLN A 47 -8.10 1.08 -7.30
N ALA A 48 -9.20 1.24 -8.02
CA ALA A 48 -10.28 2.10 -7.58
C ALA A 48 -10.77 1.71 -6.19
N LEU A 49 -10.72 0.41 -5.89
CA LEU A 49 -11.16 -0.09 -4.60
C LEU A 49 -10.16 0.29 -3.50
N LEU A 50 -8.88 0.03 -3.77
CA LEU A 50 -7.83 0.34 -2.80
C LEU A 50 -7.88 1.81 -2.40
N TYR A 51 -8.37 2.65 -3.30
CA TYR A 51 -8.47 4.08 -3.03
C TYR A 51 -9.61 4.37 -2.07
N ALA A 52 -10.75 3.75 -2.30
CA ALA A 52 -11.92 3.93 -1.44
C ALA A 52 -11.56 3.72 0.03
N LEU A 53 -10.98 2.58 0.34
CA LEU A 53 -10.58 2.26 1.70
C LEU A 53 -9.51 3.21 2.20
N ALA A 54 -8.59 3.57 1.31
CA ALA A 54 -7.50 4.48 1.65
C ALA A 54 -8.05 5.84 2.10
N SER A 55 -8.89 6.43 1.25
CA SER A 55 -9.48 7.74 1.55
C SER A 55 -10.26 7.68 2.85
N SER A 56 -10.82 6.51 3.15
CA SER A 56 -11.62 6.33 4.37
C SER A 56 -10.78 6.62 5.61
N GLN A 57 -9.46 6.56 5.46
CA GLN A 57 -8.55 6.82 6.57
C GLN A 57 -7.72 8.07 6.31
N GLY A 58 -6.73 7.95 5.42
CA GLY A 58 -5.88 9.08 5.10
C GLY A 58 -5.94 9.46 3.64
N ASP A 59 -5.33 10.59 3.29
CA ASP A 59 -5.32 11.06 1.91
C ASP A 59 -4.34 10.25 1.06
N ILE A 60 -4.69 10.05 -0.21
CA ILE A 60 -3.84 9.29 -1.12
C ILE A 60 -3.18 10.20 -2.14
N LEU A 61 -1.88 10.01 -2.35
CA LEU A 61 -1.13 10.81 -3.30
C LEU A 61 -0.94 10.07 -4.62
N ASP A 62 -0.98 8.74 -4.56
CA ASP A 62 -0.81 7.91 -5.74
C ASP A 62 -0.88 6.43 -5.39
N ILE A 63 -1.79 5.71 -6.04
CA ILE A 63 -1.94 4.28 -5.79
C ILE A 63 -1.35 3.46 -6.94
N VAL A 64 -0.26 2.75 -6.64
CA VAL A 64 0.40 1.92 -7.63
C VAL A 64 -0.03 0.46 -7.51
N VAL A 65 -0.10 -0.22 -8.65
CA VAL A 65 -0.51 -1.63 -8.66
C VAL A 65 0.21 -2.38 -9.77
N ASP A 66 0.76 -3.55 -9.42
CA ASP A 66 1.47 -4.37 -10.39
C ASP A 66 0.55 -4.82 -11.52
N LEU A 67 0.98 -5.83 -12.27
CA LEU A 67 0.19 -6.35 -13.37
C LEU A 67 -0.71 -7.50 -12.92
N SER A 68 -0.94 -7.57 -11.61
CA SER A 68 -1.77 -8.62 -11.04
C SER A 68 -1.32 -9.99 -11.51
N ASP A 69 -0.11 -10.39 -11.09
CA ASP A 69 0.44 -11.68 -11.48
C ASP A 69 -0.22 -12.82 -10.70
N ASP A 70 -0.36 -13.97 -11.33
CA ASP A 70 -0.98 -15.12 -10.69
C ASP A 70 -0.02 -15.75 -9.67
N ASN A 71 1.22 -15.26 -9.65
CA ASN A 71 2.22 -15.78 -8.73
C ASN A 71 2.72 -14.67 -7.80
N SER A 72 2.33 -13.43 -8.10
CA SER A 72 2.74 -12.29 -7.29
C SER A 72 1.53 -11.59 -6.69
N GLY A 73 0.79 -10.88 -7.53
CA GLY A 73 -0.40 -10.17 -7.06
C GLY A 73 -0.09 -9.28 -5.87
N LYS A 74 0.28 -8.04 -6.14
CA LYS A 74 0.60 -7.08 -5.09
C LYS A 74 0.29 -5.66 -5.54
N ALA A 75 0.53 -4.70 -4.65
CA ALA A 75 0.29 -3.30 -4.96
C ALA A 75 0.89 -2.38 -3.88
N TYR A 76 0.79 -1.08 -4.10
CA TYR A 76 1.33 -0.10 -3.16
C TYR A 76 0.45 1.14 -3.11
N ILE A 77 0.05 1.52 -1.89
CA ILE A 77 -0.79 2.69 -1.71
C ILE A 77 -0.02 3.82 -1.05
N VAL A 78 0.21 4.90 -1.79
CA VAL A 78 0.94 6.05 -1.28
C VAL A 78 0.00 7.03 -0.58
N PHE A 79 0.31 7.35 0.67
CA PHE A 79 -0.51 8.27 1.45
C PHE A 79 0.20 9.62 1.62
N ALA A 80 -0.47 10.55 2.30
CA ALA A 80 0.10 11.87 2.53
C ALA A 80 1.35 11.80 3.39
N THR A 81 1.28 10.99 4.45
CA THR A 81 2.41 10.83 5.36
C THR A 81 2.24 9.58 6.22
N GLN A 82 3.32 9.19 6.89
CA GLN A 82 3.30 8.01 7.75
C GLN A 82 2.13 8.08 8.73
N GLU A 83 1.77 9.30 9.11
CA GLU A 83 0.67 9.50 10.05
C GLU A 83 -0.61 8.86 9.55
N SER A 84 -1.00 9.19 8.31
CA SER A 84 -2.21 8.63 7.72
C SER A 84 -2.01 7.16 7.33
N ALA A 85 -0.86 6.87 6.73
CA ALA A 85 -0.54 5.51 6.32
C ALA A 85 -0.69 4.53 7.47
N GLN A 86 0.00 4.82 8.58
CA GLN A 86 -0.07 3.96 9.75
C GLN A 86 -1.52 3.74 10.20
N ALA A 87 -2.32 4.80 10.09
CA ALA A 87 -3.72 4.73 10.48
C ALA A 87 -4.48 3.72 9.62
N PHE A 88 -4.31 3.83 8.31
CA PHE A 88 -4.98 2.93 7.38
C PHE A 88 -4.42 1.51 7.49
N VAL A 89 -3.11 1.42 7.71
CA VAL A 89 -2.46 0.12 7.83
C VAL A 89 -2.95 -0.63 9.07
N GLU A 90 -3.14 0.10 10.16
CA GLU A 90 -3.62 -0.50 11.40
C GLU A 90 -5.15 -0.63 11.39
N ALA A 91 -5.80 0.23 10.64
CA ALA A 91 -7.26 0.22 10.54
C ALA A 91 -7.74 -0.94 9.68
N PHE A 92 -6.84 -1.47 8.84
CA PHE A 92 -7.17 -2.59 7.97
C PHE A 92 -6.16 -3.71 8.11
N GLN A 93 -5.28 -3.59 9.10
CA GLN A 93 -4.26 -4.60 9.35
C GLN A 93 -4.87 -6.00 9.35
N GLY A 94 -6.11 -6.10 9.82
CA GLY A 94 -6.77 -7.39 9.86
C GLY A 94 -8.20 -7.32 9.36
N TYR A 95 -8.37 -6.92 8.10
CA TYR A 95 -9.69 -6.81 7.51
C TYR A 95 -9.78 -7.60 6.20
N PRO A 96 -10.89 -8.33 6.03
CA PRO A 96 -11.12 -9.14 4.83
C PRO A 96 -11.36 -8.29 3.59
N PHE A 97 -10.35 -8.21 2.72
CA PHE A 97 -10.45 -7.43 1.50
C PHE A 97 -9.96 -8.24 0.29
N GLN A 98 -10.57 -7.99 -0.86
CA GLN A 98 -10.20 -8.70 -2.08
C GLN A 98 -10.28 -10.21 -1.88
N GLY A 99 -11.13 -10.64 -0.96
CA GLY A 99 -11.27 -12.05 -0.68
C GLY A 99 -11.23 -12.37 0.80
N ASN A 100 -10.11 -12.06 1.43
CA ASN A 100 -9.95 -12.32 2.87
C ASN A 100 -8.55 -11.93 3.33
N PRO A 101 -7.53 -12.56 2.74
CA PRO A 101 -6.13 -12.30 3.07
C PRO A 101 -5.67 -10.91 2.62
N LEU A 102 -5.58 -9.98 3.56
CA LEU A 102 -5.16 -8.62 3.25
C LEU A 102 -4.03 -8.18 4.19
N VAL A 103 -2.89 -7.82 3.61
CA VAL A 103 -1.74 -7.39 4.39
C VAL A 103 -1.37 -5.94 4.06
N ILE A 104 -1.06 -5.16 5.09
CA ILE A 104 -0.69 -3.76 4.90
C ILE A 104 0.53 -3.40 5.75
N THR A 105 1.57 -2.89 5.08
CA THR A 105 2.79 -2.51 5.76
C THR A 105 3.43 -1.29 5.10
N PHE A 106 4.40 -0.69 5.79
CA PHE A 106 5.08 0.49 5.26
C PHE A 106 6.20 0.09 4.32
N SER A 107 6.70 1.06 3.55
CA SER A 107 7.77 0.81 2.59
C SER A 107 8.87 1.85 2.73
N GLU A 108 9.86 1.79 1.84
CA GLU A 108 10.97 2.72 1.86
C GLU A 108 10.72 3.89 0.92
N THR A 109 11.20 5.07 1.30
CA THR A 109 11.02 6.27 0.49
C THR A 109 12.32 7.07 0.38
N PRO A 110 13.30 6.48 -0.32
CA PRO A 110 14.61 7.12 -0.51
C PRO A 110 14.53 8.33 -1.44
N GLN A 111 15.66 9.00 -1.61
CA GLN A 111 15.73 10.18 -2.46
C GLN A 111 17.17 10.63 -2.68
N SER A 112 17.95 10.63 -1.61
CA SER A 112 19.35 11.04 -1.69
C SER A 112 20.13 10.10 -2.59
N GLN A 113 19.67 8.86 -2.71
CA GLN A 113 20.33 7.87 -3.56
C GLN A 113 20.54 8.41 -4.96
N VAL A 114 19.66 9.30 -5.40
CA VAL A 114 19.75 9.89 -6.73
C VAL A 114 21.15 10.47 -6.97
N ALA A 115 21.79 10.92 -5.89
CA ALA A 115 23.13 11.50 -5.99
C ALA A 115 24.16 10.43 -6.38
N GLU A 116 23.98 9.22 -5.86
CA GLU A 116 24.89 8.13 -6.16
C GLU A 116 24.77 7.69 -7.62
N ASP A 117 23.55 7.74 -8.14
CA ASP A 117 23.30 7.36 -9.53
C ASP A 117 22.09 8.10 -10.08
N THR A 22 15.68 -6.98 6.46
CA THR A 22 16.56 -5.90 6.87
C THR A 22 15.78 -4.64 7.21
N PRO A 23 15.03 -4.69 8.32
CA PRO A 23 14.23 -3.56 8.78
C PRO A 23 15.08 -2.40 9.29
N PRO A 24 15.07 -1.29 8.55
CA PRO A 24 15.84 -0.09 8.91
C PRO A 24 15.29 0.61 10.15
N HIS A 25 13.98 0.82 10.17
CA HIS A 25 13.33 1.47 11.30
C HIS A 25 13.85 2.90 11.47
N THR A 26 13.11 3.70 12.24
CA THR A 26 13.50 5.09 12.49
C THR A 26 13.62 5.86 11.18
N GLU A 27 12.83 5.46 10.19
CA GLU A 27 12.86 6.11 8.89
C GLU A 27 11.43 6.38 8.39
N PRO A 28 11.30 7.36 7.49
CA PRO A 28 9.99 7.72 6.92
C PRO A 28 9.45 6.65 5.98
N SER A 29 8.12 6.60 5.86
CA SER A 29 7.47 5.62 4.99
C SER A 29 6.15 6.16 4.46
N GLN A 30 6.21 6.82 3.31
CA GLN A 30 5.02 7.38 2.69
C GLN A 30 4.38 6.38 1.72
N VAL A 31 4.82 5.14 1.80
CA VAL A 31 4.29 4.09 0.94
C VAL A 31 4.04 2.80 1.72
N VAL A 32 3.00 2.07 1.33
CA VAL A 32 2.67 0.82 1.99
C VAL A 32 2.55 -0.33 0.99
N LEU A 33 3.02 -1.50 1.38
CA LEU A 33 2.97 -2.67 0.52
C LEU A 33 1.93 -3.67 1.01
N ILE A 34 1.00 -4.02 0.13
CA ILE A 34 -0.06 -4.97 0.46
C ILE A 34 0.07 -6.25 -0.35
N THR A 35 -0.40 -7.36 0.22
CA THR A 35 -0.35 -8.64 -0.46
C THR A 35 -1.58 -9.49 -0.13
N ASN A 36 -1.56 -10.74 -0.59
CA ASN A 36 -2.67 -11.65 -0.35
C ASN A 36 -3.94 -11.16 -1.05
N ILE A 37 -3.77 -10.59 -2.23
CA ILE A 37 -4.90 -10.09 -3.01
C ILE A 37 -5.18 -10.98 -4.21
N ASN A 38 -6.46 -11.29 -4.42
CA ASN A 38 -6.87 -12.13 -5.53
C ASN A 38 -6.79 -11.38 -6.86
N PRO A 39 -5.97 -11.89 -7.79
CA PRO A 39 -5.78 -11.28 -9.11
C PRO A 39 -7.03 -11.40 -9.98
N GLU A 40 -8.02 -12.14 -9.49
CA GLU A 40 -9.26 -12.34 -10.24
C GLU A 40 -9.84 -10.99 -10.67
N VAL A 41 -9.57 -9.95 -9.90
CA VAL A 41 -10.07 -8.62 -10.21
C VAL A 41 -9.05 -7.81 -11.01
N PRO A 42 -9.52 -7.15 -12.07
CA PRO A 42 -8.66 -6.35 -12.94
C PRO A 42 -8.17 -5.08 -12.25
N LYS A 43 -6.92 -4.72 -12.52
CA LYS A 43 -6.32 -3.53 -11.93
C LYS A 43 -7.26 -2.33 -12.05
N GLU A 44 -8.02 -2.28 -13.14
CA GLU A 44 -8.95 -1.20 -13.38
C GLU A 44 -9.84 -0.96 -12.15
N LYS A 45 -10.53 -2.02 -11.72
CA LYS A 45 -11.41 -1.93 -10.56
C LYS A 45 -10.62 -2.11 -9.27
N LEU A 46 -9.70 -3.08 -9.28
CA LEU A 46 -8.88 -3.36 -8.10
C LEU A 46 -8.21 -2.09 -7.59
N GLN A 47 -7.56 -1.36 -8.50
CA GLN A 47 -6.88 -0.13 -8.14
C GLN A 47 -7.86 0.91 -7.62
N ALA A 48 -8.95 1.11 -8.36
CA ALA A 48 -9.97 2.08 -7.96
C ALA A 48 -10.50 1.78 -6.56
N LEU A 49 -10.53 0.50 -6.22
CA LEU A 49 -11.02 0.08 -4.91
C LEU A 49 -10.02 0.45 -3.81
N LEU A 50 -8.76 0.07 -4.01
CA LEU A 50 -7.71 0.36 -3.05
C LEU A 50 -7.65 1.85 -2.74
N TYR A 51 -8.04 2.67 -3.70
CA TYR A 51 -8.04 4.12 -3.54
C TYR A 51 -9.18 4.57 -2.62
N ALA A 52 -10.36 4.01 -2.84
CA ALA A 52 -11.53 4.35 -2.04
C ALA A 52 -11.22 4.21 -0.55
N LEU A 53 -10.75 3.03 -0.15
CA LEU A 53 -10.41 2.76 1.24
C LEU A 53 -9.28 3.66 1.71
N ALA A 54 -8.31 3.90 0.83
CA ALA A 54 -7.17 4.74 1.15
C ALA A 54 -7.61 6.16 1.49
N SER A 55 -8.37 6.77 0.59
CA SER A 55 -8.85 8.13 0.80
C SER A 55 -9.68 8.22 2.07
N SER A 56 -10.35 7.13 2.42
CA SER A 56 -11.17 7.09 3.63
C SER A 56 -10.34 7.38 4.87
N GLN A 57 -9.03 7.20 4.75
CA GLN A 57 -8.12 7.44 5.86
C GLN A 57 -7.19 8.61 5.57
N GLY A 58 -6.26 8.40 4.65
CA GLY A 58 -5.31 9.45 4.28
C GLY A 58 -5.30 9.72 2.80
N ASP A 59 -4.63 10.79 2.40
CA ASP A 59 -4.54 11.17 0.99
C ASP A 59 -3.59 10.22 0.24
N ILE A 60 -3.91 9.95 -1.02
CA ILE A 60 -3.10 9.07 -1.84
C ILE A 60 -2.35 9.86 -2.90
N LEU A 61 -1.05 9.56 -3.04
CA LEU A 61 -0.22 10.24 -4.02
C LEU A 61 -0.07 9.40 -5.29
N ASP A 62 -0.20 8.09 -5.13
CA ASP A 62 -0.08 7.17 -6.27
C ASP A 62 -0.26 5.72 -5.82
N ILE A 63 -1.20 5.02 -6.44
CA ILE A 63 -1.47 3.63 -6.11
C ILE A 63 -0.90 2.69 -7.18
N VAL A 64 0.13 1.94 -6.81
CA VAL A 64 0.76 1.00 -7.73
C VAL A 64 0.18 -0.40 -7.57
N VAL A 65 0.07 -1.12 -8.67
CA VAL A 65 -0.47 -2.48 -8.65
C VAL A 65 0.29 -3.39 -9.59
N ASP A 66 0.68 -4.56 -9.09
CA ASP A 66 1.43 -5.52 -9.89
C ASP A 66 0.61 -5.99 -11.08
N LEU A 67 1.02 -7.11 -11.67
CA LEU A 67 0.33 -7.67 -12.83
C LEU A 67 -0.71 -8.70 -12.38
N SER A 68 -1.08 -8.65 -11.11
CA SER A 68 -2.06 -9.57 -10.56
C SER A 68 -1.69 -11.02 -10.89
N ASP A 69 -0.52 -11.45 -10.39
CA ASP A 69 -0.05 -12.80 -10.62
C ASP A 69 -0.80 -13.81 -9.74
N ASP A 70 -1.10 -14.96 -10.31
CA ASP A 70 -1.81 -16.01 -9.58
C ASP A 70 -0.93 -16.60 -8.48
N ASN A 71 0.35 -16.26 -8.51
CA ASN A 71 1.30 -16.76 -7.51
C ASN A 71 1.83 -15.62 -6.65
N SER A 72 1.52 -14.39 -7.05
CA SER A 72 1.98 -13.22 -6.32
C SER A 72 0.79 -12.40 -5.82
N GLY A 73 0.13 -11.72 -6.75
CA GLY A 73 -1.02 -10.89 -6.39
C GLY A 73 -0.72 -9.95 -5.25
N LYS A 74 -0.23 -8.75 -5.58
CA LYS A 74 0.09 -7.76 -4.57
C LYS A 74 -0.05 -6.35 -5.14
N ALA A 75 0.21 -5.34 -4.30
CA ALA A 75 0.11 -3.95 -4.73
C ALA A 75 0.77 -3.03 -3.71
N TYR A 76 0.78 -1.74 -4.01
CA TYR A 76 1.38 -0.74 -3.13
C TYR A 76 0.59 0.56 -3.16
N ILE A 77 0.21 1.04 -1.97
CA ILE A 77 -0.54 2.29 -1.86
C ILE A 77 0.31 3.39 -1.27
N VAL A 78 0.62 4.40 -2.08
CA VAL A 78 1.43 5.53 -1.64
C VAL A 78 0.56 6.62 -1.04
N PHE A 79 0.87 7.01 0.20
CA PHE A 79 0.12 8.05 0.89
C PHE A 79 0.94 9.32 1.01
N ALA A 80 0.33 10.37 1.55
CA ALA A 80 1.00 11.65 1.73
C ALA A 80 2.24 11.50 2.60
N THR A 81 2.08 10.79 3.72
CA THR A 81 3.19 10.58 4.64
C THR A 81 2.89 9.43 5.59
N GLN A 82 3.90 9.04 6.38
CA GLN A 82 3.74 7.94 7.32
C GLN A 82 2.55 8.18 8.24
N GLU A 83 2.22 9.45 8.47
CA GLU A 83 1.10 9.82 9.32
C GLU A 83 -0.21 9.22 8.79
N SER A 84 -0.49 9.47 7.52
CA SER A 84 -1.71 8.96 6.89
C SER A 84 -1.60 7.45 6.65
N ALA A 85 -0.47 7.03 6.08
CA ALA A 85 -0.24 5.63 5.79
C ALA A 85 -0.46 4.77 7.02
N GLN A 86 0.26 5.08 8.09
CA GLN A 86 0.14 4.33 9.34
C GLN A 86 -1.32 4.22 9.78
N ALA A 87 -2.06 5.31 9.60
CA ALA A 87 -3.47 5.34 9.97
C ALA A 87 -4.27 4.31 9.18
N PHE A 88 -4.12 4.34 7.86
CA PHE A 88 -4.84 3.40 6.99
C PHE A 88 -4.36 1.98 7.23
N VAL A 89 -3.09 1.84 7.61
CA VAL A 89 -2.51 0.53 7.86
C VAL A 89 -3.12 -0.11 9.11
N GLU A 90 -3.28 0.68 10.15
CA GLU A 90 -3.85 0.19 11.41
C GLU A 90 -5.38 0.19 11.34
N ALA A 91 -5.93 1.01 10.45
CA ALA A 91 -7.38 1.10 10.28
C ALA A 91 -7.92 -0.10 9.52
N PHE A 92 -7.04 -0.75 8.75
CA PHE A 92 -7.44 -1.91 7.97
C PHE A 92 -6.49 -3.09 8.22
N GLN A 93 -5.64 -2.94 9.22
CA GLN A 93 -4.67 -3.99 9.57
C GLN A 93 -5.36 -5.35 9.63
N GLY A 94 -6.62 -5.37 10.05
CA GLY A 94 -7.36 -6.61 10.16
C GLY A 94 -8.79 -6.48 9.67
N TYR A 95 -8.95 -6.11 8.41
CA TYR A 95 -10.27 -5.94 7.82
C TYR A 95 -10.44 -6.82 6.58
N PRO A 96 -11.61 -7.48 6.48
CA PRO A 96 -11.93 -8.35 5.35
C PRO A 96 -12.14 -7.58 4.06
N PHE A 97 -11.16 -7.67 3.15
CA PHE A 97 -11.25 -6.97 1.87
C PHE A 97 -10.74 -7.86 0.73
N GLN A 98 -11.41 -7.77 -0.42
CA GLN A 98 -11.03 -8.57 -1.57
C GLN A 98 -10.93 -10.05 -1.21
N GLY A 99 -11.71 -10.46 -0.22
CA GLY A 99 -11.70 -11.84 0.20
C GLY A 99 -11.79 -12.00 1.71
N ASN A 100 -10.70 -11.65 2.40
CA ASN A 100 -10.66 -11.75 3.85
C ASN A 100 -9.29 -11.35 4.39
N PRO A 101 -8.25 -12.08 3.94
CA PRO A 101 -6.87 -11.82 4.36
C PRO A 101 -6.32 -10.51 3.79
N LEU A 102 -6.28 -9.49 4.64
CA LEU A 102 -5.77 -8.18 4.22
C LEU A 102 -4.52 -7.81 4.99
N VAL A 103 -3.42 -7.58 4.26
CA VAL A 103 -2.16 -7.22 4.88
C VAL A 103 -1.73 -5.81 4.46
N ILE A 104 -1.37 -4.99 5.45
CA ILE A 104 -0.94 -3.62 5.18
C ILE A 104 0.28 -3.25 6.01
N THR A 105 1.37 -2.92 5.34
CA THR A 105 2.61 -2.55 6.02
C THR A 105 3.36 -1.47 5.25
N PHE A 106 4.38 -0.90 5.88
CA PHE A 106 5.18 0.14 5.26
C PHE A 106 6.28 -0.46 4.39
N SER A 107 6.85 0.35 3.51
CA SER A 107 7.91 -0.09 2.62
C SER A 107 9.12 0.84 2.69
N GLU A 108 10.12 0.57 1.86
CA GLU A 108 11.32 1.39 1.83
C GLU A 108 11.10 2.67 1.04
N THR A 109 11.60 3.78 1.57
CA THR A 109 11.46 5.07 0.92
C THR A 109 12.66 5.97 1.21
N PRO A 110 13.82 5.60 0.65
CA PRO A 110 15.06 6.36 0.84
C PRO A 110 15.03 7.70 0.11
N GLN A 111 16.07 8.50 0.32
CA GLN A 111 16.16 9.81 -0.32
C GLN A 111 17.62 10.18 -0.60
N SER A 112 18.44 9.17 -0.88
CA SER A 112 19.86 9.38 -1.16
C SER A 112 20.04 10.03 -2.53
N GLN A 113 19.09 9.80 -3.42
CA GLN A 113 19.14 10.36 -4.77
C GLN A 113 19.21 11.88 -4.72
N VAL A 114 18.58 12.47 -3.71
CA VAL A 114 18.56 13.92 -3.55
C VAL A 114 19.45 14.35 -2.39
N ALA A 115 20.44 13.52 -2.07
CA ALA A 115 21.36 13.82 -0.97
C ALA A 115 22.38 14.87 -1.39
N GLU A 116 22.80 14.82 -2.65
CA GLU A 116 23.78 15.77 -3.17
C GLU A 116 23.32 17.21 -2.93
N ASP A 117 22.03 17.46 -3.18
CA ASP A 117 21.47 18.78 -2.99
C ASP A 117 20.12 18.71 -2.30
#